data_8XCK
#
_entry.id   8XCK
#
_cell.length_a   1.00
_cell.length_b   1.00
_cell.length_c   1.00
_cell.angle_alpha   90.00
_cell.angle_beta   90.00
_cell.angle_gamma   90.00
#
_symmetry.space_group_name_H-M   'P 1'
#
loop_
_entity.id
_entity.type
_entity.pdbx_description
1 polymer 'Tip attachment protein J'
2 polymer 'Peptidyl-prolyl cis-trans isomerase A'
#
loop_
_entity_poly.entity_id
_entity_poly.type
_entity_poly.pdbx_seq_one_letter_code
_entity_poly.pdbx_strand_id
1 'polypeptide(L)'
;APAAPSRIELTPGYFQITATPHLAVYDPTVQFEFWFSEKQIADIRQVETSTRYLGTALYWIAASINIKPGHDYYFYIRSV
NTVGKSAFVEAVGRASDDAEGYLDFFKGKITESHLGKELLEKVELTEDNASRLEEFSKEWKDASDKWNAMWAVKIEQTKD
GKHYVAGIGLSMEDTEEGKLSQFLVAANRIAFIDPANGNETPMFVAQGNQIFMNDVFLKRLTAPTITSGGNPPAFSLTPD
GKLTAKNADISGSVNANSGTLSNVTIAENCTINGTLRAEKIVGDIVKAASAAFPRQRESSVDWPSGTRTVTVTDDHPFDR
QIVVLPLTFRGSKRTVSGRTTYSMCYLKVLMNGAVIYDGAANEAVQVFSRIVDMPAGRGNVILTFTLTSTRHSADIPPYT
FASDVQVMVIKKQALGISVV
;
J,Z,F
2 'polypeptide(L)'
;MFKSTLAAMAAVFALSALSPAAMAAKGDPHVLLTTSAGNIELELDKQKAPVSVQNFVDYVNSGFYNNTTFHRVIPGFMIQ
GGGFTEQMQQKKPNPPIKNEADNGLRNTRGTIAMARTADKDSATSQFFINVADNAFLDHGQRDFGYAVFGKVVKGMDVAD
KISQVPTHDVGPYQNVPSKPVVILSAKVLP
;
j,z,f
#
# COMPACT_ATOMS: atom_id res chain seq x y z
N GLY A 116 -89.51 -70.26 -21.37
CA GLY A 116 -88.61 -70.87 -20.34
C GLY A 116 -88.09 -69.83 -19.35
N LYS A 117 -87.60 -70.29 -18.19
CA LYS A 117 -87.04 -69.38 -17.14
C LYS A 117 -85.72 -68.78 -17.62
N GLU A 118 -84.95 -69.51 -18.43
CA GLU A 118 -83.56 -69.14 -18.81
C GLU A 118 -83.55 -67.91 -19.72
N LEU A 119 -84.71 -67.49 -20.27
CA LEU A 119 -84.78 -66.38 -21.26
C LEU A 119 -85.00 -65.03 -20.55
N LEU A 120 -85.11 -64.99 -19.22
CA LEU A 120 -85.50 -63.75 -18.50
C LEU A 120 -84.41 -63.24 -17.54
N GLU A 121 -83.29 -63.95 -17.37
CA GLU A 121 -82.20 -63.46 -16.46
C GLU A 121 -80.89 -63.26 -17.24
N LYS A 122 -80.40 -64.30 -17.91
CA LYS A 122 -79.05 -64.28 -18.53
C LYS A 122 -79.10 -63.61 -19.91
N VAL A 123 -80.28 -63.30 -20.43
CA VAL A 123 -80.39 -62.61 -21.76
C VAL A 123 -80.35 -61.10 -21.53
N GLU A 124 -80.78 -60.61 -20.36
CA GLU A 124 -80.67 -59.17 -20.00
C GLU A 124 -79.21 -58.86 -19.65
N LEU A 125 -78.39 -59.87 -19.39
CA LEU A 125 -76.93 -59.67 -19.12
C LEU A 125 -76.26 -59.06 -20.36
N THR A 126 -76.73 -59.39 -21.56
CA THR A 126 -76.13 -58.89 -22.82
C THR A 126 -76.37 -57.38 -22.95
N GLU A 127 -77.35 -56.84 -22.23
CA GLU A 127 -77.71 -55.41 -22.32
C GLU A 127 -77.02 -54.60 -21.21
N ASP A 128 -77.06 -55.08 -19.96
CA ASP A 128 -76.37 -54.40 -18.83
C ASP A 128 -74.85 -54.46 -19.08
N ASN A 129 -74.36 -55.57 -19.63
CA ASN A 129 -72.92 -55.68 -20.03
C ASN A 129 -72.60 -54.63 -21.09
N ALA A 130 -73.47 -54.43 -22.07
CA ALA A 130 -73.27 -53.42 -23.14
C ALA A 130 -73.27 -52.01 -22.53
N SER A 131 -74.16 -51.75 -21.57
CA SER A 131 -74.24 -50.43 -20.88
C SER A 131 -72.93 -50.18 -20.11
N ARG A 132 -72.45 -51.19 -19.39
CA ARG A 132 -71.17 -51.08 -18.62
C ARG A 132 -70.02 -50.87 -19.61
N LEU A 133 -70.04 -51.56 -20.76
CA LEU A 133 -68.98 -51.41 -21.79
C LEU A 133 -69.00 -49.98 -22.32
N GLU A 134 -70.17 -49.40 -22.56
CA GLU A 134 -70.31 -48.01 -23.06
C GLU A 134 -69.77 -47.04 -22.01
N GLU A 135 -70.10 -47.25 -20.73
CA GLU A 135 -69.60 -46.38 -19.63
C GLU A 135 -68.07 -46.46 -19.56
N PHE A 136 -67.52 -47.68 -19.65
CA PHE A 136 -66.04 -47.88 -19.63
C PHE A 136 -65.42 -47.24 -20.86
N SER A 137 -66.08 -47.32 -22.02
CA SER A 137 -65.60 -46.68 -23.27
C SER A 137 -65.53 -45.17 -23.06
N LYS A 138 -66.56 -44.57 -22.47
CA LYS A 138 -66.58 -43.11 -22.20
C LYS A 138 -65.45 -42.74 -21.23
N GLU A 139 -65.26 -43.50 -20.17
CA GLU A 139 -64.20 -43.21 -19.17
C GLU A 139 -62.83 -43.34 -19.84
N TRP A 140 -62.64 -44.39 -20.64
CA TRP A 140 -61.35 -44.64 -21.34
C TRP A 140 -61.07 -43.52 -22.34
N LYS A 141 -62.09 -43.07 -23.08
CA LYS A 141 -61.93 -41.95 -24.04
C LYS A 141 -61.56 -40.69 -23.26
N ASP A 142 -62.17 -40.46 -22.10
CA ASP A 142 -61.88 -39.25 -21.29
C ASP A 142 -60.44 -39.29 -20.79
N ALA A 143 -59.94 -40.47 -20.39
CA ALA A 143 -58.63 -40.60 -19.69
C ALA A 143 -57.48 -40.71 -20.71
N SER A 144 -57.68 -41.46 -21.81
CA SER A 144 -56.63 -41.68 -22.83
C SER A 144 -56.32 -40.38 -23.55
N ASP A 145 -57.35 -39.61 -23.89
CA ASP A 145 -57.15 -38.36 -24.66
C ASP A 145 -56.43 -37.34 -23.80
N LYS A 146 -56.42 -37.53 -22.48
CA LYS A 146 -55.68 -36.61 -21.57
C LYS A 146 -54.33 -37.20 -21.20
N TRP A 147 -54.13 -38.51 -21.30
CA TRP A 147 -52.79 -39.13 -21.13
C TRP A 147 -51.94 -38.79 -22.33
N ASN A 148 -52.51 -38.83 -23.53
CA ASN A 148 -51.72 -38.65 -24.78
C ASN A 148 -51.44 -37.16 -24.98
N ALA A 149 -52.16 -36.27 -24.30
CA ALA A 149 -51.92 -34.82 -24.39
C ALA A 149 -50.99 -34.32 -23.27
N MET A 150 -50.52 -35.21 -22.40
CA MET A 150 -49.82 -34.88 -21.14
C MET A 150 -48.34 -34.79 -21.43
N TRP A 151 -47.71 -33.69 -21.00
CA TRP A 151 -46.25 -33.50 -21.12
C TRP A 151 -45.69 -33.79 -19.76
N ALA A 152 -44.58 -34.48 -19.68
CA ALA A 152 -43.94 -34.80 -18.41
C ALA A 152 -42.47 -34.44 -18.47
N VAL A 153 -41.82 -34.51 -17.35
CA VAL A 153 -40.33 -34.56 -17.27
C VAL A 153 -39.92 -35.99 -17.54
N LYS A 154 -39.10 -36.21 -18.54
CA LYS A 154 -38.68 -37.54 -18.98
C LYS A 154 -37.48 -37.99 -18.21
N ILE A 155 -37.53 -39.23 -17.71
CA ILE A 155 -36.40 -39.85 -16.96
C ILE A 155 -35.66 -40.80 -17.89
N GLU A 156 -34.34 -40.68 -18.00
CA GLU A 156 -33.51 -41.59 -18.82
C GLU A 156 -32.52 -42.29 -17.92
N GLN A 157 -31.66 -43.11 -18.47
CA GLN A 157 -30.73 -43.97 -17.70
C GLN A 157 -29.32 -43.84 -18.26
N THR A 158 -28.34 -43.94 -17.39
CA THR A 158 -26.93 -44.19 -17.80
C THR A 158 -26.77 -45.69 -17.97
N LYS A 159 -25.61 -46.16 -18.43
CA LYS A 159 -25.38 -47.62 -18.50
C LYS A 159 -24.94 -48.12 -17.12
N ASP A 160 -25.58 -47.63 -16.05
CA ASP A 160 -25.29 -48.08 -14.65
C ASP A 160 -26.58 -48.22 -13.84
N GLY A 161 -27.71 -47.75 -14.36
CA GLY A 161 -29.01 -47.71 -13.66
C GLY A 161 -29.10 -46.51 -12.75
N LYS A 162 -28.95 -45.31 -13.29
CA LYS A 162 -28.88 -44.08 -12.47
C LYS A 162 -30.13 -43.21 -12.58
N HIS A 163 -30.86 -43.22 -13.69
CA HIS A 163 -32.21 -42.58 -13.75
C HIS A 163 -32.11 -41.10 -13.44
N TYR A 164 -31.64 -40.31 -14.36
CA TYR A 164 -31.57 -38.84 -14.24
C TYR A 164 -32.71 -38.22 -15.08
N VAL A 165 -32.93 -36.92 -14.92
CA VAL A 165 -33.87 -36.11 -15.70
C VAL A 165 -33.13 -35.70 -16.95
N ALA A 166 -33.65 -36.03 -18.12
CA ALA A 166 -32.99 -35.77 -19.41
C ALA A 166 -33.77 -34.70 -20.16
N GLY A 167 -34.97 -34.32 -19.80
CA GLY A 167 -35.60 -33.21 -20.51
C GLY A 167 -37.08 -33.27 -20.36
N ILE A 168 -37.80 -32.68 -21.29
CA ILE A 168 -39.28 -32.61 -21.17
C ILE A 168 -39.84 -33.26 -22.43
N GLY A 169 -40.81 -34.14 -22.31
CA GLY A 169 -41.42 -34.73 -23.51
C GLY A 169 -42.79 -35.27 -23.25
N LEU A 170 -43.50 -35.67 -24.30
CA LEU A 170 -44.85 -36.29 -24.16
C LEU A 170 -44.73 -37.54 -23.32
N SER A 171 -45.64 -37.69 -22.37
CA SER A 171 -45.60 -38.77 -21.37
C SER A 171 -45.74 -40.13 -22.05
N MET A 172 -46.65 -40.26 -23.02
CA MET A 172 -46.94 -41.56 -23.67
C MET A 172 -46.16 -41.59 -24.99
N GLU A 173 -44.83 -41.54 -24.90
CA GLU A 173 -43.95 -41.60 -26.08
C GLU A 173 -42.62 -42.22 -25.66
N ASP A 174 -41.63 -42.27 -26.56
CA ASP A 174 -40.30 -42.87 -26.25
C ASP A 174 -39.17 -41.90 -26.57
N THR A 175 -39.23 -41.19 -27.70
CA THR A 175 -38.10 -40.35 -28.21
C THR A 175 -36.85 -41.22 -28.40
N GLU A 176 -35.66 -40.63 -28.45
CA GLU A 176 -34.38 -41.38 -28.56
C GLU A 176 -33.32 -40.75 -27.63
N GLU A 177 -33.75 -40.10 -26.55
CA GLU A 177 -32.90 -39.23 -25.68
C GLU A 177 -32.52 -37.96 -26.46
N GLY A 178 -32.80 -37.94 -27.77
CA GLY A 178 -32.68 -36.77 -28.66
C GLY A 178 -34.04 -36.17 -28.98
N LYS A 179 -34.05 -34.94 -29.49
CA LYS A 179 -35.29 -34.19 -29.83
C LYS A 179 -36.17 -33.97 -28.59
N LEU A 180 -35.71 -34.43 -27.41
CA LEU A 180 -36.32 -34.04 -26.11
C LEU A 180 -36.19 -32.54 -25.94
N SER A 181 -37.26 -31.87 -25.58
CA SER A 181 -37.31 -30.39 -25.68
C SER A 181 -36.75 -29.78 -24.41
N GLN A 182 -35.63 -30.31 -23.88
CA GLN A 182 -34.79 -29.60 -22.85
C GLN A 182 -35.54 -29.47 -21.54
N PHE A 183 -34.83 -29.37 -20.43
CA PHE A 183 -35.50 -29.26 -19.12
C PHE A 183 -35.51 -27.78 -18.74
N LEU A 184 -36.49 -27.04 -19.23
CA LEU A 184 -36.63 -25.60 -18.90
C LEU A 184 -37.51 -25.48 -17.68
N VAL A 185 -37.10 -24.64 -16.74
CA VAL A 185 -37.80 -24.33 -15.48
C VAL A 185 -38.02 -22.84 -15.56
N ALA A 186 -39.08 -22.34 -14.99
CA ALA A 186 -39.46 -20.92 -15.13
C ALA A 186 -38.77 -20.02 -14.08
N ALA A 187 -37.65 -20.35 -13.47
CA ALA A 187 -36.79 -19.31 -12.81
C ALA A 187 -37.45 -18.67 -11.59
N ASN A 188 -38.50 -17.91 -11.78
CA ASN A 188 -39.28 -17.37 -10.65
C ASN A 188 -40.16 -18.43 -9.97
N ARG A 189 -40.19 -19.69 -10.41
CA ARG A 189 -41.09 -20.70 -9.83
C ARG A 189 -40.29 -21.72 -9.04
N ILE A 190 -38.98 -21.79 -9.21
CA ILE A 190 -38.15 -22.80 -8.52
C ILE A 190 -37.74 -22.24 -7.15
N ALA A 191 -37.90 -23.00 -6.08
CA ALA A 191 -37.38 -22.71 -4.74
C ALA A 191 -36.93 -23.99 -4.07
N PHE A 192 -36.14 -23.89 -3.01
CA PHE A 192 -35.61 -25.05 -2.29
C PHE A 192 -36.19 -25.04 -0.90
N ILE A 193 -36.57 -26.20 -0.41
CA ILE A 193 -37.18 -26.37 0.91
C ILE A 193 -36.29 -27.27 1.76
N ASP A 194 -36.32 -27.06 3.07
CA ASP A 194 -35.93 -28.10 4.04
C ASP A 194 -37.20 -28.87 4.41
N PRO A 195 -37.31 -30.19 4.07
CA PRO A 195 -38.54 -30.91 4.36
C PRO A 195 -38.65 -31.37 5.83
N ALA A 196 -38.16 -30.56 6.78
CA ALA A 196 -38.24 -30.80 8.22
C ALA A 196 -38.98 -29.64 8.91
N ASN A 197 -38.63 -28.39 8.59
CA ASN A 197 -39.32 -27.19 9.14
C ASN A 197 -40.26 -26.57 8.10
N GLY A 198 -39.99 -26.79 6.81
CA GLY A 198 -40.81 -26.27 5.70
C GLY A 198 -40.36 -24.89 5.23
N ASN A 199 -39.15 -24.45 5.59
CA ASN A 199 -38.61 -23.14 5.15
C ASN A 199 -38.36 -23.18 3.64
N GLU A 200 -38.92 -22.21 2.94
CA GLU A 200 -38.89 -22.11 1.47
C GLU A 200 -37.87 -21.05 1.11
N THR A 201 -36.92 -21.36 0.26
CA THR A 201 -35.89 -20.40 -0.16
C THR A 201 -35.88 -20.28 -1.67
N PRO A 202 -36.31 -19.16 -2.26
CA PRO A 202 -36.28 -19.03 -3.72
C PRO A 202 -34.85 -19.14 -4.28
N MET A 203 -34.74 -19.73 -5.46
CA MET A 203 -33.44 -19.84 -6.14
C MET A 203 -32.94 -18.52 -6.72
N PHE A 204 -33.80 -17.64 -7.20
CA PHE A 204 -33.43 -16.43 -7.94
C PHE A 204 -34.14 -15.27 -7.30
N VAL A 205 -33.51 -14.12 -7.34
CA VAL A 205 -34.11 -12.84 -6.91
C VAL A 205 -34.09 -11.91 -8.10
N ALA A 206 -35.22 -11.26 -8.37
CA ALA A 206 -35.36 -10.31 -9.48
C ALA A 206 -34.76 -8.97 -9.05
N GLN A 207 -33.93 -8.38 -9.91
CA GLN A 207 -33.43 -6.99 -9.77
C GLN A 207 -33.62 -6.26 -11.09
N GLY A 208 -34.79 -5.65 -11.30
CA GLY A 208 -35.09 -4.82 -12.49
C GLY A 208 -34.75 -5.54 -13.78
N ASN A 209 -35.53 -6.57 -14.11
CA ASN A 209 -35.39 -7.36 -15.37
C ASN A 209 -34.05 -8.08 -15.41
N GLN A 210 -33.33 -8.18 -14.29
CA GLN A 210 -32.17 -9.11 -14.20
C GLN A 210 -32.44 -10.07 -13.04
N ILE A 211 -32.20 -11.35 -13.31
CA ILE A 211 -32.40 -12.47 -12.36
C ILE A 211 -31.01 -12.86 -11.83
N PHE A 212 -30.83 -12.80 -10.52
CA PHE A 212 -29.60 -13.26 -9.84
C PHE A 212 -29.94 -14.43 -8.95
N MET A 213 -28.98 -15.28 -8.69
CA MET A 213 -29.06 -16.29 -7.61
C MET A 213 -29.26 -15.68 -6.22
N ASN A 214 -29.89 -16.42 -5.33
CA ASN A 214 -30.47 -15.92 -4.07
C ASN A 214 -29.39 -15.45 -3.12
N ASP A 215 -28.14 -15.86 -3.28
CA ASP A 215 -27.02 -15.26 -2.50
C ASP A 215 -27.08 -15.53 -1.02
N VAL A 216 -28.14 -16.10 -0.48
CA VAL A 216 -28.12 -16.75 0.84
C VAL A 216 -27.37 -18.07 0.70
N PHE A 217 -27.32 -18.69 -0.47
CA PHE A 217 -26.27 -19.71 -0.81
C PHE A 217 -25.06 -18.90 -1.24
N LEU A 218 -24.10 -19.43 -1.93
CA LEU A 218 -23.04 -18.49 -2.44
C LEU A 218 -22.26 -17.92 -1.26
N LYS A 219 -21.96 -18.73 -0.27
CA LYS A 219 -21.21 -18.36 0.93
C LYS A 219 -19.80 -18.92 0.87
N ARG A 220 -19.38 -19.61 -0.17
CA ARG A 220 -18.02 -20.23 -0.18
C ARG A 220 -17.47 -20.30 -1.60
N LEU A 221 -16.44 -19.56 -1.94
CA LEU A 221 -15.77 -19.71 -3.24
C LEU A 221 -14.35 -20.16 -3.00
N THR A 222 -13.93 -21.23 -3.64
CA THR A 222 -12.53 -21.69 -3.54
C THR A 222 -11.89 -21.66 -4.93
N ALA A 223 -10.80 -20.92 -5.07
CA ALA A 223 -9.97 -20.70 -6.26
C ALA A 223 -10.83 -20.28 -7.43
N PRO A 224 -11.75 -19.30 -7.29
CA PRO A 224 -12.42 -18.75 -8.46
C PRO A 224 -11.55 -17.73 -9.20
N THR A 225 -11.89 -17.49 -10.44
CA THR A 225 -11.44 -16.32 -11.21
C THR A 225 -12.54 -15.30 -11.14
N ILE A 226 -12.24 -14.11 -10.64
CA ILE A 226 -13.20 -12.96 -10.59
C ILE A 226 -12.61 -11.83 -11.41
N THR A 227 -13.42 -11.22 -12.28
CA THR A 227 -13.04 -10.02 -13.08
C THR A 227 -14.12 -8.98 -12.92
N SER A 228 -13.81 -7.69 -12.95
CA SER A 228 -14.80 -6.63 -12.76
C SER A 228 -15.39 -6.25 -14.12
N GLY A 229 -16.18 -5.19 -14.16
CA GLY A 229 -16.88 -4.72 -15.35
C GLY A 229 -16.01 -4.32 -16.51
N GLY A 230 -15.29 -3.19 -16.46
CA GLY A 230 -14.91 -2.48 -17.71
C GLY A 230 -14.08 -3.36 -18.63
N ASN A 231 -13.73 -2.96 -19.82
CA ASN A 231 -13.10 -4.01 -20.66
C ASN A 231 -11.72 -3.62 -21.18
N PRO A 232 -10.87 -2.88 -20.47
CA PRO A 232 -9.77 -3.47 -19.66
C PRO A 232 -10.28 -3.46 -18.21
N PRO A 233 -10.33 -4.60 -17.51
CA PRO A 233 -10.88 -4.63 -16.15
C PRO A 233 -9.98 -3.87 -15.13
N ALA A 234 -10.57 -3.15 -14.20
CA ALA A 234 -9.85 -2.62 -13.02
C ALA A 234 -9.57 -3.70 -11.97
N PHE A 235 -10.47 -4.64 -11.71
CA PHE A 235 -10.25 -5.65 -10.65
C PHE A 235 -10.06 -6.99 -11.31
N SER A 236 -9.21 -7.85 -10.79
CA SER A 236 -9.01 -9.22 -11.29
C SER A 236 -8.47 -10.12 -10.18
N LEU A 237 -9.04 -11.28 -9.99
CA LEU A 237 -8.59 -12.30 -9.03
C LEU A 237 -8.38 -13.57 -9.82
N THR A 238 -7.17 -14.04 -9.84
CA THR A 238 -6.74 -15.23 -10.63
C THR A 238 -6.92 -16.44 -9.74
N PRO A 239 -7.30 -17.61 -10.26
CA PRO A 239 -7.52 -18.79 -9.42
C PRO A 239 -6.33 -19.27 -8.59
N ASP A 240 -5.12 -18.92 -9.02
CA ASP A 240 -3.90 -19.22 -8.24
C ASP A 240 -3.58 -18.16 -7.21
N GLY A 241 -4.31 -17.04 -7.19
CA GLY A 241 -4.40 -16.15 -6.02
C GLY A 241 -3.72 -14.82 -6.25
N LYS A 242 -3.26 -14.56 -7.48
CA LYS A 242 -2.77 -13.23 -7.91
C LYS A 242 -3.97 -12.27 -7.90
N LEU A 243 -3.87 -11.17 -7.18
CA LEU A 243 -4.92 -10.16 -7.06
C LEU A 243 -4.46 -8.89 -7.77
N THR A 244 -5.33 -8.29 -8.57
CA THR A 244 -5.07 -6.99 -9.18
C THR A 244 -6.23 -6.08 -8.89
N ALA A 245 -5.97 -4.91 -8.32
CA ALA A 245 -7.03 -4.02 -7.90
C ALA A 245 -7.03 -2.76 -8.78
N LYS A 246 -6.01 -1.95 -8.76
CA LYS A 246 -5.93 -0.84 -9.76
C LYS A 246 -6.96 0.23 -9.59
N ASN A 247 -7.86 0.15 -8.67
CA ASN A 247 -8.82 1.23 -8.36
C ASN A 247 -9.26 1.06 -6.90
N ALA A 248 -8.33 0.66 -6.05
CA ALA A 248 -8.56 0.23 -4.67
C ALA A 248 -8.57 1.44 -3.73
N ASP A 249 -8.99 1.17 -2.49
CA ASP A 249 -8.87 1.98 -1.25
C ASP A 249 -8.57 1.00 -0.14
N ILE A 250 -7.31 0.80 0.19
CA ILE A 250 -6.88 -0.18 1.21
C ILE A 250 -6.61 0.55 2.55
N SER A 251 -6.77 -0.16 3.68
CA SER A 251 -6.27 0.16 5.04
C SER A 251 -5.70 -1.09 5.74
N GLY A 252 -4.53 -0.98 6.39
CA GLY A 252 -3.93 -1.92 7.36
C GLY A 252 -2.80 -2.72 6.76
N SER A 253 -1.57 -2.71 7.26
CA SER A 253 -0.56 -3.80 7.05
C SER A 253 -0.26 -3.97 5.56
N VAL A 254 0.44 -3.05 4.96
CA VAL A 254 0.95 -3.16 3.56
C VAL A 254 2.40 -3.60 3.58
N ASN A 255 2.81 -4.62 2.86
CA ASN A 255 4.26 -4.93 2.67
C ASN A 255 4.61 -4.87 1.19
N ALA A 256 4.87 -3.66 0.67
CA ALA A 256 5.26 -3.43 -0.75
C ALA A 256 6.64 -4.02 -1.06
N ASN A 257 6.79 -4.66 -2.20
CA ASN A 257 8.08 -5.15 -2.72
C ASN A 257 8.52 -4.27 -3.87
N SER A 258 7.64 -3.39 -4.35
CA SER A 258 7.88 -2.50 -5.52
C SER A 258 6.73 -1.51 -5.63
N GLY A 259 6.79 -0.60 -6.60
CA GLY A 259 5.76 0.44 -6.75
C GLY A 259 6.29 1.83 -6.43
N THR A 260 5.39 2.73 -6.05
CA THR A 260 5.62 4.19 -6.00
C THR A 260 4.51 4.82 -5.17
N LEU A 261 4.88 5.65 -4.21
CA LEU A 261 3.92 6.52 -3.47
C LEU A 261 3.84 7.86 -4.19
N SER A 262 2.69 8.53 -4.24
CA SER A 262 2.52 9.80 -5.00
C SER A 262 2.12 10.94 -4.07
N ASN A 263 1.07 10.86 -3.29
CA ASN A 263 0.70 12.02 -2.43
C ASN A 263 0.48 11.56 -1.00
N VAL A 264 1.40 10.75 -0.50
CA VAL A 264 1.21 10.00 0.77
C VAL A 264 1.86 10.80 1.88
N THR A 265 1.15 10.99 2.97
CA THR A 265 1.70 11.60 4.20
C THR A 265 2.38 10.50 5.00
N ILE A 266 3.71 10.48 5.02
CA ILE A 266 4.48 9.52 5.84
C ILE A 266 4.53 10.06 7.27
N ALA A 267 4.12 9.26 8.25
CA ALA A 267 3.96 9.70 9.65
C ALA A 267 5.33 9.78 10.35
N GLU A 268 5.32 10.33 11.57
CA GLU A 268 6.53 10.55 12.41
C GLU A 268 7.06 9.20 12.85
N ASN A 269 6.19 8.26 13.20
CA ASN A 269 6.61 6.94 13.72
C ASN A 269 6.93 5.96 12.57
N CYS A 270 7.12 6.44 11.34
CA CYS A 270 7.60 5.61 10.22
C CYS A 270 9.13 5.66 10.16
N THR A 271 9.80 4.53 10.36
CA THR A 271 11.27 4.39 10.23
C THR A 271 11.69 4.68 8.79
N ILE A 272 12.65 5.58 8.59
CA ILE A 272 13.03 5.99 7.21
C ILE A 272 14.48 5.59 6.97
N ASN A 273 14.89 4.42 7.45
CA ASN A 273 16.16 3.75 7.04
C ASN A 273 16.44 4.01 5.56
N GLY A 274 17.66 4.44 5.23
CA GLY A 274 18.00 4.93 3.89
C GLY A 274 18.61 6.32 3.95
N THR A 275 19.20 6.77 2.85
CA THR A 275 19.96 8.05 2.81
C THR A 275 19.16 9.11 2.05
N LEU A 276 19.52 10.37 2.26
CA LEU A 276 19.03 11.53 1.49
C LEU A 276 20.23 12.36 1.03
N ARG A 277 20.07 13.16 -0.02
CA ARG A 277 21.16 14.04 -0.52
C ARG A 277 21.38 15.20 0.44
N ALA A 278 22.57 15.81 0.39
CA ALA A 278 22.88 17.06 1.11
C ALA A 278 21.95 18.17 0.61
N GLU A 279 21.74 18.27 -0.70
CA GLU A 279 20.68 19.12 -1.27
C GLU A 279 19.36 18.44 -0.92
N LYS A 280 18.22 18.96 -1.34
CA LYS A 280 16.94 18.37 -0.89
C LYS A 280 16.83 18.53 0.65
N ILE A 281 17.53 19.50 1.23
CA ILE A 281 17.32 19.94 2.64
C ILE A 281 16.95 21.41 2.57
N VAL A 282 15.78 21.77 3.10
CA VAL A 282 15.20 23.11 2.85
C VAL A 282 16.07 24.16 3.54
N GLY A 283 16.45 23.92 4.80
CA GLY A 283 17.26 24.88 5.57
C GLY A 283 18.72 24.93 5.12
N ASP A 284 19.48 25.88 5.66
CA ASP A 284 20.89 26.15 5.24
C ASP A 284 21.88 25.46 6.18
N ILE A 285 21.62 25.38 7.48
CA ILE A 285 22.56 24.70 8.41
C ILE A 285 23.87 25.47 8.55
N VAL A 286 24.48 25.93 7.48
CA VAL A 286 25.69 26.78 7.52
C VAL A 286 25.74 27.62 6.25
N LYS A 287 26.08 28.90 6.34
CA LYS A 287 26.39 29.74 5.16
C LYS A 287 27.55 30.63 5.55
N ALA A 288 28.26 31.17 4.59
CA ALA A 288 29.45 31.97 4.82
C ALA A 288 29.40 33.15 3.88
N ALA A 289 30.04 34.25 4.23
CA ALA A 289 30.15 35.41 3.35
C ALA A 289 31.33 36.23 3.83
N SER A 290 31.88 37.07 2.98
CA SER A 290 33.19 37.68 3.24
C SER A 290 33.33 38.90 2.34
N ALA A 291 34.13 39.85 2.79
CA ALA A 291 34.41 41.08 2.06
C ALA A 291 35.62 41.75 2.67
N ALA A 292 36.42 42.43 1.87
CA ALA A 292 37.53 43.26 2.39
C ALA A 292 37.08 44.72 2.51
N PHE A 293 37.63 45.45 3.46
CA PHE A 293 37.32 46.89 3.64
C PHE A 293 37.78 47.64 2.38
N PRO A 294 36.96 48.57 1.84
CA PRO A 294 37.44 49.63 0.95
C PRO A 294 38.83 50.14 1.27
N ARG A 295 39.65 50.27 0.23
CA ARG A 295 41.02 50.79 0.35
C ARG A 295 41.06 52.22 -0.21
N GLN A 296 41.35 53.21 0.63
CA GLN A 296 41.64 54.59 0.19
C GLN A 296 43.15 54.74 0.02
N ARG A 297 43.58 55.23 -1.15
CA ARG A 297 45.01 55.33 -1.48
C ARG A 297 45.36 56.75 -1.89
N GLU A 298 46.60 57.14 -1.61
CA GLU A 298 47.22 58.38 -2.14
C GLU A 298 48.68 58.07 -2.48
N SER A 299 49.21 58.76 -3.50
CA SER A 299 50.56 58.51 -4.04
C SER A 299 50.67 57.03 -4.45
N SER A 300 51.34 56.21 -3.63
CA SER A 300 51.57 54.78 -3.91
C SER A 300 51.29 53.92 -2.67
N VAL A 301 50.59 54.47 -1.67
CA VAL A 301 50.30 53.74 -0.41
C VAL A 301 48.78 53.70 -0.22
N ASP A 302 48.25 52.51 0.07
CA ASP A 302 46.81 52.31 0.32
C ASP A 302 46.62 51.82 1.75
N TRP A 303 45.54 52.23 2.37
CA TRP A 303 45.16 51.81 3.73
C TRP A 303 43.67 51.50 3.73
N PRO A 304 43.20 50.62 4.63
CA PRO A 304 41.79 50.25 4.65
C PRO A 304 40.98 51.32 5.37
N SER A 305 39.85 51.67 4.77
CA SER A 305 38.94 52.68 5.34
C SER A 305 37.61 52.61 4.60
N GLY A 306 36.52 52.51 5.34
CA GLY A 306 35.20 52.38 4.71
C GLY A 306 34.27 51.59 5.58
N THR A 307 33.17 51.18 5.01
CA THR A 307 32.11 50.46 5.74
C THR A 307 31.76 49.19 4.98
N ARG A 308 31.68 48.07 5.68
CA ARG A 308 31.17 46.81 5.13
C ARG A 308 29.94 46.44 5.93
N THR A 309 28.86 46.16 5.22
CA THR A 309 27.55 45.92 5.84
C THR A 309 27.17 44.48 5.56
N VAL A 310 26.88 43.71 6.60
CA VAL A 310 26.56 42.27 6.45
C VAL A 310 25.12 42.13 6.89
N THR A 311 24.24 41.76 5.97
CA THR A 311 22.80 41.69 6.25
C THR A 311 22.39 40.24 6.13
N VAL A 312 21.73 39.72 7.14
CA VAL A 312 21.20 38.33 7.10
C VAL A 312 19.69 38.43 7.02
N THR A 313 19.10 37.87 5.97
CA THR A 313 17.65 37.85 5.80
C THR A 313 17.04 36.85 6.78
N ASP A 314 15.97 37.26 7.46
CA ASP A 314 15.28 36.39 8.44
C ASP A 314 14.30 35.52 7.67
N ASP A 315 14.79 34.44 7.06
CA ASP A 315 13.97 33.57 6.17
C ASP A 315 14.09 32.11 6.60
N HIS A 316 14.27 31.85 7.89
CA HIS A 316 14.43 30.47 8.41
C HIS A 316 13.50 30.28 9.59
N PRO A 317 12.96 29.06 9.76
CA PRO A 317 12.12 28.77 10.92
C PRO A 317 12.87 28.59 12.26
N PHE A 318 14.19 28.37 12.25
CA PHE A 318 14.94 28.02 13.49
C PHE A 318 15.91 29.15 13.85
N ASP A 319 16.36 29.13 15.10
CA ASP A 319 17.40 30.08 15.59
C ASP A 319 18.73 29.81 14.88
N ARG A 320 19.51 30.88 14.73
CA ARG A 320 20.81 30.87 14.03
C ARG A 320 21.77 31.73 14.82
N GLN A 321 23.06 31.50 14.61
CA GLN A 321 24.11 32.36 15.20
C GLN A 321 24.96 32.88 14.05
N ILE A 322 25.29 34.14 14.09
CA ILE A 322 26.20 34.79 13.11
C ILE A 322 27.57 34.79 13.76
N VAL A 323 28.38 33.79 13.44
CA VAL A 323 29.77 33.66 13.94
C VAL A 323 30.65 34.58 13.12
N VAL A 324 31.19 35.60 13.69
CA VAL A 324 32.10 36.52 13.00
C VAL A 324 33.50 36.01 13.27
N LEU A 325 34.17 35.47 12.27
CA LEU A 325 35.49 34.85 12.47
C LEU A 325 36.45 35.96 12.86
N PRO A 326 37.58 35.69 13.52
CA PRO A 326 38.35 36.79 14.09
C PRO A 326 38.73 37.87 13.08
N LEU A 327 38.61 39.15 13.43
CA LEU A 327 38.97 40.29 12.54
C LEU A 327 40.12 41.03 13.17
N THR A 328 41.30 40.90 12.63
CA THR A 328 42.51 41.54 13.21
C THR A 328 42.69 42.90 12.55
N PHE A 329 42.86 43.95 13.33
CA PHE A 329 43.21 45.28 12.77
C PHE A 329 44.25 45.93 13.66
N ARG A 330 45.10 46.73 13.06
CA ARG A 330 46.20 47.39 13.80
C ARG A 330 46.52 48.71 13.11
N GLY A 331 47.26 49.57 13.79
CA GLY A 331 47.79 50.81 13.23
C GLY A 331 49.27 50.68 13.00
N SER A 332 50.03 51.75 13.23
CA SER A 332 51.50 51.73 13.11
C SER A 332 52.09 52.87 13.94
N LYS A 333 53.39 52.78 14.19
CA LYS A 333 54.14 53.82 14.93
C LYS A 333 55.40 54.12 14.15
N ARG A 334 55.69 55.42 13.97
CA ARG A 334 56.92 55.89 13.29
C ARG A 334 57.63 56.87 14.22
N THR A 335 58.94 56.69 14.35
CA THR A 335 59.81 57.58 15.15
C THR A 335 60.80 58.26 14.22
N VAL A 336 60.64 59.57 14.03
CA VAL A 336 61.53 60.39 13.16
C VAL A 336 62.05 61.57 13.98
N SER A 337 63.37 61.72 14.05
CA SER A 337 64.05 62.82 14.79
C SER A 337 63.57 62.84 16.25
N GLY A 338 63.34 61.65 16.83
CA GLY A 338 62.89 61.49 18.22
C GLY A 338 61.41 61.81 18.41
N ARG A 339 60.67 62.09 17.34
CA ARG A 339 59.21 62.36 17.42
C ARG A 339 58.47 61.08 16.99
N THR A 340 57.58 60.60 17.86
CA THR A 340 56.78 59.38 17.60
C THR A 340 55.41 59.80 17.06
N THR A 341 55.07 59.33 15.86
CA THR A 341 53.74 59.55 15.25
C THR A 341 52.97 58.23 15.23
N TYR A 342 51.77 58.24 15.79
CA TYR A 342 50.87 57.06 15.84
C TYR A 342 49.86 57.17 14.71
N SER A 343 49.77 56.12 13.90
CA SER A 343 48.71 55.93 12.89
C SER A 343 47.62 55.08 13.52
N MET A 344 46.50 55.68 13.89
CA MET A 344 45.43 54.95 14.62
C MET A 344 44.57 54.14 13.64
N CYS A 345 43.96 53.07 14.16
CA CYS A 345 42.93 52.28 13.45
C CYS A 345 41.73 52.11 14.37
N TYR A 346 40.54 52.40 13.88
CA TYR A 346 39.29 52.33 14.67
C TYR A 346 38.32 51.42 13.93
N LEU A 347 37.84 50.40 14.60
CA LEU A 347 36.87 49.43 14.05
C LEU A 347 35.66 49.57 14.93
N LYS A 348 34.50 49.75 14.31
CA LYS A 348 33.26 49.98 15.04
C LYS A 348 32.18 49.10 14.43
N VAL A 349 31.57 48.25 15.23
CA VAL A 349 30.60 47.26 14.70
C VAL A 349 29.25 47.65 15.25
N LEU A 350 28.25 47.76 14.39
CA LEU A 350 26.86 48.10 14.77
C LEU A 350 25.97 46.90 14.48
N MET A 351 25.16 46.48 15.43
CA MET A 351 24.14 45.43 15.21
C MET A 351 22.79 46.13 15.23
N ASN A 352 22.17 46.30 14.05
CA ASN A 352 20.87 47.01 13.91
C ASN A 352 21.01 48.41 14.51
N GLY A 353 22.16 49.05 14.27
CA GLY A 353 22.46 50.40 14.76
C GLY A 353 23.04 50.44 16.16
N ALA A 354 22.92 49.37 16.96
CA ALA A 354 23.45 49.32 18.35
C ALA A 354 24.94 48.97 18.32
N VAL A 355 25.78 49.73 19.03
CA VAL A 355 27.25 49.49 19.05
C VAL A 355 27.54 48.28 19.93
N ILE A 356 28.09 47.23 19.34
CA ILE A 356 28.48 46.00 20.09
C ILE A 356 29.99 45.96 20.19
N TYR A 357 30.73 46.76 19.45
CA TYR A 357 32.19 46.79 19.58
C TYR A 357 32.73 48.16 19.21
N ASP A 358 33.83 48.55 19.84
CA ASP A 358 34.54 49.80 19.51
C ASP A 358 36.01 49.62 19.91
N GLY A 359 36.92 49.70 18.96
CA GLY A 359 38.32 49.39 19.22
C GLY A 359 39.25 50.41 18.62
N ALA A 360 40.37 50.64 19.30
CA ALA A 360 41.42 51.57 18.84
C ALA A 360 42.74 50.82 18.88
N ALA A 361 43.45 50.77 17.75
CA ALA A 361 44.73 50.04 17.63
C ALA A 361 45.81 51.01 17.18
N ASN A 362 46.93 51.03 17.90
CA ASN A 362 48.01 52.04 17.70
C ASN A 362 49.15 51.38 16.92
N GLU A 363 49.78 50.35 17.48
CA GLU A 363 50.78 49.54 16.74
C GLU A 363 50.63 48.07 17.10
N ALA A 364 49.94 47.76 18.19
CA ALA A 364 49.68 46.39 18.65
C ALA A 364 48.26 46.04 18.24
N VAL A 365 48.04 44.79 17.85
CA VAL A 365 46.83 44.44 17.05
C VAL A 365 45.68 44.30 18.02
N GLN A 366 44.46 44.59 17.57
CA GLN A 366 43.22 44.21 18.28
C GLN A 366 42.50 43.20 17.41
N VAL A 367 41.74 42.30 17.99
CA VAL A 367 41.00 41.28 17.22
C VAL A 367 39.55 41.34 17.63
N PHE A 368 38.62 41.56 16.72
CA PHE A 368 37.17 41.51 16.99
C PHE A 368 36.66 40.13 16.55
N SER A 369 35.95 39.40 17.39
CA SER A 369 35.25 38.17 17.00
C SER A 369 34.00 38.15 17.86
N ARG A 370 32.93 37.55 17.38
CA ARG A 370 31.69 37.58 18.17
C ARG A 370 30.82 36.48 17.60
N ILE A 371 29.88 36.01 18.40
CA ILE A 371 28.80 35.14 17.93
C ILE A 371 27.54 35.90 18.22
N VAL A 372 26.98 36.56 17.21
CA VAL A 372 25.68 37.29 17.32
C VAL A 372 24.57 36.28 17.10
N ASP A 373 23.61 36.25 18.02
CA ASP A 373 22.46 35.32 17.98
C ASP A 373 21.40 35.86 17.02
N MET A 374 20.82 35.00 16.19
CA MET A 374 19.72 35.38 15.26
C MET A 374 18.49 34.54 15.57
N PRO A 375 17.54 35.07 16.38
CA PRO A 375 16.29 34.36 16.65
C PRO A 375 15.38 34.41 15.41
N ALA A 376 14.56 33.38 15.25
CA ALA A 376 13.61 33.26 14.12
C ALA A 376 12.42 34.20 14.35
N GLY A 377 12.04 34.96 13.33
CA GLY A 377 10.85 35.85 13.34
C GLY A 377 11.14 37.25 13.86
N ARG A 378 12.36 37.57 14.26
CA ARG A 378 12.67 38.92 14.83
C ARG A 378 13.10 39.91 13.75
N GLY A 379 13.16 39.50 12.49
CA GLY A 379 13.56 40.38 11.37
C GLY A 379 15.04 40.27 11.02
N ASN A 380 15.43 40.97 9.96
CA ASN A 380 16.80 40.94 9.40
C ASN A 380 17.80 41.50 10.43
N VAL A 381 18.98 40.88 10.48
CA VAL A 381 20.10 41.35 11.34
C VAL A 381 21.11 42.01 10.42
N ILE A 382 21.49 43.24 10.73
CA ILE A 382 22.41 44.03 9.88
C ILE A 382 23.61 44.36 10.74
N LEU A 383 24.78 43.90 10.30
CA LEU A 383 26.06 44.13 11.01
C LEU A 383 26.87 45.11 10.19
N THR A 384 27.30 46.19 10.80
CA THR A 384 27.99 47.29 10.09
C THR A 384 29.42 47.36 10.60
N PHE A 385 30.37 47.10 9.75
CA PHE A 385 31.80 47.13 10.08
C PHE A 385 32.36 48.39 9.45
N THR A 386 32.73 49.38 10.26
CA THR A 386 33.24 50.65 9.71
C THR A 386 34.65 50.87 10.22
N LEU A 387 35.61 50.98 9.33
CA LEU A 387 37.02 51.21 9.70
C LEU A 387 37.43 52.63 9.35
N THR A 388 38.06 53.31 10.29
CA THR A 388 38.54 54.70 10.09
C THR A 388 40.02 54.69 10.42
N SER A 389 40.84 55.18 9.50
CA SER A 389 42.31 55.24 9.67
C SER A 389 42.73 56.70 9.82
N THR A 390 43.68 56.98 10.70
CA THR A 390 44.17 58.35 10.96
C THR A 390 45.61 58.43 10.47
N ARG A 391 45.96 59.54 9.84
CA ARG A 391 47.30 59.73 9.24
C ARG A 391 48.34 59.89 10.36
N HIS A 392 49.59 59.55 10.06
CA HIS A 392 50.73 59.77 10.99
C HIS A 392 50.83 61.25 11.33
N SER A 393 50.73 62.12 10.32
CA SER A 393 50.81 63.59 10.48
C SER A 393 49.94 64.26 9.41
N ALA A 394 50.12 65.56 9.20
CA ALA A 394 49.39 66.34 8.16
C ALA A 394 49.85 65.90 6.76
N ASP A 395 51.01 65.24 6.66
CA ASP A 395 51.62 64.90 5.35
C ASP A 395 51.68 63.38 5.15
N ILE A 396 52.10 62.63 6.17
CA ILE A 396 52.33 61.16 6.02
C ILE A 396 50.97 60.47 5.95
N PRO A 397 50.72 59.63 4.93
CA PRO A 397 49.48 58.85 4.88
C PRO A 397 49.47 57.81 5.99
N PRO A 398 48.29 57.35 6.45
CA PRO A 398 48.24 56.34 7.51
C PRO A 398 48.77 54.98 7.04
N TYR A 399 49.32 54.21 7.97
CA TYR A 399 49.80 52.83 7.75
C TYR A 399 49.01 51.91 8.67
N THR A 400 47.82 51.50 8.25
CA THR A 400 46.94 50.66 9.08
C THR A 400 46.63 49.39 8.31
N PHE A 401 46.25 48.34 9.04
CA PHE A 401 45.92 47.02 8.46
C PHE A 401 44.61 46.56 9.09
N ALA A 402 43.76 45.93 8.31
CA ALA A 402 42.53 45.29 8.83
C ALA A 402 42.14 44.14 7.96
N SER A 403 41.94 42.94 8.54
CA SER A 403 41.72 41.67 7.80
C SER A 403 40.29 41.67 7.26
N ASP A 404 39.97 40.83 6.29
CA ASP A 404 38.62 40.86 5.66
C ASP A 404 37.55 40.57 6.68
N VAL A 405 36.32 40.89 6.40
CA VAL A 405 35.16 40.53 7.26
C VAL A 405 34.72 39.18 6.81
N GLN A 406 34.80 38.15 7.62
CA GLN A 406 34.35 36.78 7.29
C GLN A 406 33.31 36.42 8.32
N VAL A 407 32.17 35.95 7.87
CA VAL A 407 30.97 35.70 8.72
C VAL A 407 30.42 34.35 8.34
N MET A 408 29.94 33.59 9.30
CA MET A 408 29.21 32.32 9.06
C MET A 408 27.95 32.26 9.90
N VAL A 409 26.85 31.83 9.32
CA VAL A 409 25.56 31.69 10.01
C VAL A 409 25.28 30.21 10.17
N ILE A 410 25.13 29.77 11.39
CA ILE A 410 25.01 28.34 11.75
C ILE A 410 23.57 28.13 12.23
N LYS A 411 23.17 26.90 12.38
CA LYS A 411 21.85 26.44 12.84
C LYS A 411 21.65 26.65 14.33
N LYS A 412 22.60 27.11 15.14
CA LYS A 412 22.30 27.48 16.56
C LYS A 412 21.71 26.29 17.32
N GLN A 413 22.55 25.34 17.62
CA GLN A 413 22.24 24.30 18.61
C GLN A 413 22.91 24.70 19.92
N ALA A 414 22.17 24.75 21.02
CA ALA A 414 22.70 25.15 22.35
C ALA A 414 22.93 23.94 23.26
N LEU A 415 22.69 22.71 22.77
CA LEU A 415 22.79 21.45 23.58
C LEU A 415 24.24 21.17 23.91
N GLY A 416 24.66 19.90 24.00
CA GLY A 416 25.85 19.50 24.75
C GLY A 416 27.14 20.15 24.29
N ILE A 417 27.24 21.47 24.32
CA ILE A 417 28.52 22.22 24.16
C ILE A 417 28.48 23.32 25.20
N SER A 418 29.04 23.08 26.35
CA SER A 418 29.05 24.04 27.48
C SER A 418 30.30 24.92 27.39
N VAL A 419 30.15 26.21 27.66
CA VAL A 419 31.33 27.10 27.89
C VAL A 419 31.17 27.80 29.24
N VAL A 420 32.27 27.96 29.97
CA VAL A 420 32.30 28.59 31.32
C VAL A 420 31.54 27.67 32.29
N HIS B 30 5.17 6.84 -37.25
CA HIS B 30 5.14 7.77 -36.07
C HIS B 30 3.86 8.59 -36.12
N VAL B 31 3.19 8.73 -34.98
CA VAL B 31 1.86 9.39 -34.96
C VAL B 31 1.87 10.45 -33.87
N LEU B 32 1.29 11.61 -34.16
CA LEU B 32 1.01 12.69 -33.18
C LEU B 32 -0.40 12.48 -32.62
N LEU B 33 -0.52 12.54 -31.30
CA LEU B 33 -1.83 12.82 -30.66
C LEU B 33 -1.66 14.21 -30.02
N THR B 34 -1.96 15.26 -30.78
CA THR B 34 -1.90 16.67 -30.31
C THR B 34 -3.14 16.93 -29.45
N THR B 35 -3.03 16.77 -28.15
CA THR B 35 -4.15 16.96 -27.19
C THR B 35 -4.10 18.37 -26.59
N SER B 36 -5.11 18.76 -25.82
CA SER B 36 -5.17 20.03 -25.05
C SER B 36 -4.08 20.03 -23.98
N ALA B 37 -3.68 18.86 -23.49
CA ALA B 37 -2.63 18.73 -22.45
C ALA B 37 -1.24 18.93 -23.08
N GLY B 38 -1.06 18.61 -24.37
CA GLY B 38 0.26 18.66 -25.04
C GLY B 38 0.36 17.72 -26.21
N ASN B 39 1.55 17.18 -26.46
CA ASN B 39 1.82 16.29 -27.63
C ASN B 39 2.33 14.94 -27.12
N ILE B 40 1.79 13.85 -27.66
CA ILE B 40 2.21 12.47 -27.32
C ILE B 40 2.75 11.82 -28.58
N GLU B 41 4.00 11.40 -28.54
CA GLU B 41 4.71 10.75 -29.66
C GLU B 41 4.65 9.25 -29.44
N LEU B 42 4.16 8.52 -30.44
CA LEU B 42 3.91 7.07 -30.33
C LEU B 42 4.63 6.35 -31.46
N GLU B 43 5.53 5.46 -31.12
CA GLU B 43 6.22 4.62 -32.11
C GLU B 43 5.42 3.33 -32.26
N LEU B 44 4.95 3.05 -33.45
CA LEU B 44 4.07 1.89 -33.73
C LEU B 44 4.90 0.62 -33.89
N ASP B 45 4.59 -0.43 -33.13
CA ASP B 45 5.28 -1.74 -33.20
C ASP B 45 4.69 -2.51 -34.39
N LYS B 46 5.02 -2.15 -35.62
CA LYS B 46 4.29 -2.60 -36.84
C LYS B 46 4.69 -4.02 -37.23
N GLN B 47 5.83 -4.50 -36.75
CA GLN B 47 6.40 -5.82 -37.15
C GLN B 47 5.77 -6.96 -36.34
N LYS B 48 5.09 -6.64 -35.23
CA LYS B 48 4.55 -7.67 -34.31
C LYS B 48 3.02 -7.64 -34.32
N ALA B 49 2.40 -6.50 -34.61
CA ALA B 49 0.93 -6.38 -34.73
C ALA B 49 0.60 -5.70 -36.04
N PRO B 50 0.71 -6.40 -37.18
CA PRO B 50 0.61 -5.76 -38.48
C PRO B 50 -0.80 -5.22 -38.77
N VAL B 51 -1.83 -6.06 -38.64
CA VAL B 51 -3.21 -5.65 -39.00
C VAL B 51 -3.74 -4.67 -37.92
N SER B 52 -3.40 -4.85 -36.65
CA SER B 52 -3.82 -3.95 -35.56
C SER B 52 -3.25 -2.56 -35.84
N VAL B 53 -1.98 -2.47 -36.16
CA VAL B 53 -1.35 -1.16 -36.40
C VAL B 53 -1.84 -0.63 -37.75
N GLN B 54 -2.19 -1.49 -38.69
CA GLN B 54 -2.80 -1.01 -39.96
C GLN B 54 -4.14 -0.32 -39.64
N ASN B 55 -4.97 -0.94 -38.80
CA ASN B 55 -6.30 -0.42 -38.38
C ASN B 55 -6.10 0.90 -37.67
N PHE B 56 -5.16 0.99 -36.73
CA PHE B 56 -4.89 2.21 -35.94
C PHE B 56 -4.43 3.30 -36.89
N VAL B 57 -3.53 3.00 -37.81
CA VAL B 57 -3.03 4.04 -38.74
C VAL B 57 -4.16 4.44 -39.69
N ASP B 58 -5.03 3.54 -40.11
CA ASP B 58 -6.18 3.94 -41.00
C ASP B 58 -7.16 4.86 -40.25
N TYR B 59 -7.40 4.62 -38.98
CA TYR B 59 -8.22 5.53 -38.15
C TYR B 59 -7.51 6.88 -38.05
N VAL B 60 -6.24 6.92 -37.67
CA VAL B 60 -5.53 8.20 -37.38
C VAL B 60 -5.35 8.96 -38.70
N ASN B 61 -5.07 8.27 -39.82
CA ASN B 61 -4.88 8.88 -41.15
C ASN B 61 -6.18 9.57 -41.60
N SER B 62 -7.31 8.87 -41.60
CA SER B 62 -8.58 9.37 -42.17
C SER B 62 -9.39 10.11 -41.08
N GLY B 63 -8.72 10.98 -40.33
CA GLY B 63 -9.32 11.97 -39.41
C GLY B 63 -10.43 11.43 -38.52
N PHE B 64 -10.16 10.41 -37.73
CA PHE B 64 -11.20 9.80 -36.86
C PHE B 64 -11.02 10.28 -35.43
N TYR B 65 -9.80 10.37 -34.96
CA TYR B 65 -9.53 10.60 -33.52
C TYR B 65 -9.50 12.10 -33.24
N ASN B 66 -9.66 12.97 -34.24
CA ASN B 66 -9.75 14.44 -33.96
C ASN B 66 -11.02 14.73 -33.16
N ASN B 67 -10.88 15.56 -32.14
CA ASN B 67 -12.04 16.04 -31.37
C ASN B 67 -12.65 14.83 -30.65
N THR B 68 -11.81 13.92 -30.15
CA THR B 68 -12.25 12.75 -29.38
C THR B 68 -11.56 12.80 -28.04
N THR B 69 -12.25 12.39 -26.99
CA THR B 69 -11.77 12.59 -25.61
C THR B 69 -11.20 11.29 -25.07
N PHE B 70 -10.31 11.40 -24.08
CA PHE B 70 -9.89 10.25 -23.23
C PHE B 70 -10.97 10.04 -22.21
N HIS B 71 -11.96 9.22 -22.50
CA HIS B 71 -13.20 9.12 -21.69
C HIS B 71 -12.99 8.34 -20.39
N ARG B 72 -11.89 7.64 -20.18
CA ARG B 72 -11.75 6.75 -19.00
C ARG B 72 -10.35 6.88 -18.46
N VAL B 73 -10.18 7.61 -17.38
CA VAL B 73 -8.85 7.90 -16.79
C VAL B 73 -8.87 7.36 -15.38
N ILE B 74 -8.06 6.36 -15.11
CA ILE B 74 -7.88 5.84 -13.73
C ILE B 74 -6.42 6.03 -13.39
N PRO B 75 -6.07 6.85 -12.38
CA PRO B 75 -4.66 7.11 -12.07
C PRO B 75 -4.08 5.81 -11.49
N GLY B 76 -2.92 5.40 -11.98
CA GLY B 76 -2.23 4.22 -11.47
C GLY B 76 -2.55 3.03 -12.34
N PHE B 77 -3.50 3.18 -13.27
CA PHE B 77 -3.91 2.08 -14.16
C PHE B 77 -3.60 2.43 -15.62
N MET B 78 -4.32 3.36 -16.21
CA MET B 78 -4.32 3.56 -17.68
C MET B 78 -5.26 4.70 -18.01
N ILE B 79 -5.14 5.24 -19.21
CA ILE B 79 -6.09 6.29 -19.69
C ILE B 79 -6.61 5.78 -21.02
N GLN B 80 -7.91 5.79 -21.21
CA GLN B 80 -8.54 5.13 -22.34
C GLN B 80 -9.25 6.17 -23.18
N GLY B 81 -9.01 6.16 -24.49
CA GLY B 81 -9.54 7.14 -25.43
C GLY B 81 -9.91 6.48 -26.74
N GLY B 82 -10.43 7.25 -27.68
CA GLY B 82 -10.55 6.88 -29.09
C GLY B 82 -11.94 6.39 -29.44
N GLY B 83 -12.95 6.51 -28.58
CA GLY B 83 -14.31 6.01 -28.91
C GLY B 83 -15.40 7.07 -28.82
N PHE B 84 -15.24 8.12 -28.01
CA PHE B 84 -16.33 9.05 -27.65
C PHE B 84 -15.92 10.47 -28.01
N THR B 85 -16.85 11.23 -28.59
CA THR B 85 -16.62 12.64 -29.00
C THR B 85 -16.67 13.53 -27.75
N GLU B 86 -16.52 14.84 -27.93
CA GLU B 86 -16.42 15.81 -26.80
C GLU B 86 -17.68 15.78 -25.91
N GLN B 87 -18.88 15.52 -26.45
CA GLN B 87 -20.14 15.50 -25.66
C GLN B 87 -20.53 14.07 -25.25
N MET B 88 -19.56 13.18 -25.02
CA MET B 88 -19.82 11.76 -24.65
C MET B 88 -20.73 11.08 -25.71
N GLN B 89 -20.47 11.33 -26.99
CA GLN B 89 -21.21 10.70 -28.10
C GLN B 89 -20.29 9.66 -28.76
N GLN B 90 -20.72 8.39 -28.79
CA GLN B 90 -19.92 7.31 -29.41
C GLN B 90 -19.88 7.51 -30.92
N LYS B 91 -18.74 7.24 -31.54
CA LYS B 91 -18.57 7.40 -33.00
C LYS B 91 -18.79 6.04 -33.69
N LYS B 92 -18.91 6.07 -35.01
CA LYS B 92 -19.08 4.87 -35.86
C LYS B 92 -17.71 4.32 -36.25
N PRO B 93 -17.35 3.10 -35.79
CA PRO B 93 -16.12 2.45 -36.20
C PRO B 93 -16.30 1.55 -37.45
N ASN B 94 -15.21 1.05 -37.98
CA ASN B 94 -15.16 0.00 -39.03
C ASN B 94 -15.50 -1.34 -38.39
N PRO B 95 -15.63 -2.44 -39.17
CA PRO B 95 -15.79 -3.76 -38.57
C PRO B 95 -14.54 -4.13 -37.79
N PRO B 96 -14.68 -4.83 -36.64
CA PRO B 96 -13.58 -5.01 -35.70
C PRO B 96 -12.37 -5.75 -36.32
N ILE B 97 -11.30 -5.89 -35.54
CA ILE B 97 -10.03 -6.55 -35.95
C ILE B 97 -9.81 -7.77 -35.06
N LYS B 98 -9.02 -8.72 -35.54
CA LYS B 98 -8.66 -9.94 -34.76
C LYS B 98 -7.68 -9.56 -33.66
N ASN B 99 -7.83 -10.18 -32.50
CA ASN B 99 -6.89 -9.98 -31.37
C ASN B 99 -5.51 -10.51 -31.76
N GLU B 100 -4.47 -9.69 -31.62
CA GLU B 100 -3.07 -10.09 -31.87
C GLU B 100 -2.26 -9.91 -30.60
N ALA B 101 -2.76 -10.36 -29.45
CA ALA B 101 -2.08 -10.15 -28.15
C ALA B 101 -0.98 -11.20 -27.95
N ASP B 102 -0.85 -12.20 -28.81
CA ASP B 102 0.17 -13.28 -28.64
C ASP B 102 1.48 -12.91 -29.34
N ASN B 103 1.72 -11.63 -29.57
CA ASN B 103 2.96 -11.13 -30.23
C ASN B 103 4.11 -11.05 -29.20
N GLY B 104 3.82 -11.29 -27.92
CA GLY B 104 4.78 -11.31 -26.80
C GLY B 104 5.11 -9.91 -26.31
N LEU B 105 4.39 -8.89 -26.78
CA LEU B 105 4.57 -7.50 -26.27
C LEU B 105 3.71 -7.37 -25.03
N ARG B 106 4.28 -6.89 -23.94
CA ARG B 106 3.58 -6.87 -22.63
C ARG B 106 3.01 -5.50 -22.36
N ASN B 107 2.03 -5.42 -21.48
CA ASN B 107 1.36 -4.17 -21.08
C ASN B 107 2.25 -3.49 -20.05
N THR B 108 3.39 -2.98 -20.51
CA THR B 108 4.31 -2.20 -19.64
C THR B 108 3.91 -0.72 -19.70
N ARG B 109 4.41 0.04 -18.74
CA ARG B 109 4.19 1.51 -18.68
C ARG B 109 4.60 2.15 -20.00
N GLY B 110 3.68 2.92 -20.59
CA GLY B 110 3.91 3.72 -21.79
C GLY B 110 3.42 3.03 -23.04
N THR B 111 3.01 1.77 -22.98
CA THR B 111 2.54 1.05 -24.19
C THR B 111 1.06 1.31 -24.40
N ILE B 112 0.65 1.33 -25.65
CA ILE B 112 -0.77 1.39 -26.04
C ILE B 112 -1.23 -0.02 -26.35
N ALA B 113 -2.36 -0.42 -25.77
CA ALA B 113 -3.08 -1.65 -26.13
C ALA B 113 -4.43 -1.29 -26.69
N MET B 114 -4.92 -2.09 -27.61
CA MET B 114 -6.29 -1.96 -28.17
C MET B 114 -7.29 -2.29 -27.06
N ALA B 115 -8.24 -1.42 -26.83
CA ALA B 115 -9.37 -1.67 -25.91
C ALA B 115 -10.47 -2.34 -26.72
N ARG B 116 -11.10 -3.34 -26.14
CA ARG B 116 -12.16 -4.13 -26.82
C ARG B 116 -13.30 -4.36 -25.83
N THR B 117 -14.39 -4.98 -26.28
CA THR B 117 -15.54 -5.39 -25.42
C THR B 117 -15.31 -6.84 -24.96
N ALA B 118 -16.33 -7.49 -24.41
CA ALA B 118 -16.21 -8.84 -23.79
C ALA B 118 -15.68 -9.84 -24.83
N ASP B 119 -16.08 -9.68 -26.10
CA ASP B 119 -15.65 -10.58 -27.20
C ASP B 119 -14.16 -10.40 -27.42
N LYS B 120 -13.45 -11.50 -27.63
CA LYS B 120 -11.97 -11.50 -27.73
C LYS B 120 -11.50 -10.79 -29.01
N ASP B 121 -12.25 -10.87 -30.11
CA ASP B 121 -11.87 -10.27 -31.41
C ASP B 121 -12.82 -9.10 -31.72
N SER B 122 -13.18 -8.32 -30.71
CA SER B 122 -14.14 -7.20 -30.83
C SER B 122 -13.47 -5.83 -30.85
N ALA B 123 -12.13 -5.77 -30.88
CA ALA B 123 -11.40 -4.49 -30.79
C ALA B 123 -11.65 -3.73 -32.10
N THR B 124 -12.12 -2.50 -32.03
CA THR B 124 -12.35 -1.66 -33.24
C THR B 124 -11.44 -0.44 -33.17
N SER B 125 -11.73 0.51 -32.31
CA SER B 125 -11.09 1.84 -32.37
C SER B 125 -10.57 2.32 -31.03
N GLN B 126 -11.13 1.88 -29.93
CA GLN B 126 -10.70 2.36 -28.60
C GLN B 126 -9.37 1.75 -28.23
N PHE B 127 -8.46 2.54 -27.74
CA PHE B 127 -7.14 2.12 -27.21
C PHE B 127 -6.96 2.66 -25.82
N PHE B 128 -5.87 2.30 -25.18
CA PHE B 128 -5.52 2.86 -23.86
C PHE B 128 -4.02 2.85 -23.74
N ILE B 129 -3.49 3.77 -22.96
CA ILE B 129 -2.05 3.83 -22.63
C ILE B 129 -1.90 3.30 -21.22
N ASN B 130 -1.00 2.37 -21.01
CA ASN B 130 -0.64 1.86 -19.68
C ASN B 130 0.21 2.91 -18.96
N VAL B 131 -0.28 3.44 -17.87
CA VAL B 131 0.48 4.48 -17.10
C VAL B 131 1.32 3.78 -16.05
N ALA B 132 1.23 2.45 -15.92
CA ALA B 132 1.93 1.65 -14.90
C ALA B 132 2.13 0.25 -15.50
N ASP B 133 2.66 -0.70 -14.72
CA ASP B 133 2.90 -2.09 -15.22
C ASP B 133 1.65 -2.94 -14.97
N ASN B 134 0.93 -3.28 -16.03
CA ASN B 134 -0.35 -4.04 -15.96
C ASN B 134 -0.09 -5.46 -16.44
N ALA B 135 0.46 -6.33 -15.58
CA ALA B 135 0.84 -7.72 -15.95
C ALA B 135 -0.44 -8.55 -16.22
N PHE B 136 -1.54 -8.29 -15.53
CA PHE B 136 -2.80 -9.07 -15.67
C PHE B 136 -3.46 -8.83 -17.03
N LEU B 137 -3.01 -7.87 -17.82
CA LEU B 137 -3.60 -7.60 -19.16
C LEU B 137 -2.80 -8.32 -20.22
N ASP B 138 -1.67 -8.97 -19.91
CA ASP B 138 -0.84 -9.72 -20.89
C ASP B 138 -1.40 -11.12 -20.97
N HIS B 139 -1.63 -11.60 -22.18
CA HIS B 139 -1.89 -13.05 -22.43
C HIS B 139 -1.96 -13.29 -23.93
N GLY B 140 -1.37 -14.37 -24.42
CA GLY B 140 -1.79 -15.00 -25.67
C GLY B 140 -2.23 -16.44 -25.43
N GLN B 141 -3.53 -16.67 -25.19
CA GLN B 141 -4.12 -18.00 -24.85
C GLN B 141 -5.62 -17.96 -25.17
N ARG B 142 -6.40 -18.91 -24.68
CA ARG B 142 -7.89 -18.77 -24.64
C ARG B 142 -8.25 -17.40 -24.06
N ASP B 143 -7.72 -17.06 -22.89
CA ASP B 143 -7.91 -15.70 -22.29
C ASP B 143 -6.98 -14.74 -23.06
N PHE B 144 -7.54 -14.01 -24.03
CA PHE B 144 -6.73 -13.39 -25.10
C PHE B 144 -6.01 -12.13 -24.59
N GLY B 145 -6.37 -11.60 -23.40
CA GLY B 145 -5.76 -10.36 -22.89
C GLY B 145 -5.96 -9.17 -23.85
N TYR B 146 -4.98 -8.28 -23.94
CA TYR B 146 -5.09 -7.01 -24.68
C TYR B 146 -3.85 -6.81 -25.54
N ALA B 147 -3.99 -6.44 -26.81
CA ALA B 147 -2.88 -6.49 -27.78
C ALA B 147 -2.13 -5.18 -27.68
N VAL B 148 -0.88 -5.19 -27.32
CA VAL B 148 -0.01 -3.98 -27.29
C VAL B 148 0.48 -3.76 -28.70
N PHE B 149 0.38 -2.56 -29.23
CA PHE B 149 0.82 -2.30 -30.62
C PHE B 149 1.57 -0.98 -30.73
N GLY B 150 1.81 -0.26 -29.65
CA GLY B 150 2.42 1.07 -29.72
C GLY B 150 3.17 1.35 -28.43
N LYS B 151 3.90 2.45 -28.42
CA LYS B 151 4.70 2.86 -27.25
C LYS B 151 4.80 4.38 -27.28
N VAL B 152 4.58 5.02 -26.15
CA VAL B 152 4.86 6.47 -26.01
C VAL B 152 6.38 6.68 -25.95
N VAL B 153 6.94 7.33 -26.96
CA VAL B 153 8.40 7.62 -27.03
C VAL B 153 8.66 9.05 -26.56
N LYS B 154 7.70 9.96 -26.75
CA LYS B 154 7.84 11.34 -26.23
C LYS B 154 6.47 11.85 -25.80
N GLY B 155 6.45 12.61 -24.72
CA GLY B 155 5.22 13.20 -24.16
C GLY B 155 4.66 12.33 -23.05
N MET B 156 5.48 11.54 -22.37
CA MET B 156 5.04 10.75 -21.21
C MET B 156 4.60 11.70 -20.08
N ASP B 157 5.18 12.89 -19.99
CA ASP B 157 4.75 13.95 -19.03
C ASP B 157 3.31 14.37 -19.35
N VAL B 158 2.93 14.40 -20.63
CA VAL B 158 1.53 14.75 -21.01
C VAL B 158 0.59 13.68 -20.44
N ALA B 159 0.94 12.40 -20.60
CA ALA B 159 0.14 11.26 -20.10
C ALA B 159 0.10 11.35 -18.58
N ASP B 160 1.20 11.72 -17.93
CA ASP B 160 1.25 11.83 -16.45
C ASP B 160 0.33 12.97 -15.97
N LYS B 161 0.28 14.10 -16.68
CA LYS B 161 -0.64 15.21 -16.31
C LYS B 161 -2.09 14.76 -16.54
N ILE B 162 -2.34 14.05 -17.63
CA ILE B 162 -3.71 13.55 -17.96
C ILE B 162 -4.18 12.55 -16.91
N SER B 163 -3.28 11.67 -16.45
CA SER B 163 -3.64 10.54 -15.56
C SER B 163 -4.16 11.07 -14.22
N GLN B 164 -3.75 12.29 -13.83
CA GLN B 164 -4.08 12.80 -12.47
C GLN B 164 -5.25 13.81 -12.48
N VAL B 165 -5.95 13.98 -13.59
CA VAL B 165 -7.11 14.93 -13.65
C VAL B 165 -8.25 14.36 -12.82
N PRO B 166 -9.10 15.21 -12.19
CA PRO B 166 -10.23 14.70 -11.41
C PRO B 166 -11.33 14.10 -12.30
N THR B 167 -11.79 12.91 -11.95
CA THR B 167 -12.76 12.13 -12.74
C THR B 167 -13.94 11.77 -11.85
N HIS B 168 -15.15 12.18 -12.22
CA HIS B 168 -16.39 11.92 -11.47
C HIS B 168 -17.57 11.97 -12.44
N ASP B 169 -17.98 10.82 -12.95
CA ASP B 169 -19.27 10.68 -13.69
C ASP B 169 -19.91 9.38 -13.22
N VAL B 170 -20.02 9.18 -11.91
CA VAL B 170 -20.63 7.94 -11.34
C VAL B 170 -22.00 7.73 -11.99
N GLY B 171 -22.27 6.51 -12.46
CA GLY B 171 -23.53 6.17 -13.16
C GLY B 171 -23.29 5.47 -14.49
N PRO B 172 -23.59 6.10 -15.66
CA PRO B 172 -23.44 5.44 -16.96
C PRO B 172 -21.99 4.98 -17.22
N TYR B 173 -21.05 5.93 -17.19
CA TYR B 173 -19.60 5.70 -17.37
C TYR B 173 -18.89 6.40 -16.22
N GLN B 174 -18.20 5.66 -15.35
CA GLN B 174 -17.37 6.28 -14.30
C GLN B 174 -15.96 6.60 -14.83
N ASN B 175 -15.20 7.34 -14.01
CA ASN B 175 -13.79 7.71 -14.27
C ASN B 175 -13.73 8.58 -15.53
N VAL B 176 -14.80 9.31 -15.82
CA VAL B 176 -14.80 10.30 -16.94
C VAL B 176 -14.23 11.60 -16.41
N PRO B 177 -13.14 12.15 -16.99
CA PRO B 177 -12.61 13.44 -16.53
C PRO B 177 -13.68 14.53 -16.52
N SER B 178 -13.73 15.34 -15.45
CA SER B 178 -14.74 16.41 -15.27
C SER B 178 -14.59 17.43 -16.40
N LYS B 179 -13.36 17.85 -16.67
CA LYS B 179 -13.04 18.70 -17.84
C LYS B 179 -12.44 17.80 -18.91
N PRO B 180 -13.11 17.58 -20.06
CA PRO B 180 -12.68 16.57 -21.02
C PRO B 180 -11.26 16.82 -21.56
N VAL B 181 -10.49 15.74 -21.70
CA VAL B 181 -9.13 15.77 -22.31
C VAL B 181 -9.32 15.50 -23.80
N VAL B 182 -9.33 16.56 -24.58
CA VAL B 182 -9.70 16.50 -26.02
C VAL B 182 -8.42 16.27 -26.82
N ILE B 183 -8.45 15.30 -27.74
CA ILE B 183 -7.40 15.15 -28.80
C ILE B 183 -7.75 16.12 -29.92
N LEU B 184 -7.05 17.25 -29.98
CA LEU B 184 -7.35 18.31 -30.98
C LEU B 184 -7.16 17.76 -32.39
N SER B 185 -6.03 17.08 -32.66
CA SER B 185 -5.74 16.55 -34.03
C SER B 185 -4.79 15.37 -33.92
N ALA B 186 -4.73 14.54 -34.97
CA ALA B 186 -3.78 13.40 -35.06
C ALA B 186 -3.05 13.43 -36.40
N LYS B 187 -1.73 13.62 -36.32
CA LYS B 187 -0.83 13.87 -37.47
C LYS B 187 0.13 12.70 -37.66
N VAL B 188 0.27 12.17 -38.88
CA VAL B 188 1.09 10.94 -39.14
C VAL B 188 2.43 11.34 -39.74
N LEU B 189 3.44 10.49 -39.62
CA LEU B 189 4.83 10.79 -40.09
C LEU B 189 5.37 9.58 -40.84
N HIS C 30 -24.84 21.19 20.23
CA HIS C 30 -23.46 20.67 20.44
C HIS C 30 -23.50 19.57 21.49
N VAL C 31 -22.77 18.48 21.25
CA VAL C 31 -22.84 17.29 22.14
C VAL C 31 -21.43 17.04 22.66
N LEU C 32 -21.31 16.90 23.98
CA LEU C 32 -20.06 16.49 24.68
C LEU C 32 -20.12 14.97 24.78
N LEU C 33 -19.23 14.25 24.09
CA LEU C 33 -19.02 12.81 24.36
C LEU C 33 -17.78 12.69 25.26
N THR C 34 -17.99 12.69 26.57
CA THR C 34 -16.91 12.59 27.59
C THR C 34 -16.56 11.11 27.77
N THR C 35 -15.47 10.65 27.17
CA THR C 35 -15.03 9.24 27.23
C THR C 35 -13.82 9.11 28.17
N SER C 36 -13.37 7.88 28.43
CA SER C 36 -12.16 7.60 29.23
C SER C 36 -10.93 8.12 28.50
N ALA C 37 -10.95 8.18 27.18
CA ALA C 37 -9.82 8.69 26.37
C ALA C 37 -9.76 10.22 26.44
N GLY C 38 -10.89 10.91 26.65
CA GLY C 38 -10.98 12.38 26.59
C GLY C 38 -12.35 12.88 26.20
N ASN C 39 -12.43 14.03 25.53
CA ASN C 39 -13.70 14.67 25.14
C ASN C 39 -13.75 14.77 23.62
N ILE C 40 -14.89 14.42 23.03
CA ILE C 40 -15.13 14.53 21.57
C ILE C 40 -16.25 15.54 21.36
N GLU C 41 -16.01 16.54 20.55
CA GLU C 41 -16.95 17.65 20.30
C GLU C 41 -17.57 17.47 18.92
N LEU C 42 -18.89 17.44 18.86
CA LEU C 42 -19.61 17.11 17.61
C LEU C 42 -20.63 18.18 17.30
N GLU C 43 -20.50 18.80 16.15
CA GLU C 43 -21.50 19.76 15.65
C GLU C 43 -22.49 18.95 14.81
N LEU C 44 -23.75 18.95 15.21
CA LEU C 44 -24.81 18.18 14.53
C LEU C 44 -25.26 18.89 13.26
N ASP C 45 -25.14 18.25 12.10
CA ASP C 45 -25.63 18.76 10.80
C ASP C 45 -27.16 18.67 10.80
N LYS C 46 -27.83 19.55 11.54
CA LYS C 46 -29.29 19.43 11.85
C LYS C 46 -30.14 19.71 10.61
N GLN C 47 -29.72 20.66 9.76
CA GLN C 47 -30.55 21.18 8.63
C GLN C 47 -30.64 20.16 7.50
N LYS C 48 -29.76 19.16 7.46
CA LYS C 48 -29.69 18.19 6.34
C LYS C 48 -30.25 16.85 6.78
N ALA C 49 -30.13 16.48 8.06
CA ALA C 49 -30.65 15.21 8.60
C ALA C 49 -31.47 15.52 9.85
N PRO C 50 -32.73 15.98 9.72
CA PRO C 50 -33.48 16.46 10.88
C PRO C 50 -33.96 15.30 11.77
N VAL C 51 -34.46 14.21 11.16
CA VAL C 51 -34.99 13.07 11.94
C VAL C 51 -33.81 12.31 12.60
N SER C 52 -32.70 12.08 11.89
CA SER C 52 -31.53 11.37 12.45
C SER C 52 -31.04 12.19 13.63
N VAL C 53 -30.92 13.50 13.47
CA VAL C 53 -30.32 14.32 14.53
C VAL C 53 -31.32 14.43 15.67
N GLN C 54 -32.61 14.43 15.40
CA GLN C 54 -33.61 14.42 16.49
C GLN C 54 -33.44 13.12 17.31
N ASN C 55 -33.35 11.97 16.64
CA ASN C 55 -33.21 10.63 17.27
C ASN C 55 -31.92 10.62 18.08
N PHE C 56 -30.81 11.10 17.52
CA PHE C 56 -29.47 11.10 18.17
C PHE C 56 -29.55 11.99 19.39
N VAL C 57 -30.14 13.18 19.28
CA VAL C 57 -30.22 14.09 20.43
C VAL C 57 -31.18 13.52 21.47
N ASP C 58 -32.23 12.82 21.09
CA ASP C 58 -33.15 12.17 22.10
C ASP C 58 -32.41 11.08 22.89
N TYR C 59 -31.61 10.26 22.22
CA TYR C 59 -30.76 9.26 22.90
C TYR C 59 -29.78 10.00 23.82
N VAL C 60 -29.11 11.05 23.32
CA VAL C 60 -28.04 11.76 24.04
C VAL C 60 -28.63 12.45 25.27
N ASN C 61 -29.77 13.16 25.13
CA ASN C 61 -30.45 13.85 26.25
C ASN C 61 -30.82 12.84 27.34
N SER C 62 -31.51 11.76 27.01
CA SER C 62 -32.06 10.79 28.00
C SER C 62 -31.00 9.71 28.33
N GLY C 63 -29.76 10.13 28.56
CA GLY C 63 -28.66 9.30 29.09
C GLY C 63 -28.57 7.89 28.53
N PHE C 64 -28.82 7.66 27.26
CA PHE C 64 -28.73 6.29 26.69
C PHE C 64 -27.27 5.91 26.51
N TYR C 65 -26.43 6.83 26.08
CA TYR C 65 -25.05 6.49 25.68
C TYR C 65 -24.14 6.54 26.90
N ASN C 66 -24.67 6.88 28.08
CA ASN C 66 -23.88 6.83 29.34
C ASN C 66 -23.44 5.39 29.61
N ASN C 67 -22.16 5.18 29.83
CA ASN C 67 -21.59 3.84 30.14
C ASN C 67 -21.89 2.93 28.96
N THR C 68 -21.37 3.27 27.77
CA THR C 68 -21.51 2.47 26.55
C THR C 68 -20.17 2.52 25.83
N THR C 69 -19.78 1.42 25.21
CA THR C 69 -18.41 1.26 24.69
C THR C 69 -18.42 1.44 23.19
N PHE C 70 -17.29 1.87 22.64
CA PHE C 70 -17.01 1.79 21.18
C PHE C 70 -16.66 0.35 20.88
N HIS C 71 -17.62 -0.49 20.58
CA HIS C 71 -17.42 -1.95 20.51
C HIS C 71 -16.71 -2.38 19.23
N ARG C 72 -16.52 -1.53 18.24
CA ARG C 72 -15.97 -1.98 16.94
C ARG C 72 -15.05 -0.90 16.43
N VAL C 73 -13.74 -1.07 16.57
CA VAL C 73 -12.75 -0.09 16.10
C VAL C 73 -11.83 -0.79 15.12
N ILE C 74 -11.75 -0.27 13.91
CA ILE C 74 -10.81 -0.77 12.89
C ILE C 74 -9.93 0.41 12.50
N PRO C 75 -8.61 0.36 12.72
CA PRO C 75 -7.76 1.51 12.41
C PRO C 75 -7.75 1.67 10.89
N GLY C 76 -7.99 2.88 10.42
CA GLY C 76 -7.94 3.19 8.98
C GLY C 76 -9.34 3.20 8.43
N PHE C 77 -10.32 2.75 9.21
CA PHE C 77 -11.72 2.68 8.73
C PHE C 77 -12.61 3.61 9.57
N MET C 78 -12.86 3.28 10.82
CA MET C 78 -13.93 3.94 11.60
C MET C 78 -13.96 3.33 12.99
N ILE C 79 -14.63 3.98 13.91
CA ILE C 79 -14.81 3.44 15.29
C ILE C 79 -16.32 3.50 15.52
N GLN C 80 -16.89 2.39 15.97
CA GLN C 80 -18.34 2.25 16.04
C GLN C 80 -18.74 2.04 17.48
N GLY C 81 -19.75 2.78 17.93
CA GLY C 81 -20.21 2.79 19.32
C GLY C 81 -21.70 2.98 19.38
N GLY C 82 -22.27 2.96 20.58
CA GLY C 82 -23.63 3.41 20.87
C GLY C 82 -24.61 2.27 21.03
N GLY C 83 -24.21 1.00 21.05
CA GLY C 83 -25.18 -0.10 21.18
C GLY C 83 -24.93 -1.03 22.38
N PHE C 84 -23.68 -1.14 22.85
CA PHE C 84 -23.29 -2.19 23.83
C PHE C 84 -22.69 -1.55 25.08
N THR C 85 -23.02 -2.11 26.24
CA THR C 85 -22.50 -1.64 27.55
C THR C 85 -21.09 -2.22 27.76
N GLU C 86 -20.50 -2.06 28.94
CA GLU C 86 -19.12 -2.55 29.25
C GLU C 86 -19.05 -4.08 29.09
N GLN C 87 -20.07 -4.80 29.53
CA GLN C 87 -20.08 -6.30 29.60
C GLN C 87 -20.40 -6.92 28.23
N MET C 88 -20.31 -6.15 27.14
CA MET C 88 -20.70 -6.60 25.78
C MET C 88 -22.16 -7.11 25.79
N GLN C 89 -23.09 -6.32 26.34
CA GLN C 89 -24.54 -6.64 26.24
C GLN C 89 -25.24 -5.52 25.46
N GLN C 90 -26.24 -5.87 24.65
CA GLN C 90 -26.95 -4.90 23.79
C GLN C 90 -28.01 -4.19 24.63
N LYS C 91 -28.18 -2.89 24.41
CA LYS C 91 -29.21 -2.10 25.13
C LYS C 91 -30.51 -2.09 24.31
N LYS C 92 -31.59 -1.65 24.94
CA LYS C 92 -32.92 -1.49 24.31
C LYS C 92 -32.98 -0.16 23.58
N PRO C 93 -33.12 -0.16 22.23
CA PRO C 93 -33.33 1.06 21.47
C PRO C 93 -34.82 1.38 21.27
N ASN C 94 -35.11 2.53 20.69
CA ASN C 94 -36.46 2.94 20.24
C ASN C 94 -36.76 2.27 18.89
N PRO C 95 -37.99 2.39 18.35
CA PRO C 95 -38.25 2.04 16.96
C PRO C 95 -37.31 2.78 16.02
N PRO C 96 -36.79 2.11 14.96
CA PRO C 96 -35.76 2.69 14.11
C PRO C 96 -36.20 3.98 13.38
N ILE C 97 -35.29 4.60 12.63
CA ILE C 97 -35.52 5.86 11.87
C ILE C 97 -35.28 5.58 10.38
N LYS C 98 -35.90 6.36 9.51
CA LYS C 98 -35.70 6.22 8.04
C LYS C 98 -34.31 6.72 7.66
N ASN C 99 -33.72 6.12 6.65
CA ASN C 99 -32.40 6.53 6.14
C ASN C 99 -32.49 7.91 5.47
N GLU C 100 -31.63 8.84 5.87
CA GLU C 100 -31.55 10.19 5.28
C GLU C 100 -30.16 10.40 4.66
N ALA C 101 -29.62 9.39 3.99
CA ALA C 101 -28.26 9.45 3.42
C ALA C 101 -28.25 10.30 2.13
N ASP C 102 -29.41 10.64 1.56
CA ASP C 102 -29.49 11.42 0.30
C ASP C 102 -29.39 12.92 0.59
N ASN C 103 -28.96 13.32 1.79
CA ASN C 103 -28.79 14.74 2.18
C ASN C 103 -27.53 15.33 1.53
N GLY C 104 -26.69 14.48 0.90
CA GLY C 104 -25.50 14.87 0.13
C GLY C 104 -24.27 15.06 1.01
N LEU C 105 -24.37 14.83 2.31
CA LEU C 105 -23.18 14.81 3.21
C LEU C 105 -22.45 13.51 2.96
N ARG C 106 -21.14 13.56 2.86
CA ARG C 106 -20.34 12.35 2.50
C ARG C 106 -19.60 11.83 3.72
N ASN C 107 -19.18 10.58 3.67
CA ASN C 107 -18.46 9.90 4.75
C ASN C 107 -17.00 10.32 4.67
N THR C 108 -16.75 11.58 5.02
CA THR C 108 -15.37 12.12 5.10
C THR C 108 -14.85 11.88 6.51
N ARG C 109 -13.54 12.00 6.67
CA ARG C 109 -12.87 11.86 7.98
C ARG C 109 -13.51 12.82 8.98
N GLY C 110 -13.87 12.31 10.15
CA GLY C 110 -14.38 13.07 11.29
C GLY C 110 -15.88 13.19 11.29
N THR C 111 -16.57 12.64 10.29
CA THR C 111 -18.06 12.69 10.26
C THR C 111 -18.62 11.46 10.96
N ILE C 112 -19.73 11.64 11.62
CA ILE C 112 -20.52 10.53 12.20
C ILE C 112 -21.63 10.16 11.23
N ALA C 113 -21.71 8.88 10.87
CA ALA C 113 -22.88 8.28 10.18
C ALA C 113 -23.57 7.32 11.12
N MET C 114 -24.87 7.16 10.98
CA MET C 114 -25.67 6.14 11.72
C MET C 114 -25.28 4.76 11.22
N ALA C 115 -24.97 3.87 12.13
CA ALA C 115 -24.79 2.43 11.83
C ALA C 115 -26.18 1.81 11.84
N ARG C 116 -26.38 0.83 10.98
CA ARG C 116 -27.68 0.13 10.85
C ARG C 116 -27.40 -1.34 10.52
N THR C 117 -28.44 -2.16 10.45
CA THR C 117 -28.38 -3.59 10.03
C THR C 117 -28.62 -3.67 8.51
N ALA C 118 -28.86 -4.88 7.99
CA ALA C 118 -28.97 -5.11 6.53
C ALA C 118 -30.11 -4.26 5.95
N ASP C 119 -31.19 -4.08 6.72
CA ASP C 119 -32.37 -3.30 6.30
C ASP C 119 -31.95 -1.83 6.15
N LYS C 120 -32.39 -1.19 5.08
CA LYS C 120 -31.95 0.17 4.71
C LYS C 120 -32.51 1.22 5.68
N ASP C 121 -33.65 0.95 6.31
CA ASP C 121 -34.31 1.91 7.26
C ASP C 121 -34.30 1.29 8.67
N SER C 122 -33.22 0.62 9.04
CA SER C 122 -33.10 -0.13 10.32
C SER C 122 -32.21 0.58 11.34
N ALA C 123 -31.73 1.79 11.05
CA ALA C 123 -30.79 2.50 11.93
C ALA C 123 -31.56 2.89 13.18
N THR C 124 -31.06 2.54 14.37
CA THR C 124 -31.73 2.90 15.64
C THR C 124 -30.78 3.79 16.44
N SER C 125 -29.72 3.23 16.98
CA SER C 125 -28.92 3.93 18.01
C SER C 125 -27.42 3.88 17.74
N GLN C 126 -26.90 2.91 17.03
CA GLN C 126 -25.45 2.80 16.83
C GLN C 126 -25.01 3.78 15.77
N PHE C 127 -23.94 4.48 16.03
CA PHE C 127 -23.26 5.40 15.08
C PHE C 127 -21.83 4.97 14.90
N PHE C 128 -21.12 5.65 14.04
CA PHE C 128 -19.66 5.44 13.89
C PHE C 128 -19.05 6.73 13.43
N ILE C 129 -17.80 6.94 13.77
CA ILE C 129 -17.01 8.10 13.31
C ILE C 129 -16.10 7.58 12.22
N ASN C 130 -16.08 8.25 11.09
CA ASN C 130 -15.14 7.96 9.99
C ASN C 130 -13.76 8.50 10.36
N VAL C 131 -12.78 7.64 10.49
CA VAL C 131 -11.39 8.08 10.85
C VAL C 131 -10.60 8.32 9.57
N ALA C 132 -11.20 8.09 8.41
CA ALA C 132 -10.55 8.23 7.07
C ALA C 132 -11.63 8.57 6.06
N ASP C 133 -11.30 8.61 4.77
CA ASP C 133 -12.29 8.96 3.70
C ASP C 133 -12.95 7.66 3.19
N ASN C 134 -14.23 7.48 3.49
CA ASN C 134 -15.00 6.27 3.15
C ASN C 134 -15.99 6.61 2.03
N ALA C 135 -15.52 6.66 0.78
CA ALA C 135 -16.34 7.04 -0.40
C ALA C 135 -17.40 5.95 -0.66
N PHE C 136 -17.11 4.70 -0.32
CA PHE C 136 -18.00 3.56 -0.61
C PHE C 136 -19.17 3.46 0.37
N LEU C 137 -19.22 4.30 1.40
CA LEU C 137 -20.35 4.35 2.35
C LEU C 137 -21.28 5.49 1.97
N ASP C 138 -21.02 6.21 0.88
CA ASP C 138 -21.84 7.38 0.46
C ASP C 138 -22.81 6.90 -0.60
N HIS C 139 -24.09 7.24 -0.44
CA HIS C 139 -25.05 7.27 -1.56
C HIS C 139 -26.41 7.76 -1.09
N GLY C 140 -27.19 8.36 -1.98
CA GLY C 140 -28.66 8.39 -1.89
C GLY C 140 -29.27 7.72 -3.09
N GLN C 141 -29.75 6.48 -2.93
CA GLN C 141 -30.26 5.63 -4.05
C GLN C 141 -30.94 4.40 -3.43
N ARG C 142 -31.46 3.47 -4.22
CA ARG C 142 -31.76 2.08 -3.77
C ARG C 142 -30.67 1.61 -2.79
N ASP C 143 -29.38 1.67 -3.20
CA ASP C 143 -28.26 1.32 -2.27
C ASP C 143 -28.05 2.52 -1.36
N PHE C 144 -28.72 2.51 -0.21
CA PHE C 144 -28.96 3.73 0.60
C PHE C 144 -27.66 4.22 1.24
N GLY C 145 -26.63 3.38 1.36
CA GLY C 145 -25.40 3.74 2.08
C GLY C 145 -25.67 4.12 3.53
N TYR C 146 -24.95 5.09 4.08
CA TYR C 146 -24.96 5.41 5.52
C TYR C 146 -25.14 6.91 5.71
N ALA C 147 -26.02 7.34 6.60
CA ALA C 147 -26.46 8.75 6.65
C ALA C 147 -25.50 9.50 7.56
N VAL C 148 -24.72 10.40 7.04
CA VAL C 148 -23.83 11.27 7.85
C VAL C 148 -24.69 12.34 8.46
N PHE C 149 -24.61 12.56 9.77
CA PHE C 149 -25.47 13.57 10.41
C PHE C 149 -24.66 14.45 11.38
N GLY C 150 -23.37 14.23 11.56
CA GLY C 150 -22.58 14.94 12.58
C GLY C 150 -21.14 15.03 12.10
N LYS C 151 -20.35 15.80 12.83
CA LYS C 151 -18.92 15.96 12.52
C LYS C 151 -18.17 16.22 13.83
N VAL C 152 -17.01 15.63 13.99
CA VAL C 152 -16.10 15.95 15.11
C VAL C 152 -15.47 17.32 14.82
N VAL C 153 -15.73 18.30 15.67
CA VAL C 153 -15.19 19.68 15.53
C VAL C 153 -14.01 19.86 16.49
N LYS C 154 -14.05 19.20 17.64
CA LYS C 154 -12.91 19.24 18.60
C LYS C 154 -12.79 17.88 19.25
N GLY C 155 -11.56 17.47 19.50
CA GLY C 155 -11.25 16.17 20.14
C GLY C 155 -11.02 15.09 19.09
N MET C 156 -10.55 15.45 17.90
CA MET C 156 -10.16 14.45 16.87
C MET C 156 -9.05 13.56 17.45
N ASP C 157 -8.04 14.15 18.07
CA ASP C 157 -6.89 13.45 18.69
C ASP C 157 -7.39 12.33 19.62
N VAL C 158 -8.52 12.54 20.30
CA VAL C 158 -9.15 11.46 21.11
C VAL C 158 -9.49 10.29 20.19
N ALA C 159 -10.08 10.58 19.02
CA ALA C 159 -10.50 9.56 18.03
C ALA C 159 -9.25 8.87 17.50
N ASP C 160 -8.15 9.56 17.23
CA ASP C 160 -6.91 8.90 16.73
C ASP C 160 -6.30 8.03 17.84
N LYS C 161 -6.40 8.43 19.11
CA LYS C 161 -5.88 7.59 20.21
C LYS C 161 -6.76 6.33 20.32
N ILE C 162 -8.07 6.48 20.21
CA ILE C 162 -9.03 5.34 20.29
C ILE C 162 -8.83 4.40 19.09
N SER C 163 -8.59 4.93 17.89
CA SER C 163 -8.57 4.15 16.64
C SER C 163 -7.41 3.16 16.67
N GLN C 164 -6.38 3.39 17.48
CA GLN C 164 -5.15 2.53 17.44
C GLN C 164 -5.07 1.57 18.64
N VAL C 165 -6.13 1.39 19.42
CA VAL C 165 -6.12 0.44 20.56
C VAL C 165 -6.10 -0.99 20.01
N PRO C 166 -5.48 -1.96 20.72
CA PRO C 166 -5.46 -3.35 20.23
C PRO C 166 -6.83 -4.03 20.35
N THR C 167 -7.20 -4.79 19.32
CA THR C 167 -8.53 -5.42 19.18
C THR C 167 -8.37 -6.90 18.90
N HIS C 168 -8.90 -7.75 19.76
CA HIS C 168 -8.85 -9.22 19.63
C HIS C 168 -10.05 -9.81 20.38
N ASP C 169 -11.17 -10.00 19.69
CA ASP C 169 -12.31 -10.80 20.20
C ASP C 169 -12.83 -11.68 19.06
N VAL C 170 -11.91 -12.40 18.39
CA VAL C 170 -12.27 -13.29 17.25
C VAL C 170 -13.40 -14.23 17.69
N GLY C 171 -14.45 -14.35 16.88
CA GLY C 171 -15.64 -15.18 17.21
C GLY C 171 -16.94 -14.41 17.03
N PRO C 172 -17.69 -14.09 18.13
CA PRO C 172 -19.00 -13.45 18.03
C PRO C 172 -18.91 -12.06 17.37
N TYR C 173 -18.09 -11.18 17.94
CA TYR C 173 -17.82 -9.82 17.44
C TYR C 173 -16.31 -9.63 17.38
N GLN C 174 -15.76 -9.43 16.18
CA GLN C 174 -14.32 -9.08 16.06
C GLN C 174 -14.12 -7.56 16.19
N ASN C 175 -12.85 -7.16 16.26
CA ASN C 175 -12.40 -5.74 16.30
C ASN C 175 -12.95 -5.10 17.57
N VAL C 176 -13.16 -5.88 18.63
CA VAL C 176 -13.58 -5.34 19.95
C VAL C 176 -12.34 -4.95 20.73
N PRO C 177 -12.18 -3.68 21.17
CA PRO C 177 -11.02 -3.32 21.98
C PRO C 177 -10.83 -4.24 23.19
N SER C 178 -9.58 -4.66 23.44
CA SER C 178 -9.21 -5.63 24.51
C SER C 178 -9.60 -5.01 25.86
N LYS C 179 -9.19 -3.77 26.08
CA LYS C 179 -9.58 -2.96 27.25
C LYS C 179 -10.60 -1.94 26.77
N PRO C 180 -11.89 -2.03 27.14
CA PRO C 180 -12.93 -1.32 26.40
C PRO C 180 -12.83 0.19 26.68
N VAL C 181 -13.01 1.00 25.64
CA VAL C 181 -13.10 2.48 25.75
C VAL C 181 -14.56 2.83 26.05
N VAL C 182 -14.78 3.63 27.09
CA VAL C 182 -16.13 3.80 27.69
C VAL C 182 -16.49 5.27 27.54
N ILE C 183 -17.69 5.53 27.02
CA ILE C 183 -18.30 6.89 27.07
C ILE C 183 -18.81 7.07 28.50
N LEU C 184 -18.05 7.75 29.33
CA LEU C 184 -18.41 7.94 30.75
C LEU C 184 -19.74 8.71 30.84
N SER C 185 -19.85 9.85 30.16
CA SER C 185 -21.09 10.68 30.17
C SER C 185 -21.29 11.31 28.79
N ALA C 186 -22.54 11.59 28.42
CA ALA C 186 -22.88 12.23 27.13
C ALA C 186 -23.77 13.46 27.37
N LYS C 187 -23.13 14.61 27.55
CA LYS C 187 -23.72 15.91 27.96
C LYS C 187 -24.02 16.75 26.74
N VAL C 188 -25.16 17.43 26.66
CA VAL C 188 -25.59 18.13 25.42
C VAL C 188 -25.85 19.60 25.72
N LEU C 189 -25.51 20.46 24.76
CA LEU C 189 -25.69 21.94 24.87
C LEU C 189 -26.85 22.36 23.97
N GLY D 116 -80.39 -75.85 -29.43
CA GLY D 116 -79.42 -76.89 -28.95
C GLY D 116 -78.10 -76.28 -28.54
N LYS D 117 -77.16 -76.09 -29.48
CA LYS D 117 -75.80 -75.59 -29.18
C LYS D 117 -75.84 -74.08 -28.90
N GLU D 118 -76.75 -73.34 -29.54
CA GLU D 118 -76.79 -71.85 -29.46
C GLU D 118 -77.24 -71.42 -28.06
N LEU D 119 -78.06 -72.24 -27.38
CA LEU D 119 -78.59 -71.90 -26.03
C LEU D 119 -77.62 -72.41 -24.95
N LEU D 120 -76.52 -73.08 -25.32
CA LEU D 120 -75.54 -73.62 -24.33
C LEU D 120 -74.10 -73.17 -24.61
N GLU D 121 -73.82 -72.52 -25.75
CA GLU D 121 -72.43 -72.15 -26.13
C GLU D 121 -72.25 -70.63 -26.06
N LYS D 122 -73.05 -69.87 -26.79
CA LYS D 122 -72.91 -68.38 -26.81
C LYS D 122 -73.71 -67.76 -25.66
N VAL D 123 -74.50 -68.55 -24.94
CA VAL D 123 -75.19 -68.07 -23.70
C VAL D 123 -74.13 -67.86 -22.61
N GLU D 124 -73.20 -68.80 -22.47
CA GLU D 124 -72.10 -68.69 -21.46
C GLU D 124 -71.18 -67.52 -21.80
N LEU D 125 -71.23 -67.02 -23.03
CA LEU D 125 -70.45 -65.82 -23.44
C LEU D 125 -70.88 -64.62 -22.58
N THR D 126 -72.16 -64.49 -22.28
CA THR D 126 -72.68 -63.38 -21.45
C THR D 126 -72.03 -63.45 -20.06
N GLU D 127 -71.98 -64.64 -19.46
CA GLU D 127 -71.45 -64.83 -18.08
C GLU D 127 -69.94 -64.56 -18.07
N ASP D 128 -69.20 -65.10 -19.03
CA ASP D 128 -67.72 -64.92 -19.05
C ASP D 128 -67.40 -63.45 -19.36
N ASN D 129 -68.20 -62.81 -20.21
CA ASN D 129 -68.04 -61.36 -20.52
C ASN D 129 -68.29 -60.55 -19.24
N ALA D 130 -69.31 -60.92 -18.45
CA ALA D 130 -69.63 -60.22 -17.18
C ALA D 130 -68.46 -60.38 -16.21
N SER D 131 -67.87 -61.59 -16.12
CA SER D 131 -66.72 -61.86 -15.22
C SER D 131 -65.52 -61.00 -15.65
N ARG D 132 -65.23 -60.96 -16.95
CA ARG D 132 -64.09 -60.16 -17.49
C ARG D 132 -64.37 -58.67 -17.25
N LEU D 133 -65.63 -58.24 -17.38
CA LEU D 133 -66.04 -56.83 -17.14
C LEU D 133 -65.81 -56.48 -15.67
N GLU D 134 -66.14 -57.39 -14.76
CA GLU D 134 -65.92 -57.18 -13.30
C GLU D 134 -64.42 -57.07 -13.02
N GLU D 135 -63.61 -57.93 -13.64
CA GLU D 135 -62.14 -57.88 -13.47
C GLU D 135 -61.61 -56.54 -13.97
N PHE D 136 -62.07 -56.08 -15.13
CA PHE D 136 -61.63 -54.78 -15.72
C PHE D 136 -62.11 -53.63 -14.85
N SER D 137 -63.31 -53.74 -14.26
CA SER D 137 -63.84 -52.72 -13.32
C SER D 137 -62.92 -52.63 -12.11
N LYS D 138 -62.49 -53.77 -11.59
CA LYS D 138 -61.59 -53.82 -10.40
C LYS D 138 -60.26 -53.16 -10.78
N GLU D 139 -59.71 -53.48 -11.95
CA GLU D 139 -58.41 -52.93 -12.40
C GLU D 139 -58.55 -51.41 -12.58
N TRP D 140 -59.66 -50.97 -13.19
CA TRP D 140 -59.92 -49.54 -13.44
C TRP D 140 -60.04 -48.79 -12.11
N LYS D 141 -60.75 -49.36 -11.14
CA LYS D 141 -60.92 -48.71 -9.80
C LYS D 141 -59.58 -48.71 -9.07
N ASP D 142 -58.71 -49.67 -9.32
CA ASP D 142 -57.36 -49.71 -8.68
C ASP D 142 -56.47 -48.64 -9.29
N ALA D 143 -56.57 -48.39 -10.60
CA ALA D 143 -55.62 -47.50 -11.34
C ALA D 143 -56.12 -46.06 -11.36
N SER D 144 -57.42 -45.82 -11.49
CA SER D 144 -58.00 -44.46 -11.54
C SER D 144 -57.78 -43.75 -10.20
N ASP D 145 -57.96 -44.48 -9.09
CA ASP D 145 -57.80 -43.87 -7.75
C ASP D 145 -56.33 -43.52 -7.56
N LYS D 146 -55.43 -44.31 -8.12
CA LYS D 146 -53.98 -44.02 -8.08
C LYS D 146 -53.67 -42.79 -8.95
N TRP D 147 -54.29 -42.65 -10.11
CA TRP D 147 -54.02 -41.53 -11.05
C TRP D 147 -54.51 -40.23 -10.46
N ASN D 148 -55.71 -40.23 -9.89
CA ASN D 148 -56.38 -38.97 -9.45
C ASN D 148 -55.74 -38.50 -8.16
N ALA D 149 -55.00 -39.35 -7.45
CA ALA D 149 -54.31 -38.97 -6.20
C ALA D 149 -52.84 -38.65 -6.45
N MET D 150 -52.42 -38.56 -7.70
CA MET D 150 -50.98 -38.48 -8.08
C MET D 150 -50.64 -37.03 -8.33
N TRP D 151 -49.60 -36.54 -7.66
CA TRP D 151 -49.09 -35.16 -7.86
C TRP D 151 -47.95 -35.27 -8.83
N ALA D 152 -47.84 -34.34 -9.75
CA ALA D 152 -46.74 -34.32 -10.72
C ALA D 152 -46.12 -32.95 -10.79
N VAL D 153 -45.08 -32.84 -11.55
CA VAL D 153 -44.53 -31.55 -12.02
C VAL D 153 -45.28 -31.18 -13.28
N LYS D 154 -45.88 -30.00 -13.29
CA LYS D 154 -46.76 -29.53 -14.35
C LYS D 154 -45.95 -28.82 -15.40
N ILE D 155 -46.14 -29.20 -16.65
CA ILE D 155 -45.46 -28.54 -17.81
C ILE D 155 -46.42 -27.54 -18.44
N GLU D 156 -46.02 -26.30 -18.62
CA GLU D 156 -46.84 -25.26 -19.28
C GLU D 156 -46.13 -24.82 -20.54
N GLN D 157 -46.69 -23.88 -21.26
CA GLN D 157 -46.25 -23.49 -22.62
C GLN D 157 -46.16 -21.98 -22.72
N THR D 158 -45.15 -21.46 -23.39
CA THR D 158 -45.11 -20.04 -23.81
C THR D 158 -45.92 -19.92 -25.11
N LYS D 159 -46.08 -18.72 -25.65
CA LYS D 159 -46.77 -18.58 -26.96
C LYS D 159 -45.73 -18.75 -28.06
N ASP D 160 -44.85 -19.74 -27.92
CA ASP D 160 -43.80 -20.06 -28.95
C ASP D 160 -43.62 -21.57 -29.10
N GLY D 161 -44.20 -22.38 -28.19
CA GLY D 161 -44.03 -23.84 -28.15
C GLY D 161 -42.77 -24.23 -27.40
N LYS D 162 -42.65 -23.83 -26.13
CA LYS D 162 -41.37 -23.99 -25.40
C LYS D 162 -41.47 -25.00 -24.25
N HIS D 163 -42.60 -25.18 -23.59
CA HIS D 163 -42.80 -26.32 -22.68
C HIS D 163 -41.80 -26.26 -21.52
N TYR D 164 -41.99 -25.39 -20.57
CA TYR D 164 -41.14 -25.30 -19.38
C TYR D 164 -41.90 -25.92 -18.19
N VAL D 165 -41.24 -26.02 -17.05
CA VAL D 165 -41.78 -26.50 -15.77
C VAL D 165 -42.34 -25.27 -15.07
N ALA D 166 -43.63 -25.28 -14.76
CA ALA D 166 -44.34 -24.14 -14.18
C ALA D 166 -44.67 -24.42 -12.73
N GLY D 167 -44.57 -25.63 -12.23
CA GLY D 167 -44.81 -25.82 -10.80
C GLY D 167 -45.22 -27.23 -10.52
N ILE D 168 -45.88 -27.44 -9.39
CA ILE D 168 -46.27 -28.80 -8.97
C ILE D 168 -47.77 -28.80 -8.87
N GLY D 169 -48.45 -29.78 -9.42
CA GLY D 169 -49.91 -29.83 -9.29
C GLY D 169 -50.45 -31.22 -9.50
N LEU D 170 -51.71 -31.43 -9.17
CA LEU D 170 -52.39 -32.74 -9.38
C LEU D 170 -52.33 -33.11 -10.84
N SER D 171 -51.96 -34.35 -11.12
CA SER D 171 -51.67 -34.83 -12.50
C SER D 171 -52.93 -34.75 -13.36
N MET D 172 -54.08 -35.16 -12.86
CA MET D 172 -55.34 -35.20 -13.64
C MET D 172 -56.15 -33.94 -13.30
N GLU D 173 -55.57 -32.78 -13.56
CA GLU D 173 -56.27 -31.47 -13.38
C GLU D 173 -55.81 -30.53 -14.47
N ASP D 174 -56.21 -29.26 -14.42
CA ASP D 174 -55.78 -28.26 -15.42
C ASP D 174 -55.18 -27.01 -14.76
N THR D 175 -55.77 -26.51 -13.67
CA THR D 175 -55.39 -25.21 -13.04
C THR D 175 -55.53 -24.09 -14.09
N GLU D 176 -54.85 -22.96 -13.92
CA GLU D 176 -54.86 -21.84 -14.91
C GLU D 176 -53.45 -21.26 -15.06
N GLU D 177 -52.41 -22.07 -14.82
CA GLU D 177 -50.99 -21.64 -14.65
C GLU D 177 -50.87 -20.86 -13.33
N GLY D 178 -51.99 -20.53 -12.70
CA GLY D 178 -52.09 -19.95 -11.35
C GLY D 178 -52.54 -20.98 -10.33
N LYS D 179 -52.38 -20.68 -9.04
CA LYS D 179 -52.72 -21.59 -7.92
C LYS D 179 -51.91 -22.89 -8.01
N LEU D 180 -51.02 -23.03 -9.00
CA LEU D 180 -49.98 -24.08 -9.04
C LEU D 180 -49.09 -23.90 -7.82
N SER D 181 -48.81 -24.98 -7.10
CA SER D 181 -48.22 -24.88 -5.77
C SER D 181 -46.71 -24.87 -5.90
N GLN D 182 -46.14 -24.17 -6.90
CA GLN D 182 -44.69 -23.75 -6.87
C GLN D 182 -43.80 -24.99 -7.07
N PHE D 183 -42.64 -24.82 -7.66
CA PHE D 183 -41.76 -25.99 -7.93
C PHE D 183 -40.74 -26.05 -6.81
N LEU D 184 -41.07 -26.72 -5.71
CA LEU D 184 -40.16 -26.87 -4.56
C LEU D 184 -39.40 -28.17 -4.72
N VAL D 185 -38.11 -28.14 -4.47
CA VAL D 185 -37.18 -29.28 -4.53
C VAL D 185 -36.59 -29.34 -3.15
N ALA D 186 -36.25 -30.50 -2.66
CA ALA D 186 -35.81 -30.69 -1.26
C ALA D 186 -34.30 -30.48 -1.10
N ALA D 187 -33.59 -29.73 -1.92
CA ALA D 187 -32.25 -29.17 -1.52
C ALA D 187 -31.18 -30.23 -1.31
N ASN D 188 -31.30 -31.06 -0.29
CA ASN D 188 -30.40 -32.21 -0.09
C ASN D 188 -30.65 -33.33 -1.11
N ARG D 189 -31.67 -33.27 -1.96
CA ARG D 189 -32.01 -34.39 -2.86
C ARG D 189 -31.58 -34.07 -4.29
N ILE D 190 -31.33 -32.82 -4.63
CA ILE D 190 -30.97 -32.44 -6.01
C ILE D 190 -29.47 -32.62 -6.19
N ALA D 191 -29.04 -33.28 -7.25
CA ALA D 191 -27.64 -33.38 -7.69
C ALA D 191 -27.57 -33.36 -9.20
N PHE D 192 -26.39 -33.08 -9.75
CA PHE D 192 -26.19 -32.97 -11.21
C PHE D 192 -25.28 -34.10 -11.63
N ILE D 193 -25.59 -34.72 -12.76
CA ILE D 193 -24.85 -35.86 -13.29
C ILE D 193 -24.27 -35.50 -14.65
N ASP D 194 -23.23 -36.20 -15.03
CA ASP D 194 -22.77 -36.30 -16.44
C ASP D 194 -23.23 -37.65 -16.97
N PRO D 195 -24.22 -37.70 -17.89
CA PRO D 195 -24.74 -38.99 -18.36
C PRO D 195 -23.79 -39.71 -19.34
N ALA D 196 -22.47 -39.59 -19.13
CA ALA D 196 -21.42 -40.25 -19.91
C ALA D 196 -20.56 -41.12 -18.99
N ASN D 197 -20.10 -40.59 -17.86
CA ASN D 197 -19.29 -41.35 -16.88
C ASN D 197 -20.12 -41.73 -15.65
N GLY D 198 -21.18 -40.97 -15.35
CA GLY D 198 -22.09 -41.22 -14.22
C GLY D 198 -21.67 -40.48 -12.95
N ASN D 199 -20.74 -39.54 -13.03
CA ASN D 199 -20.30 -38.75 -11.86
C ASN D 199 -21.46 -37.90 -11.34
N GLU D 200 -21.75 -38.01 -10.06
CA GLU D 200 -22.86 -37.32 -9.37
C GLU D 200 -22.26 -36.17 -8.59
N THR D 201 -22.79 -34.98 -8.73
CA THR D 201 -22.31 -33.79 -8.00
C THR D 201 -23.47 -33.12 -7.30
N PRO D 202 -23.57 -33.14 -5.97
CA PRO D 202 -24.68 -32.47 -5.28
C PRO D 202 -24.71 -30.96 -5.52
N MET D 203 -25.90 -30.39 -5.57
CA MET D 203 -26.05 -28.93 -5.70
C MET D 203 -25.63 -28.18 -4.42
N PHE D 204 -25.97 -28.67 -3.25
CA PHE D 204 -25.80 -27.95 -1.98
C PHE D 204 -24.95 -28.79 -1.08
N VAL D 205 -24.20 -28.13 -0.21
CA VAL D 205 -23.42 -28.78 0.87
C VAL D 205 -23.93 -28.23 2.19
N ALA D 206 -24.27 -29.09 3.13
CA ALA D 206 -24.71 -28.68 4.47
C ALA D 206 -23.50 -28.19 5.27
N GLN D 207 -23.67 -27.10 6.01
CA GLN D 207 -22.64 -26.59 6.96
C GLN D 207 -23.36 -26.04 8.19
N GLY D 208 -23.54 -26.89 9.21
CA GLY D 208 -24.17 -26.51 10.50
C GLY D 208 -25.49 -25.78 10.30
N ASN D 209 -26.49 -26.50 9.77
CA ASN D 209 -27.86 -25.96 9.56
C ASN D 209 -27.83 -24.78 8.58
N GLN D 210 -26.76 -24.63 7.79
CA GLN D 210 -26.77 -23.67 6.67
C GLN D 210 -26.41 -24.44 5.40
N ILE D 211 -27.15 -24.15 4.34
CA ILE D 211 -27.02 -24.82 3.02
C ILE D 211 -26.32 -23.83 2.07
N PHE D 212 -25.20 -24.23 1.50
CA PHE D 212 -24.44 -23.45 0.49
C PHE D 212 -24.45 -24.21 -0.82
N MET D 213 -24.28 -23.53 -1.93
CA MET D 213 -23.94 -24.15 -3.22
C MET D 213 -22.61 -24.91 -3.18
N ASN D 214 -22.47 -25.91 -4.03
CA ASN D 214 -21.41 -26.93 -3.97
C ASN D 214 -20.04 -26.32 -4.20
N ASP D 215 -19.94 -25.15 -4.82
CA ASP D 215 -18.64 -24.45 -4.98
C ASP D 215 -17.60 -25.18 -5.81
N VAL D 216 -17.84 -26.39 -6.28
CA VAL D 216 -17.08 -27.00 -7.38
C VAL D 216 -17.56 -26.34 -8.67
N PHE D 217 -18.80 -25.85 -8.74
CA PHE D 217 -19.21 -24.83 -9.75
C PHE D 217 -18.76 -23.50 -9.17
N LEU D 218 -19.26 -22.38 -9.59
CA LEU D 218 -18.84 -21.14 -8.85
C LEU D 218 -17.36 -20.87 -9.07
N LYS D 219 -16.86 -21.13 -10.26
CA LYS D 219 -15.45 -21.00 -10.61
C LYS D 219 -15.23 -19.74 -11.42
N ARG D 220 -16.24 -18.93 -11.72
CA ARG D 220 -16.02 -17.78 -12.62
C ARG D 220 -17.04 -16.66 -12.34
N LEU D 221 -16.62 -15.51 -11.86
CA LEU D 221 -17.52 -14.37 -11.51
C LEU D 221 -17.17 -13.19 -12.40
N THR D 222 -18.13 -12.58 -13.05
CA THR D 222 -17.88 -11.46 -13.98
C THR D 222 -18.68 -10.24 -13.54
N ALA D 223 -17.99 -9.22 -13.07
CA ALA D 223 -18.52 -7.92 -12.64
C ALA D 223 -19.56 -8.13 -11.57
N PRO D 224 -19.29 -8.92 -10.51
CA PRO D 224 -20.22 -8.97 -9.39
C PRO D 224 -20.08 -7.79 -8.43
N THR D 225 -21.06 -7.64 -7.58
CA THR D 225 -21.01 -6.85 -6.33
C THR D 225 -20.71 -7.81 -5.21
N ILE D 226 -19.60 -7.62 -4.50
CA ILE D 226 -19.30 -8.36 -3.24
C ILE D 226 -19.23 -7.37 -2.10
N THR D 227 -19.91 -7.61 -0.99
CA THR D 227 -19.68 -6.89 0.29
C THR D 227 -19.50 -7.89 1.41
N SER D 228 -18.88 -7.52 2.52
CA SER D 228 -18.53 -8.37 3.64
C SER D 228 -19.65 -8.32 4.68
N GLY D 229 -19.43 -8.97 5.82
CA GLY D 229 -20.40 -9.04 6.91
C GLY D 229 -20.83 -7.70 7.49
N GLY D 230 -19.99 -6.98 8.23
CA GLY D 230 -20.48 -6.02 9.25
C GLY D 230 -21.37 -4.99 8.61
N ASN D 231 -22.03 -4.12 9.34
CA ASN D 231 -23.00 -3.29 8.59
C ASN D 231 -22.76 -1.81 8.74
N PRO D 232 -21.54 -1.27 8.88
CA PRO D 232 -20.80 -0.67 7.75
C PRO D 232 -19.80 -1.74 7.30
N PRO D 233 -19.84 -2.23 6.04
CA PRO D 233 -18.94 -3.31 5.63
C PRO D 233 -17.46 -2.88 5.60
N ALA D 234 -16.55 -3.72 6.03
CA ALA D 234 -15.10 -3.54 5.78
C ALA D 234 -14.72 -3.81 4.33
N PHE D 235 -15.25 -4.81 3.64
CA PHE D 235 -14.82 -5.13 2.26
C PHE D 235 -15.95 -4.77 1.33
N SER D 236 -15.64 -4.29 0.14
CA SER D 236 -16.65 -4.00 -0.89
C SER D 236 -16.01 -4.05 -2.28
N LEU D 237 -16.65 -4.69 -3.22
CA LEU D 237 -16.18 -4.78 -4.63
C LEU D 237 -17.35 -4.35 -5.49
N THR D 238 -17.26 -3.18 -6.05
CA THR D 238 -18.31 -2.59 -6.91
C THR D 238 -18.24 -3.26 -8.25
N PRO D 239 -19.35 -3.49 -8.95
CA PRO D 239 -19.34 -4.17 -10.25
C PRO D 239 -18.54 -3.51 -11.38
N ASP D 240 -18.26 -2.24 -11.24
CA ASP D 240 -17.41 -1.48 -12.19
C ASP D 240 -15.94 -1.51 -11.82
N GLY D 241 -15.57 -2.10 -10.67
CA GLY D 241 -14.20 -2.56 -10.39
C GLY D 241 -13.54 -1.77 -9.28
N LYS D 242 -14.25 -0.78 -8.71
CA LYS D 242 -13.79 -0.08 -7.48
C LYS D 242 -13.73 -1.10 -6.34
N LEU D 243 -12.60 -1.18 -5.67
CA LEU D 243 -12.37 -2.13 -4.57
C LEU D 243 -12.11 -1.35 -3.30
N THR D 244 -12.78 -1.72 -2.21
CA THR D 244 -12.52 -1.15 -0.88
C THR D 244 -12.24 -2.30 0.05
N ALA D 245 -11.12 -2.22 0.76
CA ALA D 245 -10.71 -3.33 1.62
C ALA D 245 -10.79 -2.87 3.06
N LYS D 246 -10.04 -1.86 3.44
CA LYS D 246 -10.32 -1.21 4.76
C LYS D 246 -10.06 -2.11 5.96
N ASN D 247 -9.61 -3.32 5.82
CA ASN D 247 -9.20 -4.18 6.93
C ASN D 247 -8.23 -5.23 6.35
N ALA D 248 -7.38 -4.79 5.45
CA ALA D 248 -6.62 -5.64 4.54
C ALA D 248 -5.25 -5.94 5.14
N ASP D 249 -4.43 -6.64 4.36
CA ASP D 249 -3.11 -7.27 4.67
C ASP D 249 -2.53 -7.61 3.31
N ILE D 250 -1.86 -6.68 2.63
CA ILE D 250 -1.43 -6.79 1.22
C ILE D 250 0.09 -7.03 1.18
N SER D 251 0.61 -7.75 0.17
CA SER D 251 2.02 -7.80 -0.27
C SER D 251 2.14 -7.67 -1.80
N GLY D 252 3.11 -6.88 -2.30
CA GLY D 252 3.61 -6.82 -3.68
C GLY D 252 3.16 -5.57 -4.40
N SER D 253 4.00 -4.78 -5.04
CA SER D 253 3.61 -3.84 -6.14
C SER D 253 2.44 -2.96 -5.72
N VAL D 254 2.66 -2.02 -4.83
CA VAL D 254 1.64 -0.98 -4.47
C VAL D 254 1.92 0.30 -5.24
N ASN D 255 0.99 0.91 -5.95
CA ASN D 255 1.18 2.23 -6.59
C ASN D 255 0.18 3.23 -6.02
N ALA D 256 0.42 3.78 -4.83
CA ALA D 256 -0.47 4.76 -4.14
C ALA D 256 -0.53 6.11 -4.89
N ASN D 257 -1.72 6.71 -4.93
CA ASN D 257 -1.93 8.06 -5.48
C ASN D 257 -2.31 9.01 -4.35
N SER D 258 -2.59 8.49 -3.16
CA SER D 258 -2.97 9.27 -1.96
C SER D 258 -2.99 8.35 -0.76
N GLY D 259 -3.29 8.88 0.43
CA GLY D 259 -3.25 8.09 1.67
C GLY D 259 -2.13 8.53 2.60
N THR D 260 -1.66 7.62 3.44
CA THR D 260 -0.84 7.91 4.63
C THR D 260 -0.25 6.61 5.13
N LEU D 261 1.06 6.57 5.40
CA LEU D 261 1.71 5.47 6.14
C LEU D 261 1.74 5.84 7.63
N SER D 262 1.69 4.88 8.54
CA SER D 262 1.61 5.15 10.00
C SER D 262 2.76 4.47 10.73
N ASN D 263 3.04 3.21 10.52
CA ASN D 263 4.18 2.58 11.27
C ASN D 263 5.01 1.74 10.32
N VAL D 264 5.28 2.29 9.14
CA VAL D 264 5.90 1.52 8.03
C VAL D 264 7.41 1.69 8.14
N THR D 265 8.14 0.61 7.93
CA THR D 265 9.60 0.65 7.82
C THR D 265 9.97 0.83 6.36
N ILE D 266 10.32 2.05 5.94
CA ILE D 266 10.84 2.31 4.57
C ILE D 266 12.25 1.74 4.49
N ALA D 267 12.53 0.87 3.53
CA ALA D 267 13.83 0.17 3.40
C ALA D 267 14.89 1.10 2.79
N GLU D 268 16.14 0.63 2.75
CA GLU D 268 17.33 1.38 2.27
C GLU D 268 17.20 1.58 0.77
N ASN D 269 16.73 0.57 0.05
CA ASN D 269 16.65 0.59 -1.44
C ASN D 269 15.39 1.33 -1.91
N CYS D 270 14.64 1.99 -1.04
CA CYS D 270 13.51 2.86 -1.44
C CYS D 270 14.05 4.25 -1.78
N THR D 271 13.83 4.72 -3.02
CA THR D 271 14.17 6.08 -3.47
C THR D 271 13.30 7.10 -2.74
N ILE D 272 13.90 8.10 -2.11
CA ILE D 272 13.15 9.05 -1.26
C ILE D 272 13.23 10.45 -1.86
N ASN D 273 13.21 10.57 -3.20
CA ASN D 273 12.98 11.85 -3.93
C ASN D 273 12.00 12.74 -3.15
N GLY D 274 12.34 14.01 -2.99
CA GLY D 274 11.63 14.94 -2.10
C GLY D 274 12.57 15.58 -1.10
N THR D 275 12.13 16.65 -0.47
CA THR D 275 12.97 17.45 0.47
C THR D 275 12.63 17.12 1.92
N LEU D 276 13.54 17.47 2.82
CA LEU D 276 13.33 17.45 4.28
C LEU D 276 13.74 18.80 4.87
N ARG D 277 13.26 19.12 6.06
CA ARG D 277 13.66 20.38 6.74
C ARG D 277 15.07 20.26 7.30
N ALA D 278 15.74 21.39 7.55
CA ALA D 278 17.04 21.44 8.25
C ALA D 278 16.85 20.86 9.66
N GLU D 279 15.77 21.24 10.35
CA GLU D 279 15.36 20.58 11.62
C GLU D 279 14.87 19.20 11.24
N LYS D 280 14.38 18.39 12.17
CA LYS D 280 14.03 17.00 11.81
C LYS D 280 15.31 16.27 11.35
N ILE D 281 16.49 16.72 11.79
CA ILE D 281 17.76 15.98 11.65
C ILE D 281 18.29 15.77 13.05
N VAL D 282 18.54 14.52 13.45
CA VAL D 282 18.81 14.20 14.87
C VAL D 282 20.18 14.78 15.25
N GLY D 283 21.19 14.58 14.39
CA GLY D 283 22.55 15.06 14.68
C GLY D 283 22.70 16.57 14.49
N ASP D 284 23.85 17.12 14.87
CA ASP D 284 24.10 18.58 14.89
C ASP D 284 24.86 19.02 13.63
N ILE D 285 25.75 18.21 13.09
CA ILE D 285 26.48 18.58 11.84
C ILE D 285 27.45 19.75 12.11
N VAL D 286 27.01 20.79 12.79
CA VAL D 286 27.88 21.93 13.15
C VAL D 286 27.30 22.56 14.41
N LYS D 287 28.15 22.95 15.35
CA LYS D 287 27.75 23.74 16.53
C LYS D 287 28.83 24.76 16.79
N ALA D 288 28.57 25.73 17.63
CA ALA D 288 29.51 26.82 17.89
C ALA D 288 29.29 27.30 19.30
N ALA D 289 30.32 27.85 19.92
CA ALA D 289 30.23 28.41 21.27
C ALA D 289 31.41 29.33 21.48
N SER D 290 31.31 30.26 22.38
CA SER D 290 32.31 31.33 22.51
C SER D 290 32.16 31.97 23.89
N ALA D 291 33.28 32.46 24.41
CA ALA D 291 33.29 33.27 25.62
C ALA D 291 34.56 34.07 25.67
N ALA D 292 34.55 35.24 26.29
CA ALA D 292 35.77 36.05 26.52
C ALA D 292 36.44 35.65 27.83
N PHE D 293 37.74 35.83 27.92
CA PHE D 293 38.50 35.57 29.17
C PHE D 293 38.02 36.56 30.24
N PRO D 294 37.82 36.12 31.49
CA PRO D 294 37.71 37.02 32.64
C PRO D 294 38.75 38.13 32.64
N ARG D 295 38.30 39.34 32.95
CA ARG D 295 39.17 40.53 33.02
C ARG D 295 39.33 40.96 34.48
N GLN D 296 40.58 41.01 34.97
CA GLN D 296 40.91 41.60 36.29
C GLN D 296 41.39 43.02 36.07
N ARG D 297 40.81 43.96 36.80
CA ARG D 297 41.09 45.40 36.61
C ARG D 297 41.58 46.01 37.92
N GLU D 298 42.43 47.03 37.80
CA GLU D 298 42.85 47.90 38.93
C GLU D 298 42.96 49.32 38.41
N SER D 299 42.72 50.30 39.29
CA SER D 299 42.66 51.74 38.93
C SER D 299 41.63 51.93 37.81
N SER D 300 42.10 52.10 36.57
CA SER D 300 41.22 52.39 35.40
C SER D 300 41.63 51.55 34.19
N VAL D 301 42.39 50.48 34.40
CA VAL D 301 42.89 49.62 33.28
C VAL D 301 42.56 48.17 33.61
N ASP D 302 42.14 47.42 32.61
CA ASP D 302 41.81 45.98 32.75
C ASP D 302 42.67 45.18 31.78
N TRP D 303 42.98 43.95 32.18
CA TRP D 303 43.72 42.99 31.34
C TRP D 303 43.04 41.64 31.49
N PRO D 304 43.17 40.74 30.49
CA PRO D 304 42.51 39.45 30.55
C PRO D 304 43.37 38.46 31.33
N SER D 305 42.74 37.72 32.24
CA SER D 305 43.41 36.63 32.98
C SER D 305 42.36 35.78 33.67
N GLY D 306 42.44 34.47 33.51
CA GLY D 306 41.43 33.57 34.03
C GLY D 306 41.38 32.29 33.25
N THR D 307 40.31 31.53 33.43
CA THR D 307 40.13 30.21 32.81
C THR D 307 38.79 30.19 32.10
N ARG D 308 38.76 29.69 30.86
CA ARG D 308 37.53 29.38 30.14
C ARG D 308 37.55 27.90 29.84
N THR D 309 36.52 27.19 30.23
CA THR D 309 36.47 25.73 30.11
C THR D 309 35.43 25.40 29.07
N VAL D 310 35.78 24.64 28.06
CA VAL D 310 34.84 24.28 26.96
C VAL D 310 34.63 22.78 27.04
N THR D 311 33.40 22.35 27.23
CA THR D 311 33.10 20.93 27.44
C THR D 311 32.14 20.50 26.35
N VAL D 312 32.49 19.45 25.63
CA VAL D 312 31.61 18.90 24.57
C VAL D 312 31.12 17.55 25.07
N THR D 313 29.83 17.45 25.33
CA THR D 313 29.19 16.20 25.76
C THR D 313 29.29 15.17 24.65
N ASP D 314 29.65 13.95 25.00
CA ASP D 314 29.79 12.84 24.03
C ASP D 314 28.41 12.22 23.84
N ASP D 315 27.55 12.86 23.05
CA ASP D 315 26.14 12.45 22.88
C ASP D 315 25.80 12.28 21.40
N HIS D 316 26.76 11.86 20.59
CA HIS D 316 26.56 11.71 19.13
C HIS D 316 27.08 10.35 18.69
N PRO D 317 26.43 9.71 17.70
CA PRO D 317 26.93 8.44 17.19
C PRO D 317 28.17 8.53 16.29
N PHE D 318 28.51 9.70 15.74
CA PHE D 318 29.61 9.80 14.74
C PHE D 318 30.78 10.59 15.32
N ASP D 319 31.94 10.41 14.69
CA ASP D 319 33.18 11.19 15.00
C ASP D 319 32.94 12.66 14.71
N ARG D 320 33.56 13.52 15.50
CA ARG D 320 33.43 14.98 15.41
C ARG D 320 34.78 15.61 15.56
N GLN D 321 34.88 16.85 15.11
CA GLN D 321 36.11 17.67 15.19
C GLN D 321 35.76 18.93 15.97
N ILE D 322 36.58 19.28 16.94
CA ILE D 322 36.43 20.56 17.67
C ILE D 322 37.41 21.55 17.06
N VAL D 323 36.94 22.43 16.22
CA VAL D 323 37.76 23.45 15.51
C VAL D 323 37.88 24.67 16.40
N VAL D 324 39.03 24.97 16.88
CA VAL D 324 39.25 26.13 17.74
C VAL D 324 39.70 27.24 16.82
N LEU D 325 38.85 28.22 16.57
CA LEU D 325 39.15 29.26 15.57
C LEU D 325 40.27 30.09 16.12
N PRO D 326 41.08 30.78 15.29
CA PRO D 326 42.33 31.33 15.77
C PRO D 326 42.17 32.19 17.02
N LEU D 327 43.02 32.01 18.02
CA LEU D 327 42.94 32.78 19.29
C LEU D 327 44.21 33.56 19.43
N THR D 328 44.15 34.87 19.34
CA THR D 328 45.36 35.75 19.30
C THR D 328 45.58 36.33 20.69
N PHE D 329 46.78 36.21 21.22
CA PHE D 329 47.12 36.86 22.51
C PHE D 329 48.48 37.49 22.39
N ARG D 330 48.67 38.59 23.07
CA ARG D 330 49.97 39.30 23.07
C ARG D 330 50.13 40.03 24.39
N GLY D 331 51.36 40.44 24.68
CA GLY D 331 51.68 41.28 25.85
C GLY D 331 51.93 42.70 25.42
N SER D 332 52.89 43.37 26.04
CA SER D 332 53.26 44.75 25.67
C SER D 332 54.69 45.03 26.14
N LYS D 333 55.25 46.12 25.62
CA LYS D 333 56.60 46.58 26.01
C LYS D 333 56.54 48.09 26.23
N ARG D 334 57.11 48.52 27.36
CA ARG D 334 57.26 49.96 27.68
C ARG D 334 58.71 50.23 28.03
N THR D 335 59.25 51.32 27.49
CA THR D 335 60.65 51.75 27.74
C THR D 335 60.62 53.12 28.42
N VAL D 336 61.09 53.19 29.66
CA VAL D 336 61.16 54.45 30.45
C VAL D 336 62.59 54.61 30.97
N SER D 337 63.20 55.75 30.67
CA SER D 337 64.57 56.10 31.14
C SER D 337 65.57 55.02 30.70
N GLY D 338 65.36 54.44 29.52
CA GLY D 338 66.22 53.39 28.94
C GLY D 338 65.97 52.02 29.55
N ARG D 339 65.00 51.89 30.46
CA ARG D 339 64.63 50.58 31.07
C ARG D 339 63.40 50.04 30.33
N THR D 340 63.52 48.84 29.75
CA THR D 340 62.42 48.17 29.03
C THR D 340 61.74 47.18 29.97
N THR D 341 60.44 47.34 30.16
CA THR D 341 59.61 46.43 30.98
C THR D 341 58.72 45.59 30.06
N TYR D 342 58.81 44.28 30.18
CA TYR D 342 58.02 43.32 29.37
C TYR D 342 56.78 42.90 30.18
N SER D 343 55.61 43.20 29.64
CA SER D 343 54.31 42.67 30.14
C SER D 343 54.04 41.36 29.41
N MET D 344 54.09 40.25 30.12
CA MET D 344 54.03 38.91 29.48
C MET D 344 52.57 38.43 29.44
N CYS D 345 52.25 37.62 28.43
CA CYS D 345 50.94 36.94 28.31
C CYS D 345 51.20 35.44 28.10
N TYR D 346 50.51 34.59 28.85
CA TYR D 346 50.68 33.13 28.77
C TYR D 346 49.32 32.50 28.56
N LEU D 347 49.22 31.62 27.57
CA LEU D 347 48.00 30.85 27.30
C LEU D 347 48.42 29.41 27.42
N LYS D 348 47.67 28.66 28.20
CA LYS D 348 47.96 27.24 28.45
C LYS D 348 46.66 26.52 28.17
N VAL D 349 46.63 25.65 27.18
CA VAL D 349 45.38 24.95 26.80
C VAL D 349 45.54 23.50 27.24
N LEU D 350 44.58 22.98 27.96
CA LEU D 350 44.57 21.57 28.44
C LEU D 350 43.44 20.82 27.74
N MET D 351 43.73 19.65 27.20
CA MET D 351 42.71 18.75 26.62
C MET D 351 42.58 17.58 27.59
N ASN D 352 41.44 17.49 28.29
CA ASN D 352 41.18 16.42 29.28
C ASN D 352 42.33 16.36 30.28
N GLY D 353 42.81 17.54 30.70
CA GLY D 353 43.93 17.70 31.66
C GLY D 353 45.30 17.60 31.00
N ALA D 354 45.43 17.13 29.76
CA ALA D 354 46.74 17.02 29.06
C ALA D 354 47.04 18.31 28.30
N VAL D 355 48.23 18.87 28.49
CA VAL D 355 48.61 20.17 27.87
C VAL D 355 48.89 19.95 26.38
N ILE D 356 48.14 20.65 25.53
CA ILE D 356 48.31 20.58 24.06
C ILE D 356 48.86 21.89 23.57
N TYR D 357 48.90 22.94 24.37
CA TYR D 357 49.49 24.22 23.93
C TYR D 357 50.09 24.95 25.13
N ASP D 358 51.14 25.72 24.89
CA ASP D 358 51.75 26.58 25.93
C ASP D 358 52.49 27.69 25.20
N GLY D 359 52.07 28.93 25.40
CA GLY D 359 52.62 30.06 24.65
C GLY D 359 52.95 31.24 25.53
N ALA D 360 53.99 31.96 25.18
CA ALA D 360 54.42 33.18 25.87
C ALA D 360 54.54 34.29 24.84
N ALA D 361 53.86 35.41 25.07
CA ALA D 361 53.85 36.55 24.13
C ALA D 361 54.31 37.80 24.87
N ASN D 362 55.22 38.55 24.26
CA ASN D 362 55.90 39.69 24.92
C ASN D 362 55.38 41.00 24.34
N GLU D 363 55.57 41.25 23.05
CA GLU D 363 54.89 42.39 22.37
C GLU D 363 54.41 41.94 20.98
N ALA D 364 54.95 40.84 20.46
CA ALA D 364 54.57 40.27 19.16
C ALA D 364 53.56 39.17 19.40
N VAL D 365 52.53 39.09 18.58
CA VAL D 365 51.33 38.30 18.94
C VAL D 365 51.65 36.83 18.71
N GLN D 366 51.00 35.95 19.47
CA GLN D 366 50.97 34.51 19.17
C GLN D 366 49.53 34.15 18.85
N VAL D 367 49.30 33.11 18.06
CA VAL D 367 47.93 32.69 17.68
C VAL D 367 47.82 31.21 17.98
N PHE D 368 46.87 30.78 18.78
CA PHE D 368 46.56 29.36 19.02
C PHE D 368 45.37 28.98 18.13
N SER D 369 45.44 27.91 17.39
CA SER D 369 44.28 27.35 16.66
C SER D 369 44.53 25.87 16.59
N ARG D 370 43.49 25.05 16.57
CA ARG D 370 43.71 23.61 16.60
C ARG D 370 42.43 22.98 16.14
N ILE D 371 42.52 21.77 15.64
CA ILE D 371 41.34 20.94 15.34
C ILE D 371 41.52 19.73 16.23
N VAL D 372 40.81 19.66 17.34
CA VAL D 372 40.85 18.52 18.27
C VAL D 372 39.81 17.50 17.85
N ASP D 373 40.24 16.27 17.58
CA ASP D 373 39.37 15.15 17.15
C ASP D 373 38.53 14.68 18.34
N MET D 374 37.25 14.47 18.12
CA MET D 374 36.32 13.98 19.16
C MET D 374 35.67 12.69 18.68
N PRO D 375 36.25 11.51 19.05
CA PRO D 375 35.67 10.24 18.63
C PRO D 375 34.38 9.93 19.44
N ALA D 376 33.51 9.13 18.83
CA ALA D 376 32.21 8.73 19.43
C ALA D 376 32.46 7.60 20.45
N GLY D 377 31.94 7.75 21.67
CA GLY D 377 32.00 6.74 22.73
C GLY D 377 33.22 6.88 23.64
N ARG D 378 34.15 7.78 23.33
CA ARG D 378 35.39 7.94 24.14
C ARG D 378 35.14 8.78 25.40
N GLY D 379 34.01 9.48 25.50
CA GLY D 379 33.67 10.33 26.65
C GLY D 379 33.75 11.83 26.34
N ASN D 380 33.34 12.64 27.30
CA ASN D 380 33.29 14.12 27.18
C ASN D 380 34.70 14.68 26.97
N VAL D 381 34.82 15.69 26.09
CA VAL D 381 36.10 16.38 25.83
C VAL D 381 36.04 17.72 26.54
N ILE D 382 37.03 18.02 27.35
CA ILE D 382 37.05 19.26 28.17
C ILE D 382 38.31 20.01 27.77
N LEU D 383 38.14 21.22 27.26
CA LEU D 383 39.25 22.08 26.82
C LEU D 383 39.34 23.25 27.78
N THR D 384 40.51 23.46 28.35
CA THR D 384 40.71 24.48 29.39
C THR D 384 41.67 25.53 28.85
N PHE D 385 41.21 26.76 28.77
CA PHE D 385 42.00 27.90 28.25
C PHE D 385 42.38 28.75 29.44
N THR D 386 43.65 28.76 29.81
CA THR D 386 44.11 29.47 31.02
C THR D 386 45.00 30.62 30.61
N LEU D 387 44.59 31.85 30.92
CA LEU D 387 45.42 33.03 30.59
C LEU D 387 45.98 33.66 31.85
N THR D 388 47.28 33.92 31.87
CA THR D 388 47.97 34.58 33.00
C THR D 388 48.72 35.76 32.42
N SER D 389 48.53 36.93 33.02
CA SER D 389 49.17 38.18 32.59
C SER D 389 50.13 38.64 33.70
N THR D 390 51.33 39.04 33.33
CA THR D 390 52.37 39.48 34.29
C THR D 390 52.53 40.98 34.16
N ARG D 391 52.66 41.67 35.30
CA ARG D 391 52.72 43.14 35.33
C ARG D 391 54.05 43.61 34.73
N HIS D 392 54.08 44.85 34.23
CA HIS D 392 55.31 45.53 33.74
C HIS D 392 56.33 45.58 34.87
N SER D 393 55.90 45.96 36.08
CA SER D 393 56.78 46.09 37.26
C SER D 393 55.97 45.76 38.53
N ALA D 394 56.48 46.13 39.70
CA ALA D 394 55.79 45.94 40.99
C ALA D 394 54.61 46.91 41.11
N ASP D 395 54.57 47.95 40.26
CA ASP D 395 53.54 49.03 40.36
C ASP D 395 52.65 49.06 39.12
N ILE D 396 53.24 48.97 37.92
CA ILE D 396 52.47 49.13 36.65
C ILE D 396 51.64 47.87 36.44
N PRO D 397 50.32 48.01 36.19
CA PRO D 397 49.48 46.87 35.84
C PRO D 397 49.89 46.32 34.48
N PRO D 398 49.65 45.02 34.20
CA PRO D 398 49.99 44.46 32.89
C PRO D 398 49.10 45.02 31.78
N TYR D 399 49.66 45.12 30.57
CA TYR D 399 48.93 45.54 29.35
C TYR D 399 48.96 44.37 28.36
N THR D 400 48.05 43.44 28.51
CA THR D 400 48.00 42.23 27.66
C THR D 400 46.66 42.17 26.95
N PHE D 401 46.61 41.44 25.85
CA PHE D 401 45.38 41.28 25.04
C PHE D 401 45.20 39.80 24.73
N ALA D 402 43.97 39.32 24.73
CA ALA D 402 43.65 37.95 24.29
C ALA D 402 42.25 37.90 23.75
N SER D 403 42.07 37.36 22.53
CA SER D 403 40.78 37.41 21.79
C SER D 403 39.85 36.36 22.41
N ASP D 404 38.57 36.37 22.11
CA ASP D 404 37.62 35.45 22.78
C ASP D 404 37.98 34.03 22.38
N VAL D 405 37.39 33.04 23.03
CA VAL D 405 37.56 31.61 22.69
C VAL D 405 36.39 31.26 21.82
N GLN D 406 36.52 31.13 20.52
CA GLN D 406 35.42 30.60 19.69
C GLN D 406 35.78 29.19 19.29
N VAL D 407 34.82 28.31 19.34
CA VAL D 407 34.99 26.85 19.07
C VAL D 407 33.84 26.41 18.20
N MET D 408 34.07 25.53 17.25
CA MET D 408 32.99 24.94 16.41
C MET D 408 33.21 23.43 16.34
N VAL D 409 32.17 22.65 16.60
CA VAL D 409 32.22 21.18 16.55
C VAL D 409 31.53 20.73 15.27
N ILE D 410 32.24 20.00 14.45
CA ILE D 410 31.77 19.62 13.08
C ILE D 410 31.59 18.10 13.08
N LYS D 411 30.95 17.58 12.06
CA LYS D 411 30.66 16.16 11.84
C LYS D 411 31.91 15.39 11.41
N LYS D 412 33.06 15.97 11.14
CA LYS D 412 34.31 15.16 10.98
C LYS D 412 34.17 14.18 9.81
N GLN D 413 34.19 14.72 8.61
CA GLN D 413 34.42 13.94 7.39
C GLN D 413 35.90 14.01 7.05
N ALA D 414 36.56 12.88 6.85
CA ALA D 414 38.00 12.83 6.47
C ALA D 414 38.19 12.53 4.98
N LEU D 415 37.12 12.52 4.17
CA LEU D 415 37.16 12.11 2.75
C LEU D 415 37.80 13.23 1.92
N GLY D 416 37.35 13.47 0.70
CA GLY D 416 38.11 14.21 -0.32
C GLY D 416 38.51 15.62 0.10
N ILE D 417 39.32 15.76 1.14
CA ILE D 417 40.04 17.01 1.51
C ILE D 417 41.33 16.57 2.15
N SER D 418 42.47 16.83 1.54
CA SER D 418 43.77 16.37 2.07
C SER D 418 44.66 17.58 2.39
N VAL D 419 45.51 17.46 3.39
CA VAL D 419 46.58 18.46 3.65
C VAL D 419 47.93 17.73 3.64
N VAL D 420 49.02 18.46 3.39
CA VAL D 420 50.42 17.95 3.38
C VAL D 420 50.58 16.97 2.20
N HIS E 30 18.22 -29.40 16.86
CA HIS E 30 18.53 -28.32 15.87
C HIS E 30 18.75 -28.93 14.49
N VAL E 31 18.27 -28.23 13.47
CA VAL E 31 18.40 -28.71 12.08
C VAL E 31 18.98 -27.56 11.27
N LEU E 32 19.91 -27.90 10.38
CA LEU E 32 20.50 -26.94 9.42
C LEU E 32 20.11 -27.39 8.01
N LEU E 33 19.48 -26.49 7.25
CA LEU E 33 19.28 -26.68 5.80
C LEU E 33 20.43 -25.94 5.11
N THR E 34 21.41 -26.68 4.59
CA THR E 34 22.56 -26.12 3.83
C THR E 34 22.11 -25.92 2.38
N THR E 35 21.75 -24.70 2.00
CA THR E 35 21.26 -24.37 0.64
C THR E 35 22.36 -23.70 -0.19
N SER E 36 22.13 -23.52 -1.49
CA SER E 36 23.02 -22.76 -2.40
C SER E 36 23.07 -21.29 -1.96
N ALA E 37 22.07 -20.80 -1.24
CA ALA E 37 22.02 -19.39 -0.80
C ALA E 37 22.79 -19.20 0.51
N GLY E 38 22.96 -20.25 1.31
CA GLY E 38 23.59 -20.15 2.65
C GLY E 38 23.08 -21.22 3.60
N ASN E 39 23.09 -20.93 4.91
CA ASN E 39 22.75 -21.91 5.96
C ASN E 39 21.58 -21.36 6.78
N ILE E 40 20.60 -22.22 7.09
CA ILE E 40 19.40 -21.83 7.88
C ILE E 40 19.32 -22.71 9.11
N GLU E 41 19.67 -22.17 10.27
CA GLU E 41 19.52 -22.86 11.57
C GLU E 41 18.06 -22.74 11.99
N LEU E 42 17.44 -23.87 12.33
CA LEU E 42 16.00 -23.93 12.71
C LEU E 42 15.87 -24.60 14.06
N GLU E 43 15.21 -23.95 14.99
CA GLU E 43 14.92 -24.54 16.30
C GLU E 43 13.52 -25.15 16.22
N LEU E 44 13.43 -26.43 16.53
CA LEU E 44 12.16 -27.19 16.45
C LEU E 44 11.35 -27.02 17.73
N ASP E 45 10.10 -26.57 17.63
CA ASP E 45 9.19 -26.45 18.79
C ASP E 45 8.67 -27.84 19.15
N LYS E 46 9.52 -28.70 19.73
CA LYS E 46 9.21 -30.16 19.89
C LYS E 46 8.12 -30.41 20.92
N GLN E 47 7.80 -29.45 21.78
CA GLN E 47 6.88 -29.65 22.94
C GLN E 47 5.43 -29.36 22.53
N LYS E 48 5.20 -28.53 21.53
CA LYS E 48 3.86 -28.07 21.13
C LYS E 48 3.37 -28.90 19.94
N ALA E 49 4.28 -29.37 19.07
CA ALA E 49 3.92 -30.18 17.89
C ALA E 49 4.80 -31.42 17.86
N PRO E 50 4.51 -32.43 18.70
CA PRO E 50 5.41 -33.58 18.82
C PRO E 50 5.39 -34.48 17.57
N VAL E 51 4.21 -34.74 17.01
CA VAL E 51 4.10 -35.64 15.83
C VAL E 51 4.65 -34.91 14.58
N SER E 52 4.35 -33.64 14.38
CA SER E 52 4.86 -32.88 13.22
C SER E 52 6.37 -32.86 13.31
N VAL E 53 6.93 -32.58 14.48
CA VAL E 53 8.38 -32.43 14.59
C VAL E 53 9.02 -33.82 14.48
N GLN E 54 8.35 -34.86 14.94
CA GLN E 54 8.87 -36.25 14.75
C GLN E 54 8.96 -36.53 13.24
N ASN E 55 7.90 -36.23 12.48
CA ASN E 55 7.80 -36.47 11.02
C ASN E 55 8.90 -35.66 10.33
N PHE E 56 9.06 -34.39 10.68
CA PHE E 56 10.05 -33.47 10.05
C PHE E 56 11.43 -34.02 10.35
N VAL E 57 11.72 -34.40 11.59
CA VAL E 57 13.07 -34.91 11.93
C VAL E 57 13.29 -36.24 11.24
N ASP E 58 12.27 -37.10 11.09
CA ASP E 58 12.46 -38.38 10.33
C ASP E 58 12.79 -38.12 8.86
N TYR E 59 12.15 -37.15 8.23
CA TYR E 59 12.48 -36.76 6.84
C TYR E 59 13.91 -36.24 6.81
N VAL E 60 14.30 -35.32 7.68
CA VAL E 60 15.62 -34.63 7.60
C VAL E 60 16.72 -35.64 7.97
N ASN E 61 16.45 -36.57 8.89
CA ASN E 61 17.42 -37.64 9.30
C ASN E 61 17.71 -38.57 8.11
N SER E 62 16.70 -39.08 7.42
CA SER E 62 16.87 -40.03 6.28
C SER E 62 16.98 -39.27 4.96
N GLY E 63 17.84 -38.24 4.90
CA GLY E 63 18.21 -37.51 3.68
C GLY E 63 17.09 -37.32 2.66
N PHE E 64 15.88 -36.99 3.09
CA PHE E 64 14.77 -36.79 2.13
C PHE E 64 14.90 -35.42 1.47
N TYR E 65 15.32 -34.41 2.22
CA TYR E 65 15.28 -33.02 1.71
C TYR E 65 16.59 -32.71 1.01
N ASN E 66 17.52 -33.67 0.93
CA ASN E 66 18.77 -33.51 0.14
C ASN E 66 18.42 -33.30 -1.33
N ASN E 67 18.95 -32.24 -1.92
CA ASN E 67 18.77 -31.99 -3.37
C ASN E 67 17.29 -31.76 -3.65
N THR E 68 16.64 -30.89 -2.88
CA THR E 68 15.22 -30.55 -3.07
C THR E 68 15.13 -29.04 -3.10
N THR E 69 14.24 -28.51 -3.90
CA THR E 69 14.20 -27.05 -4.19
C THR E 69 13.08 -26.40 -3.39
N PHE E 70 13.22 -25.10 -3.15
CA PHE E 70 12.13 -24.23 -2.67
C PHE E 70 11.29 -23.87 -3.88
N HIS E 71 10.28 -24.67 -4.20
CA HIS E 71 9.56 -24.56 -5.48
C HIS E 71 8.56 -23.41 -5.50
N ARG E 72 8.25 -22.75 -4.41
CA ARG E 72 7.17 -21.73 -4.41
C ARG E 72 7.63 -20.56 -3.56
N VAL E 73 8.08 -19.50 -4.20
CA VAL E 73 8.62 -18.32 -3.49
C VAL E 73 7.77 -17.14 -3.87
N ILE E 74 7.04 -16.60 -2.92
CA ILE E 74 6.26 -15.35 -3.13
C ILE E 74 6.84 -14.31 -2.20
N PRO E 75 7.43 -13.20 -2.68
CA PRO E 75 8.05 -12.22 -1.79
C PRO E 75 6.91 -11.54 -1.00
N GLY E 76 7.09 -11.44 0.30
CA GLY E 76 6.10 -10.75 1.16
C GLY E 76 5.18 -11.76 1.78
N PHE E 77 5.24 -13.02 1.33
CA PHE E 77 4.35 -14.08 1.85
C PHE E 77 5.17 -15.17 2.56
N MET E 78 5.92 -15.97 1.83
CA MET E 78 6.51 -17.21 2.36
C MET E 78 7.31 -17.88 1.26
N ILE E 79 8.15 -18.82 1.62
CA ILE E 79 8.92 -19.63 0.62
C ILE E 79 8.64 -21.08 0.97
N GLN E 80 8.24 -21.87 -0.01
CA GLN E 80 7.73 -23.21 0.23
C GLN E 80 8.64 -24.20 -0.44
N GLY E 81 9.05 -25.23 0.29
CA GLY E 81 10.01 -26.23 -0.18
C GLY E 81 9.66 -27.58 0.36
N GLY E 82 10.45 -28.60 0.03
CA GLY E 82 10.45 -29.90 0.68
C GLY E 82 9.66 -30.94 -0.06
N GLY E 83 9.18 -30.71 -1.28
CA GLY E 83 8.45 -31.77 -2.02
C GLY E 83 8.94 -32.08 -3.43
N PHE E 84 9.74 -31.22 -4.04
CA PHE E 84 10.12 -31.35 -5.48
C PHE E 84 11.63 -31.34 -5.63
N THR E 85 12.16 -32.21 -6.47
CA THR E 85 13.61 -32.31 -6.76
C THR E 85 14.01 -31.17 -7.70
N GLU E 86 15.28 -31.12 -8.09
CA GLU E 86 15.82 -29.99 -8.92
C GLU E 86 15.10 -29.88 -10.27
N GLN E 87 14.59 -30.97 -10.85
CA GLN E 87 13.94 -30.95 -12.19
C GLN E 87 12.43 -30.75 -12.08
N MET E 88 11.95 -30.15 -10.99
CA MET E 88 10.49 -29.99 -10.73
C MET E 88 9.76 -31.34 -10.81
N GLN E 89 10.33 -32.38 -10.21
CA GLN E 89 9.69 -33.73 -10.14
C GLN E 89 9.44 -34.06 -8.67
N GLN E 90 8.24 -34.56 -8.36
CA GLN E 90 7.79 -34.79 -6.96
C GLN E 90 8.45 -36.04 -6.40
N LYS E 91 8.71 -36.04 -5.10
CA LYS E 91 9.29 -37.22 -4.42
C LYS E 91 8.18 -38.03 -3.75
N LYS E 92 8.52 -39.23 -3.30
CA LYS E 92 7.61 -40.16 -2.57
C LYS E 92 7.65 -39.81 -1.08
N PRO E 93 6.52 -39.35 -0.49
CA PRO E 93 6.44 -39.11 0.94
C PRO E 93 5.92 -40.33 1.73
N ASN E 94 6.07 -40.31 3.04
CA ASN E 94 5.40 -41.24 3.98
C ASN E 94 3.90 -40.90 4.01
N PRO E 95 3.05 -41.76 4.59
CA PRO E 95 1.63 -41.45 4.74
C PRO E 95 1.48 -40.26 5.69
N PRO E 96 0.49 -39.36 5.46
CA PRO E 96 0.48 -38.05 6.10
C PRO E 96 0.38 -38.09 7.63
N ILE E 97 0.37 -36.92 8.25
CA ILE E 97 0.30 -36.72 9.73
C ILE E 97 -0.91 -35.86 10.05
N LYS E 98 -1.42 -35.98 11.28
CA LYS E 98 -2.55 -35.15 11.76
C LYS E 98 -2.13 -33.70 11.87
N ASN E 99 -3.09 -32.79 11.67
CA ASN E 99 -2.86 -31.35 11.84
C ASN E 99 -2.80 -30.99 13.33
N GLU E 100 -1.71 -30.38 13.76
CA GLU E 100 -1.52 -29.93 15.17
C GLU E 100 -1.45 -28.42 15.21
N ALA E 101 -2.32 -27.72 14.47
CA ALA E 101 -2.27 -26.25 14.37
C ALA E 101 -2.87 -25.60 15.62
N ASP E 102 -3.58 -26.34 16.48
CA ASP E 102 -4.22 -25.77 17.70
C ASP E 102 -3.23 -25.75 18.87
N ASN E 103 -1.93 -25.82 18.60
CA ASN E 103 -0.88 -25.75 19.65
C ASN E 103 -0.66 -24.30 20.11
N GLY E 104 -1.31 -23.34 19.44
CA GLY E 104 -1.32 -21.90 19.79
C GLY E 104 -0.11 -21.16 19.24
N LEU E 105 0.76 -21.81 18.48
CA LEU E 105 1.87 -21.12 17.78
C LEU E 105 1.29 -20.45 16.55
N ARG E 106 1.70 -19.22 16.29
CA ARG E 106 1.09 -18.42 15.19
C ARG E 106 2.07 -18.35 14.02
N ASN E 107 1.57 -18.04 12.84
CA ASN E 107 2.38 -17.93 11.61
C ASN E 107 3.03 -16.56 11.61
N THR E 108 4.00 -16.40 12.50
CA THR E 108 4.80 -15.14 12.56
C THR E 108 6.00 -15.28 11.64
N ARG E 109 6.61 -14.15 11.31
CA ARG E 109 7.83 -14.10 10.48
C ARG E 109 8.90 -15.01 11.09
N GLY E 110 9.45 -15.89 10.25
CA GLY E 110 10.58 -16.78 10.59
C GLY E 110 10.10 -18.14 11.07
N THR E 111 8.81 -18.34 11.25
CA THR E 111 8.31 -19.67 11.68
C THR E 111 8.11 -20.55 10.46
N ILE E 112 8.21 -21.85 10.66
CA ILE E 112 7.90 -22.87 9.65
C ILE E 112 6.58 -23.53 10.01
N ALA E 113 5.64 -23.54 9.07
CA ALA E 113 4.41 -24.34 9.13
C ALA E 113 4.49 -25.45 8.12
N MET E 114 3.81 -26.54 8.37
CA MET E 114 3.65 -27.66 7.39
C MET E 114 2.70 -27.20 6.28
N ALA E 115 3.12 -27.39 5.05
CA ALA E 115 2.27 -27.22 3.88
C ALA E 115 1.49 -28.51 3.71
N ARG E 116 0.25 -28.40 3.29
CA ARG E 116 -0.63 -29.57 3.06
C ARG E 116 -1.51 -29.28 1.84
N THR E 117 -2.31 -30.25 1.42
CA THR E 117 -3.34 -30.09 0.34
C THR E 117 -4.68 -29.70 0.98
N ALA E 118 -5.77 -29.75 0.23
CA ALA E 118 -7.10 -29.26 0.68
C ALA E 118 -7.52 -29.99 1.97
N ASP E 119 -7.15 -31.27 2.10
CA ASP E 119 -7.49 -32.11 3.28
C ASP E 119 -6.77 -31.55 4.51
N LYS E 120 -7.45 -31.52 5.63
CA LYS E 120 -6.93 -30.96 6.89
C LYS E 120 -5.71 -31.74 7.39
N ASP E 121 -5.77 -33.07 7.37
CA ASP E 121 -4.72 -33.96 7.92
C ASP E 121 -3.95 -34.59 6.74
N SER E 122 -3.72 -33.82 5.68
CA SER E 122 -2.98 -34.27 4.47
C SER E 122 -1.50 -33.85 4.47
N ALA E 123 -1.00 -33.20 5.52
CA ALA E 123 0.36 -32.67 5.55
C ALA E 123 1.32 -33.86 5.54
N THR E 124 2.25 -33.94 4.59
CA THR E 124 3.24 -35.04 4.57
C THR E 124 4.64 -34.47 4.73
N SER E 125 5.16 -33.78 3.75
CA SER E 125 6.60 -33.44 3.69
C SER E 125 6.85 -31.96 3.40
N GLN E 126 5.99 -31.27 2.69
CA GLN E 126 6.28 -29.88 2.30
C GLN E 126 6.03 -28.96 3.48
N PHE E 127 6.92 -28.02 3.70
CA PHE E 127 6.81 -26.95 4.69
C PHE E 127 6.96 -25.62 4.00
N PHE E 128 6.82 -24.55 4.76
CA PHE E 128 7.09 -23.20 4.23
C PHE E 128 7.59 -22.37 5.40
N ILE E 129 8.41 -21.39 5.10
CA ILE E 129 8.87 -20.40 6.10
C ILE E 129 8.05 -19.15 5.86
N ASN E 130 7.47 -18.60 6.90
CA ASN E 130 6.77 -17.31 6.88
C ASN E 130 7.79 -16.19 6.81
N VAL E 131 7.81 -15.42 5.74
CA VAL E 131 8.78 -14.29 5.60
C VAL E 131 8.14 -13.02 6.12
N ALA E 132 6.88 -13.06 6.56
CA ALA E 132 6.12 -11.88 7.05
C ALA E 132 5.09 -12.41 8.05
N ASP E 133 4.18 -11.56 8.56
CA ASP E 133 3.15 -11.98 9.54
C ASP E 133 1.89 -12.45 8.79
N ASN E 134 1.64 -13.76 8.80
CA ASN E 134 0.50 -14.38 8.09
C ASN E 134 -0.54 -14.79 9.13
N ALA E 135 -1.37 -13.85 9.59
CA ALA E 135 -2.42 -14.10 10.61
C ALA E 135 -3.52 -15.02 10.05
N PHE E 136 -3.82 -14.93 8.76
CA PHE E 136 -4.90 -15.71 8.12
C PHE E 136 -4.54 -17.20 8.00
N LEU E 137 -3.30 -17.59 8.29
CA LEU E 137 -2.90 -19.02 8.25
C LEU E 137 -2.95 -19.60 9.65
N ASP E 138 -3.36 -18.82 10.66
CA ASP E 138 -3.42 -19.27 12.08
C ASP E 138 -4.83 -19.75 12.35
N HIS E 139 -4.96 -20.92 12.95
CA HIS E 139 -6.16 -21.29 13.77
C HIS E 139 -6.04 -22.73 14.24
N GLY E 140 -6.74 -23.09 15.31
CA GLY E 140 -7.16 -24.48 15.57
C GLY E 140 -8.66 -24.59 15.68
N GLN E 141 -9.34 -25.06 14.63
CA GLN E 141 -10.82 -25.27 14.63
C GLN E 141 -11.19 -26.07 13.37
N ARG E 142 -12.48 -26.17 13.05
CA ARG E 142 -12.95 -26.83 11.81
C ARG E 142 -12.28 -26.17 10.60
N ASP E 143 -11.82 -24.93 10.70
CA ASP E 143 -10.87 -24.32 9.73
C ASP E 143 -9.45 -24.44 10.31
N PHE E 144 -8.79 -25.55 9.99
CA PHE E 144 -7.63 -26.04 10.76
C PHE E 144 -6.41 -25.12 10.58
N GLY E 145 -6.34 -24.31 9.52
CA GLY E 145 -5.16 -23.48 9.22
C GLY E 145 -3.90 -24.33 9.03
N TYR E 146 -2.75 -23.83 9.45
CA TYR E 146 -1.43 -24.43 9.12
C TYR E 146 -0.61 -24.55 10.39
N ALA E 147 0.03 -25.70 10.63
CA ALA E 147 0.60 -26.02 11.96
C ALA E 147 2.02 -25.50 11.97
N VAL E 148 2.32 -24.53 12.79
CA VAL E 148 3.71 -24.00 12.95
C VAL E 148 4.44 -24.97 13.86
N PHE E 149 5.61 -25.42 13.48
CA PHE E 149 6.35 -26.39 14.32
C PHE E 149 7.81 -26.02 14.46
N GLY E 150 8.29 -24.92 13.87
CA GLY E 150 9.73 -24.62 13.86
C GLY E 150 9.89 -23.11 13.77
N LYS E 151 11.12 -22.67 13.92
CA LYS E 151 11.47 -21.23 13.84
C LYS E 151 12.88 -21.12 13.33
N VAL E 152 13.12 -20.16 12.46
CA VAL E 152 14.49 -19.80 12.00
C VAL E 152 15.16 -18.98 13.10
N VAL E 153 16.23 -19.52 13.68
CA VAL E 153 17.03 -18.84 14.74
C VAL E 153 18.28 -18.22 14.11
N LYS E 154 18.78 -18.78 13.01
CA LYS E 154 19.93 -18.19 12.29
C LYS E 154 19.76 -18.43 10.80
N GLY E 155 20.23 -17.46 10.02
CA GLY E 155 20.17 -17.50 8.54
C GLY E 155 18.89 -16.87 8.02
N MET E 156 18.27 -15.97 8.78
CA MET E 156 17.09 -15.21 8.30
C MET E 156 17.49 -14.37 7.07
N ASP E 157 18.76 -13.95 6.97
CA ASP E 157 19.29 -13.23 5.78
C ASP E 157 19.28 -14.16 4.56
N VAL E 158 19.54 -15.44 4.76
CA VAL E 158 19.48 -16.42 3.65
C VAL E 158 18.04 -16.47 3.12
N ALA E 159 17.06 -16.56 4.01
CA ALA E 159 15.62 -16.60 3.65
C ALA E 159 15.27 -15.27 2.97
N ASP E 160 15.81 -14.16 3.45
CA ASP E 160 15.51 -12.83 2.86
C ASP E 160 16.07 -12.72 1.44
N LYS E 161 17.24 -13.30 1.18
CA LYS E 161 17.82 -13.31 -0.20
C LYS E 161 16.99 -14.24 -1.08
N ILE E 162 16.59 -15.40 -0.55
CA ILE E 162 15.78 -16.39 -1.32
C ILE E 162 14.42 -15.78 -1.68
N SER E 163 13.82 -15.02 -0.76
CA SER E 163 12.44 -14.50 -0.92
C SER E 163 12.39 -13.54 -2.11
N GLN E 164 13.52 -12.97 -2.52
CA GLN E 164 13.53 -11.89 -3.57
C GLN E 164 14.04 -12.40 -4.92
N VAL E 165 14.24 -13.70 -5.11
CA VAL E 165 14.71 -14.25 -6.41
C VAL E 165 13.57 -14.10 -7.42
N PRO E 166 13.87 -13.89 -8.73
CA PRO E 166 12.82 -13.77 -9.74
C PRO E 166 12.15 -15.12 -10.04
N THR E 167 10.82 -15.12 -10.07
CA THR E 167 10.00 -16.35 -10.22
C THR E 167 9.03 -16.15 -11.38
N HIS E 168 9.08 -17.02 -12.38
CA HIS E 168 8.20 -16.99 -13.57
C HIS E 168 8.13 -18.41 -14.14
N ASP E 169 7.10 -19.18 -13.75
CA ASP E 169 6.80 -20.47 -14.43
C ASP E 169 5.29 -20.55 -14.63
N VAL E 170 4.66 -19.48 -15.12
CA VAL E 170 3.18 -19.41 -15.35
C VAL E 170 2.74 -20.68 -16.10
N GLY E 171 1.69 -21.33 -15.62
CA GLY E 171 1.18 -22.60 -16.18
C GLY E 171 0.99 -23.68 -15.13
N PRO E 172 1.81 -24.77 -15.12
CA PRO E 172 1.63 -25.86 -14.16
C PRO E 172 1.75 -25.38 -12.70
N TYR E 173 2.88 -24.79 -12.35
CA TYR E 173 3.18 -24.22 -11.01
C TYR E 173 3.61 -22.78 -11.19
N GLN E 174 2.92 -21.83 -10.55
CA GLN E 174 3.32 -20.40 -10.55
C GLN E 174 4.35 -20.16 -9.45
N ASN E 175 5.09 -19.05 -9.57
CA ASN E 175 6.04 -18.52 -8.54
C ASN E 175 7.14 -19.56 -8.30
N VAL E 176 7.59 -20.22 -9.37
CA VAL E 176 8.77 -21.13 -9.28
C VAL E 176 10.01 -20.33 -9.58
N PRO E 177 11.03 -20.28 -8.69
CA PRO E 177 12.26 -19.54 -8.98
C PRO E 177 12.87 -19.96 -10.32
N SER E 178 13.27 -18.98 -11.15
CA SER E 178 13.83 -19.21 -12.51
C SER E 178 15.13 -20.02 -12.37
N LYS E 179 16.00 -19.62 -11.46
CA LYS E 179 17.19 -20.40 -11.09
C LYS E 179 16.89 -21.11 -9.77
N PRO E 180 16.80 -22.46 -9.76
CA PRO E 180 16.30 -23.18 -8.59
C PRO E 180 17.16 -22.93 -7.33
N VAL E 181 16.49 -22.80 -6.19
CA VAL E 181 17.12 -22.66 -4.85
C VAL E 181 17.22 -24.07 -4.27
N VAL E 182 18.40 -24.67 -4.36
CA VAL E 182 18.59 -26.10 -4.04
C VAL E 182 19.03 -26.20 -2.57
N ILE E 183 18.39 -27.08 -1.80
CA ILE E 183 18.90 -27.50 -0.46
C ILE E 183 19.96 -28.57 -0.69
N LEU E 184 21.22 -28.22 -0.59
CA LEU E 184 22.33 -29.16 -0.87
C LEU E 184 22.26 -30.33 0.12
N SER E 185 22.09 -30.07 1.41
CA SER E 185 22.02 -31.14 2.45
C SER E 185 21.24 -30.64 3.67
N ALA E 186 20.71 -31.56 4.47
CA ALA E 186 19.98 -31.26 5.73
C ALA E 186 20.65 -32.00 6.89
N LYS E 187 21.32 -31.23 7.75
CA LYS E 187 22.21 -31.70 8.84
C LYS E 187 21.51 -31.57 10.19
N VAL E 188 21.20 -32.66 10.90
CA VAL E 188 20.32 -32.61 12.11
C VAL E 188 21.19 -32.80 13.35
N LEU E 189 21.02 -31.93 14.35
CA LEU E 189 21.88 -31.95 15.58
C LEU E 189 21.05 -32.43 16.77
N GLY F 116 -87.07 -66.72 -32.95
CA GLY F 116 -87.80 -65.46 -32.62
C GLY F 116 -86.98 -64.21 -32.94
N LYS F 117 -87.55 -63.03 -32.75
CA LYS F 117 -86.89 -61.73 -33.04
C LYS F 117 -85.77 -61.49 -32.01
N GLU F 118 -85.96 -61.88 -30.75
CA GLU F 118 -84.97 -61.65 -29.66
C GLU F 118 -83.78 -62.61 -29.86
N LEU F 119 -84.03 -63.77 -30.51
CA LEU F 119 -82.98 -64.78 -30.78
C LEU F 119 -81.98 -64.22 -31.80
N LEU F 120 -82.37 -63.24 -32.62
CA LEU F 120 -81.49 -62.65 -33.66
C LEU F 120 -81.15 -61.19 -33.35
N GLU F 121 -81.71 -60.59 -32.28
CA GLU F 121 -81.47 -59.15 -31.97
C GLU F 121 -80.80 -58.97 -30.60
N LYS F 122 -80.87 -59.96 -29.71
CA LYS F 122 -80.28 -59.82 -28.35
C LYS F 122 -79.27 -60.93 -28.06
N VAL F 123 -78.98 -61.82 -29.01
CA VAL F 123 -77.99 -62.91 -28.80
C VAL F 123 -76.70 -62.59 -29.55
N GLU F 124 -76.74 -61.84 -30.64
CA GLU F 124 -75.51 -61.42 -31.37
C GLU F 124 -74.79 -60.31 -30.57
N LEU F 125 -75.46 -59.70 -29.58
CA LEU F 125 -74.83 -58.68 -28.71
C LEU F 125 -73.71 -59.30 -27.89
N THR F 126 -73.79 -60.60 -27.58
CA THR F 126 -72.75 -61.30 -26.78
C THR F 126 -71.47 -61.44 -27.61
N GLU F 127 -71.51 -61.21 -28.92
CA GLU F 127 -70.33 -61.36 -29.82
C GLU F 127 -69.66 -60.01 -30.02
N ASP F 128 -70.43 -58.96 -30.35
CA ASP F 128 -69.86 -57.59 -30.52
C ASP F 128 -69.38 -57.09 -29.15
N ASN F 129 -70.09 -57.46 -28.08
CA ASN F 129 -69.65 -57.14 -26.69
C ASN F 129 -68.30 -57.82 -26.43
N ALA F 130 -68.13 -59.08 -26.83
CA ALA F 130 -66.88 -59.83 -26.63
C ALA F 130 -65.76 -59.18 -27.45
N SER F 131 -66.06 -58.75 -28.68
CA SER F 131 -65.06 -58.07 -29.57
C SER F 131 -64.61 -56.76 -28.91
N ARG F 132 -65.56 -55.97 -28.41
CA ARG F 132 -65.25 -54.67 -27.74
C ARG F 132 -64.42 -54.96 -26.48
N LEU F 133 -64.76 -56.02 -25.73
CA LEU F 133 -64.02 -56.38 -24.49
C LEU F 133 -62.59 -56.77 -24.85
N GLU F 134 -62.40 -57.50 -25.95
CA GLU F 134 -61.05 -57.92 -26.41
C GLU F 134 -60.25 -56.68 -26.84
N GLU F 135 -60.88 -55.75 -27.54
CA GLU F 135 -60.20 -54.49 -27.96
C GLU F 135 -59.79 -53.70 -26.73
N PHE F 136 -60.67 -53.60 -25.72
CA PHE F 136 -60.36 -52.88 -24.46
C PHE F 136 -59.26 -53.61 -23.71
N SER F 137 -59.25 -54.93 -23.73
CA SER F 137 -58.19 -55.76 -23.10
C SER F 137 -56.85 -55.42 -23.76
N LYS F 138 -56.83 -55.35 -25.09
CA LYS F 138 -55.60 -55.05 -25.85
C LYS F 138 -55.11 -53.63 -25.51
N GLU F 139 -56.02 -52.67 -25.47
CA GLU F 139 -55.66 -51.26 -25.15
C GLU F 139 -55.12 -51.20 -23.72
N TRP F 140 -55.77 -51.88 -22.79
CA TRP F 140 -55.37 -51.90 -21.36
C TRP F 140 -53.98 -52.54 -21.24
N LYS F 141 -53.73 -53.64 -21.95
CA LYS F 141 -52.41 -54.31 -21.91
C LYS F 141 -51.35 -53.37 -22.50
N ASP F 142 -51.69 -52.62 -23.54
CA ASP F 142 -50.73 -51.67 -24.17
C ASP F 142 -50.41 -50.53 -23.21
N ALA F 143 -51.39 -50.05 -22.43
CA ALA F 143 -51.24 -48.82 -21.61
C ALA F 143 -50.70 -49.14 -20.22
N SER F 144 -51.11 -50.27 -19.63
CA SER F 144 -50.66 -50.67 -18.27
C SER F 144 -49.18 -51.00 -18.29
N ASP F 145 -48.71 -51.67 -19.33
CA ASP F 145 -47.28 -52.05 -19.42
C ASP F 145 -46.46 -50.80 -19.68
N LYS F 146 -47.07 -49.72 -20.17
CA LYS F 146 -46.39 -48.41 -20.34
C LYS F 146 -46.38 -47.67 -19.00
N TRP F 147 -47.45 -47.75 -18.21
CA TRP F 147 -47.58 -47.04 -16.92
C TRP F 147 -46.63 -47.65 -15.91
N ASN F 148 -46.56 -48.98 -15.86
CA ASN F 148 -45.81 -49.69 -14.79
C ASN F 148 -44.32 -49.58 -15.08
N ALA F 149 -43.91 -49.40 -16.33
CA ALA F 149 -42.48 -49.26 -16.70
C ALA F 149 -42.01 -47.80 -16.62
N MET F 150 -42.91 -46.87 -16.33
CA MET F 150 -42.65 -45.41 -16.45
C MET F 150 -42.02 -44.92 -15.16
N TRP F 151 -40.94 -44.13 -15.28
CA TRP F 151 -40.27 -43.50 -14.12
C TRP F 151 -40.69 -42.06 -14.11
N ALA F 152 -40.85 -41.47 -12.95
CA ALA F 152 -41.29 -40.09 -12.81
C ALA F 152 -40.49 -39.41 -11.73
N VAL F 153 -40.64 -38.13 -11.62
CA VAL F 153 -40.22 -37.34 -10.44
C VAL F 153 -41.31 -37.49 -9.40
N LYS F 154 -40.95 -37.94 -8.21
CA LYS F 154 -41.90 -38.24 -7.15
C LYS F 154 -42.09 -37.02 -6.30
N ILE F 155 -43.36 -36.66 -6.08
CA ILE F 155 -43.73 -35.52 -5.20
C ILE F 155 -44.06 -36.05 -3.82
N GLU F 156 -43.45 -35.53 -2.78
CA GLU F 156 -43.76 -35.90 -1.37
C GLU F 156 -44.31 -34.67 -0.68
N GLN F 157 -44.63 -34.79 0.59
CA GLN F 157 -45.34 -33.74 1.36
C GLN F 157 -44.69 -33.55 2.72
N THR F 158 -44.58 -32.32 3.16
CA THR F 158 -44.21 -32.00 4.57
C THR F 158 -45.48 -32.15 5.41
N LYS F 159 -45.38 -32.06 6.73
CA LYS F 159 -46.59 -32.08 7.59
C LYS F 159 -47.23 -30.69 7.57
N ASP F 160 -47.35 -30.05 6.40
CA ASP F 160 -48.05 -28.76 6.24
C ASP F 160 -48.83 -28.71 4.92
N GLY F 161 -48.64 -29.68 4.03
CA GLY F 161 -49.22 -29.70 2.67
C GLY F 161 -48.39 -28.86 1.72
N LYS F 162 -47.08 -29.13 1.62
CA LYS F 162 -46.18 -28.28 0.83
C LYS F 162 -45.82 -28.92 -0.51
N HIS F 163 -45.74 -30.24 -0.65
CA HIS F 163 -45.62 -30.89 -1.98
C HIS F 163 -44.33 -30.46 -2.66
N TYR F 164 -43.21 -30.96 -2.23
CA TYR F 164 -41.89 -30.70 -2.87
C TYR F 164 -41.50 -31.93 -3.71
N VAL F 165 -40.44 -31.82 -4.49
CA VAL F 165 -39.81 -32.90 -5.26
C VAL F 165 -38.86 -33.60 -4.31
N ALA F 166 -39.04 -34.89 -4.12
CA ALA F 166 -38.27 -35.69 -3.16
C ALA F 166 -37.35 -36.63 -3.92
N GLY F 167 -37.50 -36.87 -5.20
CA GLY F 167 -36.52 -37.72 -5.87
C GLY F 167 -37.10 -38.31 -7.12
N ILE F 168 -36.57 -39.43 -7.57
CA ILE F 168 -37.05 -40.05 -8.82
C ILE F 168 -37.47 -41.46 -8.48
N GLY F 169 -38.62 -41.92 -8.93
CA GLY F 169 -39.03 -43.31 -8.67
C GLY F 169 -40.07 -43.80 -9.66
N LEU F 170 -40.42 -45.07 -9.63
CA LEU F 170 -41.45 -45.63 -10.53
C LEU F 170 -42.77 -44.94 -10.27
N SER F 171 -43.48 -44.58 -11.34
CA SER F 171 -44.71 -43.77 -11.25
C SER F 171 -45.78 -44.52 -10.47
N MET F 172 -45.94 -45.82 -10.71
CA MET F 172 -47.03 -46.61 -10.09
C MET F 172 -46.43 -47.39 -8.93
N GLU F 173 -45.94 -46.68 -7.91
CA GLU F 173 -45.34 -47.29 -6.70
C GLU F 173 -45.52 -46.30 -5.54
N ASP F 174 -45.04 -46.66 -4.35
CA ASP F 174 -45.20 -45.80 -3.15
C ASP F 174 -43.85 -45.44 -2.53
N THR F 175 -42.93 -46.40 -2.37
CA THR F 175 -41.66 -46.22 -1.62
C THR F 175 -41.99 -45.81 -0.18
N GLU F 176 -41.05 -45.20 0.55
CA GLU F 176 -41.28 -44.73 1.94
C GLU F 176 -40.63 -43.35 2.15
N GLU F 177 -40.48 -42.56 1.07
CA GLU F 177 -39.65 -41.33 1.01
C GLU F 177 -38.16 -41.72 1.11
N GLY F 178 -37.88 -42.99 1.43
CA GLY F 178 -36.55 -43.62 1.40
C GLY F 178 -36.41 -44.53 0.18
N LYS F 179 -35.17 -44.88 -0.17
CA LYS F 179 -34.82 -45.71 -1.35
C LYS F 179 -35.23 -45.02 -2.66
N LEU F 180 -35.83 -43.82 -2.62
CA LEU F 180 -36.01 -42.96 -3.81
C LEU F 180 -34.64 -42.66 -4.40
N SER F 181 -34.50 -42.79 -5.71
CA SER F 181 -33.16 -42.83 -6.34
C SER F 181 -32.74 -41.41 -6.69
N GLN F 182 -32.95 -40.44 -5.79
CA GLN F 182 -32.32 -39.07 -5.86
C GLN F 182 -32.84 -38.29 -7.06
N PHE F 183 -32.83 -36.98 -6.97
CA PHE F 183 -33.30 -36.15 -8.09
C PHE F 183 -32.07 -35.73 -8.88
N LEU F 184 -31.58 -36.57 -9.77
CA LEU F 184 -30.43 -36.26 -10.63
C LEU F 184 -30.94 -35.62 -11.90
N VAL F 185 -30.31 -34.55 -12.32
CA VAL F 185 -30.61 -33.77 -13.55
C VAL F 185 -29.33 -33.84 -14.33
N ALA F 186 -29.40 -33.81 -15.64
CA ALA F 186 -28.24 -34.02 -16.51
C ALA F 186 -27.48 -32.71 -16.81
N ALA F 187 -27.49 -31.68 -15.99
CA ALA F 187 -26.41 -30.63 -16.06
C ALA F 187 -26.43 -29.82 -17.35
N ASN F 188 -26.08 -30.41 -18.47
CA ASN F 188 -26.20 -29.76 -19.79
C ASN F 188 -27.66 -29.64 -20.26
N ARG F 189 -28.65 -30.18 -19.56
CA ARG F 189 -30.04 -30.19 -20.05
C ARG F 189 -30.85 -29.16 -19.29
N ILE F 190 -30.43 -28.71 -18.13
CA ILE F 190 -31.22 -27.77 -17.32
C ILE F 190 -30.96 -26.36 -17.83
N ALA F 191 -31.99 -25.56 -18.04
CA ALA F 191 -31.92 -24.13 -18.34
C ALA F 191 -33.10 -23.39 -17.72
N PHE F 192 -33.01 -22.08 -17.58
CA PHE F 192 -34.08 -21.28 -16.95
C PHE F 192 -34.63 -20.35 -18.01
N ILE F 193 -35.95 -20.21 -18.01
CA ILE F 193 -36.67 -19.37 -18.98
C ILE F 193 -37.38 -18.26 -18.24
N ASP F 194 -37.62 -17.17 -18.94
CA ASP F 194 -38.66 -16.19 -18.54
C ASP F 194 -39.90 -16.51 -19.39
N PRO F 195 -41.01 -16.99 -18.78
CA PRO F 195 -42.18 -17.38 -19.57
C PRO F 195 -43.01 -16.17 -20.05
N ALA F 196 -42.36 -15.05 -20.38
CA ALA F 196 -42.99 -13.83 -20.95
C ALA F 196 -42.35 -13.51 -22.31
N ASN F 197 -41.03 -13.51 -22.41
CA ASN F 197 -40.29 -13.26 -23.68
C ASN F 197 -39.79 -14.57 -24.30
N GLY F 198 -39.66 -15.63 -23.48
CA GLY F 198 -39.18 -16.95 -23.93
C GLY F 198 -37.66 -17.05 -23.96
N ASN F 199 -36.95 -16.08 -23.38
CA ASN F 199 -35.46 -16.11 -23.35
C ASN F 199 -34.99 -17.28 -22.47
N GLU F 200 -34.08 -18.09 -23.01
CA GLU F 200 -33.59 -19.34 -22.39
C GLU F 200 -32.19 -19.05 -21.87
N THR F 201 -31.91 -19.37 -20.64
CA THR F 201 -30.57 -19.16 -20.05
C THR F 201 -30.05 -20.46 -19.48
N PRO F 202 -29.03 -21.10 -20.06
CA PRO F 202 -28.50 -22.34 -19.50
C PRO F 202 -27.97 -22.16 -18.08
N MET F 203 -28.07 -23.20 -17.28
CA MET F 203 -27.59 -23.16 -15.89
C MET F 203 -26.07 -23.35 -15.77
N PHE F 204 -25.43 -24.12 -16.63
CA PHE F 204 -24.02 -24.50 -16.54
C PHE F 204 -23.40 -24.20 -17.87
N VAL F 205 -22.12 -23.85 -17.84
CA VAL F 205 -21.30 -23.66 -19.04
C VAL F 205 -20.12 -24.62 -18.95
N ALA F 206 -19.85 -25.33 -20.04
CA ALA F 206 -18.73 -26.29 -20.11
C ALA F 206 -17.43 -25.50 -20.35
N GLN F 207 -16.39 -25.84 -19.60
CA GLN F 207 -15.01 -25.37 -19.84
C GLN F 207 -14.07 -26.56 -19.71
N GLY F 208 -13.80 -27.26 -20.82
CA GLY F 208 -12.84 -28.37 -20.89
C GLY F 208 -13.05 -29.39 -19.78
N ASN F 209 -14.17 -30.12 -19.86
CA ASN F 209 -14.51 -31.21 -18.90
C ASN F 209 -14.72 -30.65 -17.49
N GLN F 210 -14.87 -29.32 -17.34
CA GLN F 210 -15.33 -28.75 -16.04
C GLN F 210 -16.60 -27.96 -16.33
N ILE F 211 -17.60 -28.17 -15.48
CA ILE F 211 -18.93 -27.51 -15.55
C ILE F 211 -18.94 -26.41 -14.50
N PHE F 212 -19.21 -25.19 -14.92
CA PHE F 212 -19.39 -24.01 -14.02
C PHE F 212 -20.81 -23.51 -14.14
N MET F 213 -21.31 -22.85 -13.13
CA MET F 213 -22.51 -22.01 -13.21
C MET F 213 -22.41 -20.91 -14.27
N ASN F 214 -23.55 -20.47 -14.77
CA ASN F 214 -23.66 -19.64 -15.99
C ASN F 214 -23.17 -18.23 -15.74
N ASP F 215 -22.96 -17.82 -14.49
CA ASP F 215 -22.28 -16.54 -14.15
C ASP F 215 -22.92 -15.29 -14.74
N VAL F 216 -24.02 -15.38 -15.47
CA VAL F 216 -24.91 -14.27 -15.76
C VAL F 216 -25.82 -14.11 -14.55
N PHE F 217 -26.04 -15.16 -13.76
CA PHE F 217 -26.50 -15.02 -12.34
C PHE F 217 -25.25 -14.75 -11.55
N LEU F 218 -25.20 -14.87 -10.26
CA LEU F 218 -23.86 -14.73 -9.61
C LEU F 218 -23.39 -13.29 -9.71
N LYS F 219 -24.28 -12.34 -9.53
CA LYS F 219 -24.03 -10.91 -9.64
C LYS F 219 -23.98 -10.29 -8.27
N ARG F 220 -24.22 -11.01 -7.19
CA ARG F 220 -24.34 -10.36 -5.86
C ARG F 220 -23.88 -11.35 -4.77
N LEU F 221 -22.80 -11.08 -4.06
CA LEU F 221 -22.31 -11.96 -2.99
C LEU F 221 -22.24 -11.16 -1.71
N THR F 222 -22.86 -11.61 -0.63
CA THR F 222 -22.82 -10.85 0.63
C THR F 222 -22.22 -11.74 1.74
N ALA F 223 -21.15 -11.28 2.33
CA ALA F 223 -20.35 -11.88 3.41
C ALA F 223 -19.96 -13.28 3.03
N PRO F 224 -19.41 -13.53 1.82
CA PRO F 224 -18.83 -14.84 1.55
C PRO F 224 -17.43 -15.04 2.13
N THR F 225 -17.02 -16.29 2.18
CA THR F 225 -15.62 -16.72 2.35
C THR F 225 -15.07 -17.01 0.97
N ILE F 226 -14.06 -16.27 0.53
CA ILE F 226 -13.32 -16.58 -0.72
C ILE F 226 -11.90 -16.95 -0.36
N THR F 227 -11.38 -18.03 -0.90
CA THR F 227 -9.95 -18.46 -0.76
C THR F 227 -9.41 -18.78 -2.14
N SER F 228 -8.14 -18.56 -2.40
CA SER F 228 -7.52 -18.79 -3.73
C SER F 228 -7.06 -20.24 -3.81
N GLY F 229 -6.38 -20.59 -4.88
CA GLY F 229 -5.86 -21.93 -5.15
C GLY F 229 -4.88 -22.49 -4.14
N GLY F 230 -3.63 -22.02 -4.07
CA GLY F 230 -2.53 -22.88 -3.57
C GLY F 230 -2.79 -23.31 -2.14
N ASN F 231 -2.01 -24.17 -1.53
CA ASN F 231 -2.52 -24.66 -0.23
C ASN F 231 -1.56 -24.43 0.91
N PRO F 232 -0.79 -23.33 1.00
CA PRO F 232 -1.17 -22.15 1.80
C PRO F 232 -1.72 -21.13 0.79
N PRO F 233 -2.97 -20.65 0.93
CA PRO F 233 -3.53 -19.73 -0.08
C PRO F 233 -2.80 -18.36 -0.11
N ALA F 234 -2.68 -17.74 -1.25
CA ALA F 234 -2.23 -16.32 -1.38
C ALA F 234 -3.38 -15.35 -1.13
N PHE F 235 -4.59 -15.59 -1.62
CA PHE F 235 -5.71 -14.64 -1.43
C PHE F 235 -6.66 -15.27 -0.43
N SER F 236 -7.29 -14.48 0.42
CA SER F 236 -8.34 -14.95 1.34
C SER F 236 -9.25 -13.80 1.78
N LEU F 237 -10.54 -13.96 1.66
CA LEU F 237 -11.54 -12.94 2.09
C LEU F 237 -12.40 -13.61 3.12
N THR F 238 -12.29 -13.17 4.34
CA THR F 238 -13.03 -13.72 5.50
C THR F 238 -14.43 -13.16 5.47
N PRO F 239 -15.47 -13.89 5.89
CA PRO F 239 -16.85 -13.40 5.85
C PRO F 239 -17.16 -12.14 6.66
N ASP F 240 -16.33 -11.86 7.65
CA ASP F 240 -16.48 -10.61 8.44
C ASP F 240 -15.67 -9.45 7.89
N GLY F 241 -14.91 -9.64 6.81
CA GLY F 241 -14.44 -8.55 5.92
C GLY F 241 -12.94 -8.38 5.95
N LYS F 242 -12.23 -9.20 6.74
CA LYS F 242 -10.74 -9.24 6.73
C LYS F 242 -10.28 -9.74 5.35
N LEU F 243 -9.41 -9.01 4.70
CA LEU F 243 -8.87 -9.36 3.38
C LEU F 243 -7.38 -9.61 3.47
N THR F 244 -6.90 -10.70 2.88
CA THR F 244 -5.47 -11.01 2.74
C THR F 244 -5.16 -11.23 1.28
N ALA F 245 -4.23 -10.46 0.75
CA ALA F 245 -3.91 -10.57 -0.67
C ALA F 245 -2.55 -11.24 -0.82
N LYS F 246 -1.48 -10.66 -0.35
CA LYS F 246 -0.17 -11.39 -0.35
C LYS F 246 0.40 -11.70 -1.71
N ASN F 247 -0.23 -11.37 -2.78
CA ASN F 247 0.36 -11.49 -4.13
C ASN F 247 -0.34 -10.44 -5.02
N ALA F 248 -0.63 -9.27 -4.45
CA ALA F 248 -1.45 -8.22 -5.05
C ALA F 248 -0.60 -7.30 -5.92
N ASP F 249 -1.29 -6.52 -6.76
CA ASP F 249 -0.82 -5.32 -7.50
C ASP F 249 -1.93 -4.29 -7.31
N ILE F 250 -1.80 -3.42 -6.33
CA ILE F 250 -2.82 -2.39 -5.98
C ILE F 250 -2.44 -1.04 -6.63
N SER F 251 -3.42 -0.17 -6.91
CA SER F 251 -3.31 1.27 -7.19
C SER F 251 -4.44 2.07 -6.49
N GLY F 252 -4.14 3.25 -5.92
CA GLY F 252 -5.05 4.29 -5.44
C GLY F 252 -5.18 4.28 -3.93
N SER F 253 -4.96 5.36 -3.20
CA SER F 253 -5.50 5.59 -1.83
C SER F 253 -5.13 4.43 -0.89
N VAL F 254 -3.88 4.22 -0.62
CA VAL F 254 -3.39 3.24 0.39
C VAL F 254 -3.26 3.95 1.71
N ASN F 255 -3.74 3.37 2.77
CA ASN F 255 -3.78 4.05 4.09
C ASN F 255 -3.26 3.11 5.17
N ALA F 256 -1.95 2.80 5.17
CA ALA F 256 -1.27 1.75 5.99
C ALA F 256 -1.17 2.09 7.49
N ASN F 257 -1.26 1.08 8.33
CA ASN F 257 -1.11 1.22 9.79
C ASN F 257 0.11 0.44 10.26
N SER F 258 0.74 -0.35 9.38
CA SER F 258 1.94 -1.15 9.67
C SER F 258 2.45 -1.74 8.36
N GLY F 259 3.57 -2.46 8.41
CA GLY F 259 4.20 -3.01 7.19
C GLY F 259 5.55 -2.38 6.90
N THR F 260 5.94 -2.41 5.64
CA THR F 260 7.33 -2.15 5.20
C THR F 260 7.30 -1.94 3.69
N LEU F 261 7.91 -0.85 3.20
CA LEU F 261 8.18 -0.67 1.75
C LEU F 261 9.56 -1.24 1.43
N SER F 262 9.78 -1.78 0.25
CA SER F 262 11.07 -2.41 -0.12
C SER F 262 11.70 -1.67 -1.30
N ASN F 263 11.06 -1.54 -2.44
CA ASN F 263 11.73 -0.85 -3.58
C ASN F 263 10.83 0.25 -4.12
N VAL F 264 10.24 1.03 -3.23
CA VAL F 264 9.19 2.00 -3.59
C VAL F 264 9.87 3.32 -3.89
N THR F 265 9.44 3.99 -4.94
CA THR F 265 9.86 5.36 -5.26
C THR F 265 8.91 6.33 -4.59
N ILE F 266 9.28 6.88 -3.43
CA ILE F 266 8.50 7.97 -2.78
C ILE F 266 8.66 9.24 -3.62
N ALA F 267 7.56 9.84 -4.03
CA ALA F 267 7.55 11.02 -4.94
C ALA F 267 7.85 12.31 -4.16
N GLU F 268 8.02 13.42 -4.90
CA GLU F 268 8.37 14.76 -4.37
C GLU F 268 7.20 15.27 -3.55
N ASN F 269 5.97 15.10 -4.04
CA ASN F 269 4.76 15.64 -3.37
C ASN F 269 4.33 14.75 -2.18
N CYS F 270 5.13 13.76 -1.79
CA CYS F 270 4.85 12.98 -0.56
C CYS F 270 5.48 13.70 0.64
N THR F 271 4.69 14.13 1.60
CA THR F 271 5.21 14.83 2.82
C THR F 271 5.90 13.80 3.70
N ILE F 272 7.10 14.08 4.18
CA ILE F 272 7.93 13.07 4.90
C ILE F 272 8.11 13.51 6.34
N ASN F 273 7.09 14.12 6.97
CA ASN F 273 7.00 14.31 8.44
C ASN F 273 7.71 13.17 9.17
N GLY F 274 8.64 13.50 10.07
CA GLY F 274 9.56 12.52 10.68
C GLY F 274 11.00 13.00 10.58
N THR F 275 11.89 12.38 11.34
CA THR F 275 13.31 12.80 11.44
C THR F 275 14.21 11.83 10.68
N LEU F 276 15.38 12.32 10.29
CA LEU F 276 16.49 11.50 9.73
C LEU F 276 17.74 11.74 10.56
N ARG F 277 18.68 10.79 10.53
CA ARG F 277 19.98 10.96 11.24
C ARG F 277 20.86 11.97 10.51
N ALA F 278 21.85 12.52 11.23
CA ALA F 278 22.91 13.36 10.63
C ALA F 278 23.70 12.53 9.61
N GLU F 279 23.94 11.25 9.91
CA GLU F 279 24.51 10.31 8.92
C GLU F 279 23.38 10.03 7.94
N LYS F 280 23.56 9.12 6.99
CA LYS F 280 22.46 8.90 6.02
C LYS F 280 22.20 10.20 5.25
N ILE F 281 23.20 11.09 5.15
CA ILE F 281 23.18 12.26 4.25
C ILE F 281 24.40 12.13 3.35
N VAL F 282 24.21 12.10 2.04
CA VAL F 282 25.29 11.69 1.10
C VAL F 282 26.36 12.79 1.09
N GLY F 283 25.95 14.06 0.96
CA GLY F 283 26.90 15.19 0.90
C GLY F 283 27.49 15.52 2.27
N ASP F 284 28.49 16.39 2.30
CA ASP F 284 29.25 16.71 3.55
C ASP F 284 28.71 17.98 4.22
N ILE F 285 28.20 18.96 3.48
CA ILE F 285 27.63 20.18 4.11
C ILE F 285 28.73 21.02 4.76
N VAL F 286 29.64 20.43 5.49
CA VAL F 286 30.81 21.13 6.09
C VAL F 286 31.92 20.12 6.30
N LYS F 287 33.15 20.46 5.97
CA LYS F 287 34.35 19.66 6.29
C LYS F 287 35.42 20.62 6.73
N ALA F 288 36.37 20.17 7.50
CA ALA F 288 37.46 20.99 8.02
C ALA F 288 38.75 20.22 7.86
N ALA F 289 39.88 20.91 7.80
CA ALA F 289 41.21 20.29 7.74
C ALA F 289 42.22 21.32 8.13
N SER F 290 43.40 20.93 8.55
CA SER F 290 44.35 21.84 9.19
C SER F 290 45.72 21.22 9.19
N ALA F 291 46.74 22.06 9.14
CA ALA F 291 48.13 21.64 9.27
C ALA F 291 48.97 22.83 9.70
N ALA F 292 50.13 22.59 10.28
CA ALA F 292 51.09 23.66 10.61
C ALA F 292 52.25 23.66 9.61
N PHE F 293 52.81 24.81 9.32
CA PHE F 293 53.98 24.92 8.41
C PHE F 293 55.13 24.12 9.01
N PRO F 294 55.87 23.33 8.20
CA PRO F 294 57.19 22.83 8.55
C PRO F 294 58.07 23.87 9.26
N ARG F 295 58.75 23.42 10.31
CA ARG F 295 59.66 24.27 11.10
C ARG F 295 61.12 23.91 10.76
N GLN F 296 61.87 24.86 10.23
CA GLN F 296 63.34 24.73 10.06
C GLN F 296 64.02 25.28 11.32
N ARG F 297 64.90 24.48 11.91
CA ARG F 297 65.56 24.86 13.18
C ARG F 297 67.08 24.78 13.03
N GLU F 298 67.77 25.66 13.74
CA GLU F 298 69.24 25.60 13.93
C GLU F 298 69.55 25.99 15.38
N SER F 299 70.63 25.43 15.92
CA SER F 299 71.01 25.62 17.35
C SER F 299 69.84 25.19 18.24
N SER F 300 69.13 26.15 18.84
CA SER F 300 68.03 25.90 19.80
C SER F 300 66.78 26.71 19.44
N VAL F 301 66.73 27.30 18.24
CA VAL F 301 65.59 28.16 17.82
C VAL F 301 65.03 27.59 16.52
N ASP F 302 63.70 27.61 16.40
CA ASP F 302 63.01 27.12 15.18
C ASP F 302 62.11 28.25 14.64
N TRP F 303 61.97 28.29 13.33
CA TRP F 303 61.09 29.23 12.64
C TRP F 303 60.31 28.46 11.59
N PRO F 304 59.08 28.92 11.24
CA PRO F 304 58.27 28.22 10.26
C PRO F 304 58.76 28.51 8.85
N SER F 305 58.85 27.47 8.04
CA SER F 305 59.33 27.58 6.65
C SER F 305 59.01 26.29 5.92
N GLY F 306 58.33 26.40 4.78
CA GLY F 306 57.95 25.21 4.03
C GLY F 306 56.69 25.47 3.25
N THR F 307 56.03 24.40 2.85
CA THR F 307 54.84 24.48 2.00
C THR F 307 53.77 23.54 2.54
N ARG F 308 52.53 23.98 2.56
CA ARG F 308 51.37 23.15 2.92
C ARG F 308 50.40 23.22 1.75
N THR F 309 49.96 22.07 1.30
CA THR F 309 49.14 21.97 0.08
C THR F 309 47.80 21.44 0.51
N VAL F 310 46.72 22.15 0.17
CA VAL F 310 45.37 21.75 0.59
C VAL F 310 44.62 21.42 -0.69
N THR F 311 44.24 20.17 -0.85
CA THR F 311 43.59 19.71 -2.09
C THR F 311 42.19 19.29 -1.74
N VAL F 312 41.21 19.78 -2.48
CA VAL F 312 39.80 19.42 -2.27
C VAL F 312 39.33 18.68 -3.51
N THR F 313 39.04 17.40 -3.38
CA THR F 313 38.53 16.57 -4.48
C THR F 313 37.17 17.07 -4.94
N ASP F 314 36.93 17.03 -6.24
CA ASP F 314 35.65 17.46 -6.84
C ASP F 314 34.73 16.25 -6.90
N ASP F 315 34.13 15.89 -5.77
CA ASP F 315 33.31 14.66 -5.65
C ASP F 315 31.93 15.00 -5.09
N HIS F 316 31.41 16.18 -5.41
CA HIS F 316 30.09 16.63 -4.90
C HIS F 316 29.27 17.18 -6.05
N PRO F 317 27.94 16.99 -6.03
CA PRO F 317 27.08 17.56 -7.06
C PRO F 317 26.80 19.07 -6.93
N PHE F 318 27.10 19.70 -5.79
CA PHE F 318 26.71 21.13 -5.55
C PHE F 318 27.96 21.99 -5.41
N ASP F 319 27.76 23.30 -5.60
CA ASP F 319 28.83 24.31 -5.38
C ASP F 319 29.23 24.34 -3.91
N ARG F 320 30.50 24.62 -3.66
CA ARG F 320 31.10 24.64 -2.31
C ARG F 320 31.97 25.87 -2.20
N GLN F 321 32.24 26.28 -0.96
CA GLN F 321 33.16 27.40 -0.66
C GLN F 321 34.26 26.83 0.21
N ILE F 322 35.50 27.16 -0.10
CA ILE F 322 36.66 26.80 0.74
C ILE F 322 36.99 28.01 1.59
N VAL F 323 36.51 28.03 2.82
CA VAL F 323 36.72 29.16 3.76
C VAL F 323 38.07 28.98 4.43
N VAL F 324 38.99 29.85 4.21
CA VAL F 324 40.34 29.74 4.82
C VAL F 324 40.29 30.64 6.04
N LEU F 325 40.29 30.05 7.22
CA LEU F 325 40.14 30.82 8.46
C LEU F 325 41.37 31.68 8.62
N PRO F 326 41.35 32.79 9.36
CA PRO F 326 42.45 33.75 9.26
C PRO F 326 43.82 33.15 9.54
N LEU F 327 44.84 33.46 8.73
CA LEU F 327 46.21 32.94 8.90
C LEU F 327 47.09 34.11 9.25
N THR F 328 47.49 34.21 10.49
CA THR F 328 48.34 35.35 10.95
C THR F 328 49.80 34.98 10.77
N PHE F 329 50.60 35.84 10.19
CA PHE F 329 52.06 35.64 10.13
C PHE F 329 52.77 36.97 10.30
N ARG F 330 53.96 36.93 10.88
CA ARG F 330 54.72 38.15 11.18
C ARG F 330 56.20 37.80 11.17
N GLY F 331 57.05 38.82 11.14
CA GLY F 331 58.51 38.68 11.27
C GLY F 331 58.96 39.21 12.60
N SER F 332 60.11 39.89 12.65
CA SER F 332 60.60 40.51 13.91
C SER F 332 61.56 41.64 13.57
N LYS F 333 61.82 42.47 14.57
CA LYS F 333 62.81 43.57 14.50
C LYS F 333 63.76 43.43 15.68
N ARG F 334 65.05 43.56 15.41
CA ARG F 334 66.09 43.61 16.47
C ARG F 334 67.01 44.80 16.20
N THR F 335 67.26 45.58 17.25
CA THR F 335 68.14 46.78 17.18
C THR F 335 69.35 46.53 18.07
N VAL F 336 70.52 46.41 17.47
CA VAL F 336 71.80 46.19 18.20
C VAL F 336 72.79 47.26 17.76
N SER F 337 73.34 48.00 18.73
CA SER F 337 74.35 49.07 18.49
C SER F 337 73.79 50.09 17.48
N GLY F 338 72.49 50.37 17.54
CA GLY F 338 71.80 51.33 16.65
C GLY F 338 71.55 50.76 15.25
N ARG F 339 71.86 49.49 15.00
CA ARG F 339 71.59 48.83 13.71
C ARG F 339 70.32 47.99 13.85
N THR F 340 69.33 48.25 13.00
CA THR F 340 68.04 47.52 12.99
C THR F 340 68.08 46.44 11.92
N THR F 341 67.88 45.19 12.31
CA THR F 341 67.84 44.03 11.38
C THR F 341 66.40 43.52 11.29
N TYR F 342 65.90 43.40 10.07
CA TYR F 342 64.53 42.90 9.79
C TYR F 342 64.58 41.41 9.46
N SER F 343 63.84 40.63 10.22
CA SER F 343 63.57 39.20 9.92
C SER F 343 62.24 39.15 9.16
N MET F 344 62.28 39.00 7.85
CA MET F 344 61.05 39.06 7.01
C MET F 344 60.31 37.72 7.04
N CYS F 345 59.00 37.77 6.81
CA CYS F 345 58.13 36.59 6.62
C CYS F 345 57.31 36.80 5.35
N TYR F 346 57.30 35.83 4.46
CA TYR F 346 56.59 35.92 3.16
C TYR F 346 55.65 34.73 3.07
N LEU F 347 54.40 35.00 2.77
CA LEU F 347 53.40 33.96 2.55
C LEU F 347 52.89 34.16 1.14
N LYS F 348 52.90 33.09 0.37
CA LYS F 348 52.41 33.11 -1.01
C LYS F 348 51.39 31.99 -1.11
N VAL F 349 50.20 32.31 -1.57
CA VAL F 349 49.12 31.30 -1.67
C VAL F 349 48.82 31.15 -3.16
N LEU F 350 48.84 29.93 -3.66
CA LEU F 350 48.53 29.62 -5.07
C LEU F 350 47.22 28.83 -5.12
N MET F 351 46.30 29.22 -5.97
CA MET F 351 45.07 28.45 -6.23
C MET F 351 45.21 27.85 -7.62
N ASN F 352 45.49 26.55 -7.70
CA ASN F 352 45.69 25.84 -9.00
C ASN F 352 46.81 26.54 -9.77
N GLY F 353 47.88 26.93 -9.05
CA GLY F 353 49.07 27.58 -9.62
C GLY F 353 48.93 29.09 -9.74
N ALA F 354 47.73 29.67 -9.62
CA ALA F 354 47.51 31.13 -9.75
C ALA F 354 47.70 31.82 -8.40
N VAL F 355 48.51 32.87 -8.35
CA VAL F 355 48.81 33.59 -7.08
C VAL F 355 47.59 34.43 -6.70
N ILE F 356 46.94 34.08 -5.59
CA ILE F 356 45.76 34.84 -5.08
C ILE F 356 46.22 35.67 -3.89
N TYR F 357 47.40 35.40 -3.32
CA TYR F 357 47.89 36.22 -2.19
C TYR F 357 49.41 36.29 -2.22
N ASP F 358 49.96 37.40 -1.73
CA ASP F 358 51.42 37.59 -1.60
C ASP F 358 51.65 38.64 -0.51
N GLY F 359 52.24 38.24 0.60
CA GLY F 359 52.36 39.11 1.77
C GLY F 359 53.76 39.16 2.30
N ALA F 360 54.17 40.30 2.82
CA ALA F 360 55.48 40.51 3.44
C ALA F 360 55.26 41.14 4.81
N ALA F 361 55.72 40.46 5.86
CA ALA F 361 55.52 40.92 7.25
C ALA F 361 56.88 41.14 7.89
N ASN F 362 57.07 42.31 8.49
CA ASN F 362 58.39 42.75 9.02
C ASN F 362 58.38 42.58 10.54
N GLU F 363 57.50 43.30 11.25
CA GLU F 363 57.34 43.13 12.72
C GLU F 363 55.86 43.19 13.08
N ALA F 364 55.05 43.84 12.24
CA ALA F 364 53.59 43.98 12.43
C ALA F 364 52.90 42.89 11.61
N VAL F 365 51.85 42.31 12.17
CA VAL F 365 51.33 41.02 11.63
C VAL F 365 50.57 41.32 10.35
N GLN F 366 50.56 40.35 9.43
CA GLN F 366 49.63 40.34 8.29
C GLN F 366 48.71 39.15 8.48
N VAL F 367 47.48 39.23 8.04
CA VAL F 367 46.49 38.12 8.20
C VAL F 367 45.96 37.77 6.84
N PHE F 368 46.07 36.54 6.39
CA PHE F 368 45.46 36.05 5.14
C PHE F 368 44.16 35.31 5.49
N SER F 369 43.07 35.60 4.81
CA SER F 369 41.82 34.84 4.94
C SER F 369 41.12 34.98 3.60
N ARG F 370 40.32 34.01 3.19
CA ARG F 370 39.70 34.10 1.88
C ARG F 370 38.58 33.09 1.86
N ILE F 371 37.63 33.28 0.98
CA ILE F 371 36.59 32.29 0.69
C ILE F 371 36.75 32.00 -0.78
N VAL F 372 37.41 30.89 -1.10
CA VAL F 372 37.62 30.43 -2.49
C VAL F 372 36.40 29.62 -2.92
N ASP F 373 35.79 29.99 -4.04
CA ASP F 373 34.63 29.26 -4.61
C ASP F 373 35.08 27.93 -5.21
N MET F 374 34.34 26.88 -4.95
CA MET F 374 34.59 25.55 -5.55
C MET F 374 33.33 25.10 -6.27
N PRO F 375 33.24 25.35 -7.60
CA PRO F 375 32.06 24.91 -8.36
C PRO F 375 32.14 23.42 -8.69
N ALA F 376 30.96 22.82 -8.91
CA ALA F 376 30.82 21.37 -9.18
C ALA F 376 31.22 21.09 -10.64
N GLY F 377 32.04 20.06 -10.86
CA GLY F 377 32.42 19.57 -12.20
C GLY F 377 33.65 20.26 -12.79
N ARG F 378 34.25 21.22 -12.10
CA ARG F 378 35.40 21.99 -12.67
C ARG F 378 36.74 21.36 -12.28
N GLY F 379 36.74 20.28 -11.50
CA GLY F 379 37.96 19.56 -11.10
C GLY F 379 38.43 19.91 -9.69
N ASN F 380 39.49 19.25 -9.25
CA ASN F 380 40.08 19.41 -7.90
C ASN F 380 40.63 20.82 -7.74
N VAL F 381 40.49 21.38 -6.54
CA VAL F 381 41.06 22.70 -6.18
C VAL F 381 42.25 22.46 -5.28
N ILE F 382 43.39 23.04 -5.61
CA ILE F 382 44.65 22.83 -4.86
C ILE F 382 45.10 24.19 -4.39
N LEU F 383 45.19 24.37 -3.09
CA LEU F 383 45.62 25.62 -2.45
C LEU F 383 47.00 25.37 -1.88
N THR F 384 47.97 26.17 -2.27
CA THR F 384 49.38 25.96 -1.91
C THR F 384 49.81 27.14 -1.04
N PHE F 385 50.15 26.86 0.20
CA PHE F 385 50.56 27.88 1.18
C PHE F 385 52.08 27.77 1.32
N THR F 386 52.80 28.72 0.76
CA THR F 386 54.28 28.68 0.78
C THR F 386 54.76 29.78 1.69
N LEU F 387 55.47 29.42 2.75
CA LEU F 387 55.95 30.41 3.73
C LEU F 387 57.47 30.38 3.80
N THR F 388 58.12 31.52 3.59
CA THR F 388 59.59 31.62 3.55
C THR F 388 60.01 32.65 4.59
N SER F 389 61.05 32.34 5.35
CA SER F 389 61.57 33.23 6.41
C SER F 389 62.99 33.66 6.04
N THR F 390 63.33 34.92 6.34
CA THR F 390 64.65 35.49 6.03
C THR F 390 65.35 35.80 7.34
N ARG F 391 66.63 35.47 7.43
CA ARG F 391 67.41 35.63 8.68
C ARG F 391 67.62 37.12 8.97
N HIS F 392 67.84 37.45 10.23
CA HIS F 392 68.18 38.83 10.68
C HIS F 392 69.48 39.27 9.98
N SER F 393 70.47 38.39 9.93
CA SER F 393 71.79 38.66 9.31
C SER F 393 72.37 37.36 8.76
N ALA F 394 73.66 37.34 8.43
CA ALA F 394 74.37 36.14 7.95
C ALA F 394 74.52 35.13 9.09
N ASP F 395 74.33 35.54 10.34
CA ASP F 395 74.58 34.70 11.54
C ASP F 395 73.29 34.45 12.30
N ILE F 396 72.49 35.49 12.55
CA ILE F 396 71.31 35.38 13.46
C ILE F 396 70.19 34.67 12.70
N PRO F 397 69.63 33.57 13.25
CA PRO F 397 68.52 32.88 12.61
C PRO F 397 67.28 33.77 12.59
N PRO F 398 66.34 33.57 11.64
CA PRO F 398 65.12 34.38 11.60
C PRO F 398 64.19 34.08 12.78
N TYR F 399 63.48 35.10 13.25
CA TYR F 399 62.44 34.98 14.31
C TYR F 399 61.10 35.36 13.69
N THR F 400 60.46 34.41 13.04
CA THR F 400 59.17 34.65 12.35
C THR F 400 58.11 33.74 12.95
N PHE F 401 56.84 34.12 12.79
CA PHE F 401 55.70 33.36 13.32
C PHE F 401 54.68 33.22 12.18
N ALA F 402 54.01 32.08 12.12
CA ALA F 402 52.92 31.87 11.15
C ALA F 402 51.95 30.84 11.70
N SER F 403 50.68 31.20 11.85
CA SER F 403 49.65 30.36 12.51
C SER F 403 49.31 29.18 11.60
N ASP F 404 48.74 28.12 12.12
CA ASP F 404 48.47 26.90 11.30
C ASP F 404 47.55 27.22 10.15
N VAL F 405 47.54 26.42 9.11
CA VAL F 405 46.57 26.53 8.00
C VAL F 405 45.32 25.83 8.45
N GLN F 406 44.19 26.47 8.45
CA GLN F 406 42.89 25.89 8.87
C GLN F 406 41.91 26.25 7.79
N VAL F 407 41.24 25.28 7.25
CA VAL F 407 40.42 25.41 6.02
C VAL F 407 39.12 24.69 6.32
N MET F 408 38.01 25.20 5.83
CA MET F 408 36.69 24.58 6.06
C MET F 408 35.86 24.72 4.79
N VAL F 409 35.37 23.61 4.25
CA VAL F 409 34.63 23.58 2.96
C VAL F 409 33.14 23.46 3.25
N ILE F 410 32.36 24.39 2.76
CA ILE F 410 30.93 24.55 3.12
C ILE F 410 30.13 24.29 1.85
N LYS F 411 28.86 23.99 2.00
CA LYS F 411 27.89 23.77 0.94
C LYS F 411 27.57 25.01 0.13
N LYS F 412 28.01 26.22 0.43
CA LYS F 412 27.90 27.36 -0.54
C LYS F 412 26.42 27.64 -0.87
N GLN F 413 25.73 28.23 0.08
CA GLN F 413 24.44 28.88 -0.14
C GLN F 413 24.72 30.36 -0.39
N ALA F 414 24.23 30.91 -1.49
CA ALA F 414 24.41 32.35 -1.83
C ALA F 414 23.18 33.18 -1.46
N LEU F 415 22.12 32.57 -0.90
CA LEU F 415 20.80 33.21 -0.64
C LEU F 415 20.94 34.20 0.51
N GLY F 416 19.96 34.33 1.42
CA GLY F 416 19.78 35.54 2.24
C GLY F 416 20.96 35.87 3.12
N ILE F 417 22.18 35.96 2.58
CA ILE F 417 23.37 36.45 3.32
C ILE F 417 23.99 37.49 2.40
N SER F 418 23.55 38.73 2.55
CA SER F 418 24.03 39.84 1.70
C SER F 418 25.30 40.43 2.33
N VAL F 419 26.27 40.79 1.51
CA VAL F 419 27.43 41.62 1.99
C VAL F 419 27.63 42.78 1.02
N VAL F 420 27.94 43.97 1.55
CA VAL F 420 28.12 45.23 0.77
C VAL F 420 26.77 45.61 0.13
#